data_1VB7
#
_entry.id   1VB7
#
_entity_poly.entity_id   1
_entity_poly.type   'polypeptide(L)'
_entity_poly.pdbx_seq_one_letter_code
;GSSGSSGLTVDVAGPAPWGFRISGGRDFHTPIIVTKVTERGKAEAADLRPGDIIVAINGQSAENMLHAEAQSKIRQSASP
LRLQLDRSSGPSSG
;
_entity_poly.pdbx_strand_id   A
#
# COMPACT_ATOMS: atom_id res chain seq x y z
N GLY A 1 17.75 -6.97 -20.81
CA GLY A 1 18.25 -5.77 -20.17
C GLY A 1 17.75 -5.69 -18.72
N SER A 2 18.69 -5.35 -17.83
CA SER A 2 18.36 -5.23 -16.42
C SER A 2 17.66 -3.90 -16.15
N SER A 3 17.16 -3.77 -14.95
CA SER A 3 16.46 -2.55 -14.55
C SER A 3 16.27 -2.52 -13.03
N GLY A 4 16.19 -1.31 -12.50
CA GLY A 4 16.01 -1.13 -11.07
C GLY A 4 14.57 -0.75 -10.74
N SER A 5 14.30 0.54 -10.81
CA SER A 5 12.96 1.04 -10.53
C SER A 5 12.73 1.08 -9.02
N SER A 6 12.78 -0.11 -8.42
CA SER A 6 12.57 -0.23 -6.98
C SER A 6 11.19 0.32 -6.61
N GLY A 7 10.24 -0.59 -6.49
CA GLY A 7 8.88 -0.21 -6.12
C GLY A 7 7.89 -0.68 -7.18
N LEU A 8 6.89 -1.42 -6.71
CA LEU A 8 5.86 -1.94 -7.61
C LEU A 8 4.50 -1.36 -7.20
N THR A 9 3.60 -1.35 -8.17
CA THR A 9 2.26 -0.82 -7.95
C THR A 9 1.24 -1.95 -7.93
N VAL A 10 0.08 -1.65 -7.35
CA VAL A 10 -0.99 -2.63 -7.28
C VAL A 10 -2.32 -1.97 -7.64
N ASP A 11 -3.25 -2.80 -8.09
CA ASP A 11 -4.56 -2.30 -8.48
C ASP A 11 -5.64 -3.05 -7.71
N VAL A 12 -6.00 -2.49 -6.56
CA VAL A 12 -7.02 -3.10 -5.72
C VAL A 12 -8.39 -2.92 -6.36
N ALA A 13 -9.30 -3.81 -6.01
CA ALA A 13 -10.65 -3.76 -6.55
C ALA A 13 -11.54 -2.95 -5.60
N GLY A 14 -12.72 -2.59 -6.10
CA GLY A 14 -13.67 -1.82 -5.32
C GLY A 14 -15.11 -2.16 -5.70
N PRO A 15 -16.06 -1.40 -5.10
CA PRO A 15 -15.69 -0.35 -4.18
C PRO A 15 -15.26 -0.92 -2.82
N ALA A 16 -15.16 -0.04 -1.84
CA ALA A 16 -14.77 -0.45 -0.51
C ALA A 16 -15.81 -1.41 0.06
N PRO A 17 -15.42 -2.12 1.15
CA PRO A 17 -14.07 -1.96 1.70
C PRO A 17 -13.04 -2.66 0.81
N TRP A 18 -11.78 -2.52 1.21
CA TRP A 18 -10.68 -3.12 0.47
C TRP A 18 -10.43 -4.50 1.04
N GLY A 19 -10.27 -4.55 2.36
CA GLY A 19 -10.02 -5.80 3.04
C GLY A 19 -8.57 -5.89 3.54
N PHE A 20 -8.00 -4.72 3.79
CA PHE A 20 -6.63 -4.64 4.27
C PHE A 20 -6.46 -3.50 5.27
N ARG A 21 -5.47 -3.67 6.15
CA ARG A 21 -5.20 -2.67 7.16
C ARG A 21 -3.83 -2.02 6.91
N ILE A 22 -3.55 -0.99 7.68
CA ILE A 22 -2.28 -0.27 7.55
C ILE A 22 -1.81 0.16 8.94
N SER A 23 -0.59 0.68 8.97
CA SER A 23 0.00 1.14 10.22
C SER A 23 0.98 2.28 9.95
N GLY A 24 1.52 2.82 11.03
CA GLY A 24 2.47 3.91 10.93
C GLY A 24 1.81 5.16 10.33
N GLY A 25 2.58 5.86 9.51
CA GLY A 25 2.08 7.07 8.86
C GLY A 25 2.78 8.31 9.42
N ARG A 26 2.66 9.40 8.67
CA ARG A 26 3.28 10.65 9.08
C ARG A 26 3.02 10.92 10.56
N ASP A 27 1.84 10.49 11.01
CA ASP A 27 1.46 10.68 12.39
C ASP A 27 2.47 9.98 13.30
N PHE A 28 2.73 8.72 12.99
CA PHE A 28 3.67 7.94 13.77
C PHE A 28 5.09 8.09 13.21
N HIS A 29 5.22 8.97 12.24
CA HIS A 29 6.51 9.20 11.61
C HIS A 29 7.04 7.89 11.01
N THR A 30 6.11 7.05 10.61
CA THR A 30 6.47 5.77 10.02
C THR A 30 5.77 5.58 8.66
N PRO A 31 6.34 4.65 7.86
CA PRO A 31 5.78 4.36 6.55
C PRO A 31 4.49 3.56 6.66
N ILE A 32 3.56 3.87 5.76
CA ILE A 32 2.28 3.17 5.75
C ILE A 32 2.50 1.71 5.37
N ILE A 33 2.51 0.86 6.38
CA ILE A 33 2.72 -0.56 6.18
C ILE A 33 1.40 -1.30 6.45
N VAL A 34 1.20 -2.37 5.71
CA VAL A 34 0.00 -3.17 5.86
C VAL A 34 0.18 -4.12 7.05
N THR A 35 -0.86 -4.19 7.87
CA THR A 35 -0.84 -5.05 9.04
C THR A 35 -1.51 -6.39 8.73
N LYS A 36 -2.72 -6.30 8.21
CA LYS A 36 -3.49 -7.49 7.86
C LYS A 36 -3.94 -7.40 6.41
N VAL A 37 -4.30 -8.55 5.86
CA VAL A 37 -4.76 -8.61 4.48
C VAL A 37 -5.87 -9.66 4.37
N THR A 38 -7.10 -9.17 4.41
CA THR A 38 -8.25 -10.05 4.31
C THR A 38 -8.10 -11.01 3.13
N GLU A 39 -8.14 -12.30 3.44
CA GLU A 39 -8.00 -13.32 2.42
C GLU A 39 -9.22 -13.32 1.50
N ARG A 40 -9.05 -13.93 0.34
CA ARG A 40 -10.13 -14.01 -0.64
C ARG A 40 -10.89 -12.69 -0.69
N GLY A 41 -10.16 -11.61 -0.45
CA GLY A 41 -10.74 -10.28 -0.47
C GLY A 41 -10.41 -9.56 -1.77
N LYS A 42 -10.36 -8.24 -1.69
CA LYS A 42 -10.05 -7.41 -2.85
C LYS A 42 -8.54 -7.24 -2.97
N ALA A 43 -7.97 -6.67 -1.92
CA ALA A 43 -6.54 -6.44 -1.89
C ALA A 43 -5.81 -7.67 -2.42
N GLU A 44 -5.85 -8.73 -1.63
CA GLU A 44 -5.20 -9.98 -2.01
C GLU A 44 -5.44 -10.26 -3.49
N ALA A 45 -6.67 -10.05 -3.92
CA ALA A 45 -7.04 -10.27 -5.31
C ALA A 45 -6.00 -9.61 -6.22
N ALA A 46 -5.76 -8.33 -5.95
CA ALA A 46 -4.80 -7.57 -6.74
C ALA A 46 -3.40 -8.13 -6.50
N ASP A 47 -2.80 -7.70 -5.39
CA ASP A 47 -1.47 -8.14 -5.04
C ASP A 47 -0.99 -7.38 -3.81
N LEU A 48 -1.91 -7.18 -2.87
CA LEU A 48 -1.59 -6.46 -1.65
C LEU A 48 -1.30 -7.47 -0.53
N ARG A 49 -0.19 -7.24 0.15
CA ARG A 49 0.22 -8.12 1.24
C ARG A 49 0.58 -7.30 2.47
N PRO A 50 0.58 -7.98 3.64
CA PRO A 50 0.93 -7.32 4.90
C PRO A 50 2.42 -7.08 5.00
N GLY A 51 2.77 -5.81 5.23
CA GLY A 51 4.17 -5.44 5.36
C GLY A 51 4.57 -4.48 4.23
N ASP A 52 3.92 -4.65 3.09
CA ASP A 52 4.20 -3.82 1.94
C ASP A 52 4.19 -2.35 2.36
N ILE A 53 5.28 -1.65 2.03
CA ILE A 53 5.39 -0.25 2.37
C ILE A 53 4.76 0.60 1.26
N ILE A 54 3.66 1.24 1.60
CA ILE A 54 2.95 2.08 0.65
C ILE A 54 3.78 3.34 0.37
N VAL A 55 4.31 3.41 -0.83
CA VAL A 55 5.12 4.55 -1.24
C VAL A 55 4.21 5.73 -1.57
N ALA A 56 3.18 5.44 -2.36
CA ALA A 56 2.23 6.47 -2.77
C ALA A 56 0.81 5.90 -2.69
N ILE A 57 -0.16 6.76 -2.98
CA ILE A 57 -1.55 6.35 -2.97
C ILE A 57 -2.24 6.85 -4.24
N ASN A 58 -2.41 5.92 -5.18
CA ASN A 58 -3.05 6.25 -6.43
C ASN A 58 -2.11 7.10 -7.28
N GLY A 59 -0.89 7.25 -6.77
CA GLY A 59 0.11 8.03 -7.47
C GLY A 59 0.54 9.24 -6.63
N GLN A 60 0.03 9.29 -5.41
CA GLN A 60 0.35 10.37 -4.50
C GLN A 60 1.24 9.86 -3.35
N SER A 61 2.44 10.41 -3.30
CA SER A 61 3.38 10.03 -2.26
C SER A 61 2.65 9.81 -0.94
N ALA A 62 3.08 8.78 -0.22
CA ALA A 62 2.47 8.46 1.05
C ALA A 62 3.54 8.55 2.15
N GLU A 63 4.69 9.08 1.77
CA GLU A 63 5.79 9.22 2.71
C GLU A 63 5.37 10.09 3.90
N ASN A 64 4.61 11.13 3.60
CA ASN A 64 4.13 12.02 4.63
C ASN A 64 2.60 11.97 4.68
N MET A 65 2.10 10.80 5.03
CA MET A 65 0.66 10.60 5.13
C MET A 65 0.26 10.11 6.52
N LEU A 66 -0.63 10.87 7.15
CA LEU A 66 -1.09 10.53 8.48
C LEU A 66 -1.95 9.26 8.40
N HIS A 67 -1.93 8.52 9.51
CA HIS A 67 -2.70 7.28 9.57
C HIS A 67 -4.15 7.56 9.19
N ALA A 68 -4.55 8.81 9.34
CA ALA A 68 -5.90 9.22 9.00
C ALA A 68 -5.95 9.71 7.56
N GLU A 69 -4.81 10.20 7.10
CA GLU A 69 -4.70 10.70 5.74
C GLU A 69 -4.79 9.55 4.73
N ALA A 70 -3.86 8.61 4.88
CA ALA A 70 -3.83 7.46 4.01
C ALA A 70 -5.18 6.73 4.07
N GLN A 71 -5.71 6.66 5.28
CA GLN A 71 -6.98 6.00 5.50
C GLN A 71 -8.09 6.68 4.69
N SER A 72 -8.12 8.00 4.79
CA SER A 72 -9.12 8.79 4.09
C SER A 72 -8.88 8.69 2.57
N LYS A 73 -7.72 9.17 2.16
CA LYS A 73 -7.35 9.15 0.76
C LYS A 73 -7.78 7.82 0.14
N ILE A 74 -7.31 6.74 0.76
CA ILE A 74 -7.64 5.41 0.29
C ILE A 74 -9.17 5.26 0.22
N ARG A 75 -9.80 5.37 1.38
CA ARG A 75 -11.24 5.25 1.47
C ARG A 75 -11.91 6.04 0.33
N GLN A 76 -11.39 7.23 0.11
CA GLN A 76 -11.93 8.09 -0.95
C GLN A 76 -11.20 7.82 -2.27
N SER A 77 -10.87 6.55 -2.48
CA SER A 77 -10.18 6.16 -3.70
C SER A 77 -11.07 5.23 -4.53
N ALA A 78 -11.40 5.70 -5.72
CA ALA A 78 -12.25 4.92 -6.62
C ALA A 78 -11.49 3.68 -7.07
N SER A 79 -12.23 2.77 -7.70
CA SER A 79 -11.65 1.53 -8.18
C SER A 79 -11.40 1.63 -9.68
N PRO A 80 -10.25 1.04 -10.12
CA PRO A 80 -9.35 0.38 -9.18
C PRO A 80 -8.57 1.40 -8.36
N LEU A 81 -8.01 0.94 -7.25
CA LEU A 81 -7.24 1.80 -6.37
C LEU A 81 -5.76 1.47 -6.53
N ARG A 82 -5.05 2.38 -7.18
CA ARG A 82 -3.62 2.21 -7.40
C ARG A 82 -2.84 2.51 -6.11
N LEU A 83 -1.92 1.61 -5.80
CA LEU A 83 -1.10 1.77 -4.61
C LEU A 83 0.33 1.33 -4.91
N GLN A 84 1.24 2.28 -4.76
CA GLN A 84 2.64 2.00 -5.03
C GLN A 84 3.32 1.43 -3.77
N LEU A 85 3.74 0.18 -3.88
CA LEU A 85 4.40 -0.50 -2.78
C LEU A 85 5.90 -0.49 -3.01
N ASP A 86 6.64 -0.32 -1.92
CA ASP A 86 8.10 -0.29 -1.99
C ASP A 86 8.64 -1.67 -1.62
N ARG A 87 9.01 -2.43 -2.64
CA ARG A 87 9.55 -3.77 -2.43
C ARG A 87 11.05 -3.78 -2.74
N SER A 88 11.84 -3.82 -1.67
CA SER A 88 13.28 -3.85 -1.81
C SER A 88 13.88 -4.97 -0.96
N SER A 89 13.78 -6.18 -1.48
CA SER A 89 14.30 -7.34 -0.77
C SER A 89 15.52 -7.91 -1.51
N GLY A 90 16.38 -8.56 -0.75
CA GLY A 90 17.58 -9.15 -1.32
C GLY A 90 17.65 -10.66 -1.02
N PRO A 91 18.40 -11.38 -1.88
CA PRO A 91 18.56 -12.82 -1.71
C PRO A 91 19.51 -13.13 -0.55
N SER A 92 19.20 -14.22 0.14
CA SER A 92 20.00 -14.65 1.27
C SER A 92 19.96 -16.17 1.40
N SER A 93 20.99 -16.71 2.02
CA SER A 93 21.09 -18.15 2.22
C SER A 93 22.02 -18.46 3.39
N GLY A 94 21.68 -19.50 4.12
CA GLY A 94 22.48 -19.92 5.27
C GLY A 94 21.64 -20.71 6.27
N GLY A 1 20.84 4.23 -20.15
CA GLY A 1 21.13 3.87 -18.77
C GLY A 1 20.18 4.56 -17.80
N SER A 2 19.02 3.95 -17.61
CA SER A 2 18.02 4.49 -16.72
C SER A 2 17.69 3.48 -15.61
N SER A 3 17.95 3.89 -14.38
CA SER A 3 17.68 3.04 -13.24
C SER A 3 17.01 3.84 -12.13
N GLY A 4 15.97 3.25 -11.56
CA GLY A 4 15.23 3.90 -10.48
C GLY A 4 15.06 2.97 -9.29
N SER A 5 14.84 3.57 -8.13
CA SER A 5 14.66 2.80 -6.91
C SER A 5 13.57 1.75 -7.11
N SER A 6 13.59 0.76 -6.24
CA SER A 6 12.61 -0.31 -6.30
C SER A 6 11.24 0.20 -5.85
N GLY A 7 10.20 -0.41 -6.41
CA GLY A 7 8.84 -0.02 -6.07
C GLY A 7 7.86 -0.48 -7.15
N LEU A 8 6.88 -1.27 -6.72
CA LEU A 8 5.87 -1.78 -7.63
C LEU A 8 4.51 -1.23 -7.23
N THR A 9 3.61 -1.20 -8.21
CA THR A 9 2.26 -0.70 -7.97
C THR A 9 1.26 -1.86 -7.96
N VAL A 10 0.10 -1.59 -7.39
CA VAL A 10 -0.95 -2.60 -7.30
C VAL A 10 -2.29 -1.95 -7.63
N ASP A 11 -3.18 -2.77 -8.20
CA ASP A 11 -4.50 -2.30 -8.58
C ASP A 11 -5.55 -3.06 -7.77
N VAL A 12 -5.88 -2.51 -6.61
CA VAL A 12 -6.87 -3.11 -5.74
C VAL A 12 -8.24 -3.05 -6.41
N ALA A 13 -9.06 -4.03 -6.09
CA ALA A 13 -10.40 -4.10 -6.65
C ALA A 13 -11.37 -3.36 -5.73
N GLY A 14 -12.55 -3.07 -6.28
CA GLY A 14 -13.57 -2.37 -5.51
C GLY A 14 -14.98 -2.81 -5.95
N PRO A 15 -15.99 -2.04 -5.47
CA PRO A 15 -15.72 -0.90 -4.61
C PRO A 15 -15.35 -1.36 -3.20
N ALA A 16 -15.37 -0.40 -2.28
CA ALA A 16 -15.04 -0.69 -0.89
C ALA A 16 -16.11 -1.61 -0.30
N PRO A 17 -15.76 -2.22 0.87
CA PRO A 17 -14.47 -1.99 1.47
C PRO A 17 -13.36 -2.74 0.71
N TRP A 18 -12.13 -2.49 1.11
CA TRP A 18 -10.99 -3.13 0.49
C TRP A 18 -10.74 -4.46 1.19
N GLY A 19 -10.41 -4.37 2.47
CA GLY A 19 -10.15 -5.56 3.26
C GLY A 19 -8.68 -5.63 3.68
N PHE A 20 -8.11 -4.46 3.95
CA PHE A 20 -6.73 -4.38 4.35
C PHE A 20 -6.51 -3.26 5.38
N ARG A 21 -5.51 -3.46 6.22
CA ARG A 21 -5.19 -2.48 7.24
C ARG A 21 -3.82 -1.86 6.98
N ILE A 22 -3.51 -0.82 7.76
CA ILE A 22 -2.24 -0.15 7.63
C ILE A 22 -1.74 0.27 9.01
N SER A 23 -0.49 0.71 9.04
CA SER A 23 0.13 1.13 10.29
C SER A 23 1.10 2.29 10.03
N GLY A 24 1.69 2.78 11.11
CA GLY A 24 2.63 3.88 11.02
C GLY A 24 1.96 5.12 10.43
N GLY A 25 2.71 5.81 9.59
CA GLY A 25 2.20 7.02 8.95
C GLY A 25 2.93 8.26 9.47
N ARG A 26 2.86 9.32 8.68
CA ARG A 26 3.51 10.57 9.05
C ARG A 26 3.28 10.87 10.52
N ASP A 27 2.08 10.57 10.98
CA ASP A 27 1.72 10.81 12.37
C ASP A 27 2.74 10.12 13.27
N PHE A 28 2.91 8.82 13.04
CA PHE A 28 3.84 8.04 13.82
C PHE A 28 5.26 8.16 13.26
N HIS A 29 5.41 9.03 12.28
CA HIS A 29 6.70 9.25 11.66
C HIS A 29 7.22 7.94 11.07
N THR A 30 6.26 7.11 10.63
CA THR A 30 6.60 5.82 10.04
C THR A 30 5.90 5.65 8.70
N PRO A 31 6.45 4.72 7.88
CA PRO A 31 5.89 4.45 6.56
C PRO A 31 4.61 3.64 6.68
N ILE A 32 3.66 3.94 5.79
CA ILE A 32 2.39 3.25 5.79
C ILE A 32 2.61 1.78 5.39
N ILE A 33 2.51 0.91 6.38
CA ILE A 33 2.70 -0.51 6.15
C ILE A 33 1.39 -1.25 6.45
N VAL A 34 1.15 -2.29 5.66
CA VAL A 34 -0.06 -3.09 5.84
C VAL A 34 0.15 -4.07 6.99
N THR A 35 -0.87 -4.17 7.84
CA THR A 35 -0.82 -5.06 8.98
C THR A 35 -1.56 -6.36 8.68
N LYS A 36 -2.77 -6.20 8.15
CA LYS A 36 -3.60 -7.35 7.82
C LYS A 36 -4.02 -7.26 6.35
N VAL A 37 -4.36 -8.41 5.80
CA VAL A 37 -4.78 -8.48 4.40
C VAL A 37 -5.91 -9.49 4.27
N THR A 38 -7.13 -8.97 4.14
CA THR A 38 -8.30 -9.82 4.00
C THR A 38 -8.06 -10.88 2.93
N GLU A 39 -8.49 -12.09 3.22
CA GLU A 39 -8.33 -13.19 2.30
C GLU A 39 -9.50 -13.23 1.31
N ARG A 40 -9.17 -13.55 0.06
CA ARG A 40 -10.19 -13.62 -0.98
C ARG A 40 -10.89 -12.26 -1.13
N GLY A 41 -10.14 -11.21 -0.82
CA GLY A 41 -10.67 -9.86 -0.93
C GLY A 41 -10.09 -9.13 -2.14
N LYS A 42 -10.38 -7.84 -2.21
CA LYS A 42 -9.90 -7.03 -3.31
C LYS A 42 -8.38 -6.83 -3.16
N ALA A 43 -7.97 -6.50 -1.95
CA ALA A 43 -6.57 -6.28 -1.66
C ALA A 43 -5.77 -7.53 -2.06
N GLU A 44 -6.16 -8.65 -1.49
CA GLU A 44 -5.50 -9.92 -1.78
C GLU A 44 -5.68 -10.28 -3.25
N ALA A 45 -6.89 -10.08 -3.74
CA ALA A 45 -7.20 -10.39 -5.12
C ALA A 45 -6.11 -9.81 -6.02
N ALA A 46 -5.81 -8.54 -5.78
CA ALA A 46 -4.79 -7.86 -6.57
C ALA A 46 -3.42 -8.47 -6.26
N ASP A 47 -2.73 -7.84 -5.31
CA ASP A 47 -1.42 -8.32 -4.91
C ASP A 47 -0.95 -7.54 -3.69
N LEU A 48 -1.91 -7.19 -2.84
CA LEU A 48 -1.61 -6.45 -1.63
C LEU A 48 -1.33 -7.42 -0.48
N ARG A 49 -0.17 -7.24 0.13
CA ARG A 49 0.23 -8.09 1.24
C ARG A 49 0.58 -7.25 2.46
N PRO A 50 0.53 -7.91 3.66
CA PRO A 50 0.83 -7.23 4.90
C PRO A 50 2.34 -7.01 5.05
N GLY A 51 2.72 -5.75 5.20
CA GLY A 51 4.12 -5.40 5.35
C GLY A 51 4.60 -4.52 4.20
N ASP A 52 3.81 -4.53 3.13
CA ASP A 52 4.13 -3.72 1.96
C ASP A 52 4.14 -2.24 2.34
N ILE A 53 5.26 -1.60 2.08
CA ILE A 53 5.41 -0.18 2.39
C ILE A 53 4.76 0.65 1.28
N ILE A 54 3.66 1.31 1.63
CA ILE A 54 2.95 2.14 0.68
C ILE A 54 3.77 3.40 0.39
N VAL A 55 4.27 3.46 -0.84
CA VAL A 55 5.08 4.60 -1.25
C VAL A 55 4.16 5.77 -1.59
N ALA A 56 3.12 5.47 -2.37
CA ALA A 56 2.17 6.49 -2.77
C ALA A 56 0.76 5.89 -2.74
N ILE A 57 -0.22 6.76 -2.96
CA ILE A 57 -1.60 6.33 -2.95
C ILE A 57 -2.30 6.87 -4.20
N ASN A 58 -2.48 5.99 -5.17
CA ASN A 58 -3.13 6.36 -6.42
C ASN A 58 -2.19 7.26 -7.23
N GLY A 59 -0.96 7.37 -6.74
CA GLY A 59 0.03 8.18 -7.41
C GLY A 59 0.47 9.35 -6.52
N GLN A 60 -0.10 9.40 -5.33
CA GLN A 60 0.21 10.45 -4.39
C GLN A 60 1.12 9.92 -3.28
N SER A 61 2.31 10.49 -3.21
CA SER A 61 3.28 10.09 -2.21
C SER A 61 2.58 9.81 -0.87
N ALA A 62 3.07 8.79 -0.19
CA ALA A 62 2.49 8.41 1.09
C ALA A 62 3.58 8.45 2.16
N GLU A 63 4.77 8.87 1.75
CA GLU A 63 5.89 8.95 2.65
C GLU A 63 5.55 9.85 3.85
N ASN A 64 4.75 10.88 3.56
CA ASN A 64 4.34 11.81 4.59
C ASN A 64 2.82 11.83 4.68
N MET A 65 2.26 10.68 5.03
CA MET A 65 0.81 10.56 5.14
C MET A 65 0.41 10.13 6.55
N LEU A 66 -0.53 10.85 7.12
CA LEU A 66 -1.02 10.56 8.46
C LEU A 66 -1.86 9.28 8.42
N HIS A 67 -1.83 8.56 9.53
CA HIS A 67 -2.59 7.32 9.64
C HIS A 67 -4.05 7.58 9.29
N ALA A 68 -4.44 8.84 9.40
CA ALA A 68 -5.81 9.23 9.10
C ALA A 68 -5.90 9.69 7.64
N GLU A 69 -4.76 10.12 7.12
CA GLU A 69 -4.69 10.57 5.74
C GLU A 69 -4.82 9.40 4.78
N ALA A 70 -3.87 8.48 4.88
CA ALA A 70 -3.86 7.30 4.03
C ALA A 70 -5.22 6.60 4.14
N GLN A 71 -5.77 6.63 5.33
CA GLN A 71 -7.06 6.00 5.58
C GLN A 71 -8.14 6.69 4.77
N SER A 72 -8.13 8.01 4.80
CA SER A 72 -9.12 8.79 4.07
C SER A 72 -8.90 8.63 2.56
N LYS A 73 -7.74 9.08 2.12
CA LYS A 73 -7.38 8.99 0.70
C LYS A 73 -7.84 7.63 0.16
N ILE A 74 -7.33 6.58 0.78
CA ILE A 74 -7.68 5.23 0.37
C ILE A 74 -9.20 5.11 0.25
N ARG A 75 -9.86 5.23 1.40
CA ARG A 75 -11.32 5.14 1.44
C ARG A 75 -11.93 5.90 0.25
N GLN A 76 -11.61 7.18 0.18
CA GLN A 76 -12.11 8.02 -0.89
C GLN A 76 -11.71 7.45 -2.25
N SER A 77 -10.56 6.78 -2.26
CA SER A 77 -10.05 6.18 -3.49
C SER A 77 -11.12 5.28 -4.10
N ALA A 78 -11.17 5.31 -5.44
CA ALA A 78 -12.14 4.51 -6.16
C ALA A 78 -11.46 3.23 -6.66
N SER A 79 -12.18 2.50 -7.49
CA SER A 79 -11.65 1.26 -8.04
C SER A 79 -11.43 1.40 -9.55
N PRO A 80 -10.27 0.88 -10.02
CA PRO A 80 -9.34 0.23 -9.11
C PRO A 80 -8.57 1.25 -8.27
N LEU A 81 -8.00 0.77 -7.18
CA LEU A 81 -7.24 1.62 -6.29
C LEU A 81 -5.75 1.37 -6.48
N ARG A 82 -5.08 2.31 -7.13
CA ARG A 82 -3.66 2.19 -7.38
C ARG A 82 -2.87 2.55 -6.12
N LEU A 83 -1.97 1.65 -5.76
CA LEU A 83 -1.14 1.84 -4.58
C LEU A 83 0.30 1.40 -4.89
N GLN A 84 1.21 2.34 -4.75
CA GLN A 84 2.62 2.06 -5.00
C GLN A 84 3.28 1.47 -3.76
N LEU A 85 3.74 0.24 -3.89
CA LEU A 85 4.39 -0.44 -2.78
C LEU A 85 5.91 -0.44 -3.03
N ASP A 86 6.64 -0.29 -1.93
CA ASP A 86 8.10 -0.28 -2.00
C ASP A 86 8.63 -1.66 -1.63
N ARG A 87 8.99 -2.43 -2.65
CA ARG A 87 9.52 -3.77 -2.44
C ARG A 87 11.01 -3.80 -2.75
N SER A 88 11.81 -3.79 -1.69
CA SER A 88 13.26 -3.83 -1.84
C SER A 88 13.84 -4.95 -0.97
N SER A 89 13.89 -6.14 -1.56
CA SER A 89 14.43 -7.29 -0.86
C SER A 89 15.35 -8.08 -1.79
N GLY A 90 16.30 -8.77 -1.18
CA GLY A 90 17.25 -9.57 -1.93
C GLY A 90 17.59 -10.87 -1.19
N PRO A 91 18.08 -11.86 -1.97
CA PRO A 91 18.44 -13.15 -1.40
C PRO A 91 19.76 -13.06 -0.64
N SER A 92 19.68 -13.22 0.66
CA SER A 92 20.86 -13.15 1.51
C SER A 92 21.05 -14.49 2.23
N SER A 93 22.30 -14.73 2.60
CA SER A 93 22.65 -15.97 3.30
C SER A 93 21.55 -16.33 4.30
N GLY A 94 21.09 -17.56 4.20
CA GLY A 94 20.04 -18.05 5.09
C GLY A 94 18.72 -18.23 4.34
N GLY A 1 20.60 -7.76 -14.59
CA GLY A 1 20.77 -8.17 -15.98
C GLY A 1 19.75 -7.46 -16.88
N SER A 2 18.49 -7.80 -16.69
CA SER A 2 17.43 -7.20 -17.47
C SER A 2 16.42 -6.51 -16.55
N SER A 3 15.86 -7.28 -15.64
CA SER A 3 14.90 -6.75 -14.70
C SER A 3 15.62 -6.14 -13.50
N GLY A 4 14.91 -5.24 -12.82
CA GLY A 4 15.46 -4.58 -11.65
C GLY A 4 14.47 -4.59 -10.48
N SER A 5 14.87 -3.91 -9.41
CA SER A 5 14.04 -3.84 -8.23
C SER A 5 13.67 -2.39 -7.93
N SER A 6 12.39 -2.18 -7.64
CA SER A 6 11.90 -0.84 -7.34
C SER A 6 10.44 -0.90 -6.90
N GLY A 7 10.00 0.15 -6.23
CA GLY A 7 8.63 0.23 -5.76
C GLY A 7 7.66 -0.28 -6.82
N LEU A 8 6.80 -1.19 -6.40
CA LEU A 8 5.81 -1.76 -7.29
C LEU A 8 4.43 -1.20 -6.95
N THR A 9 3.54 -1.25 -7.93
CA THR A 9 2.19 -0.75 -7.74
C THR A 9 1.18 -1.91 -7.83
N VAL A 10 0.03 -1.68 -7.21
CA VAL A 10 -1.02 -2.69 -7.20
C VAL A 10 -2.34 -2.05 -7.64
N ASP A 11 -3.23 -2.89 -8.16
CA ASP A 11 -4.52 -2.42 -8.61
C ASP A 11 -5.63 -3.21 -7.90
N VAL A 12 -6.22 -2.57 -6.91
CA VAL A 12 -7.29 -3.20 -6.15
C VAL A 12 -8.63 -2.87 -6.80
N ALA A 13 -9.23 -3.90 -7.39
CA ALA A 13 -10.52 -3.74 -8.05
C ALA A 13 -11.62 -3.59 -7.00
N GLY A 14 -12.14 -2.37 -6.91
CA GLY A 14 -13.18 -2.08 -5.95
C GLY A 14 -14.42 -2.95 -6.19
N PRO A 15 -15.56 -2.51 -5.61
CA PRO A 15 -15.58 -1.30 -4.82
C PRO A 15 -14.93 -1.54 -3.45
N ALA A 16 -15.22 -0.64 -2.53
CA ALA A 16 -14.67 -0.73 -1.18
C ALA A 16 -15.70 -1.41 -0.27
N PRO A 17 -15.22 -1.83 0.93
CA PRO A 17 -13.82 -1.63 1.28
C PRO A 17 -12.91 -2.61 0.53
N TRP A 18 -11.61 -2.45 0.73
CA TRP A 18 -10.64 -3.31 0.07
C TRP A 18 -10.50 -4.57 0.92
N GLY A 19 -10.18 -4.36 2.19
CA GLY A 19 -10.01 -5.47 3.11
C GLY A 19 -8.56 -5.56 3.61
N PHE A 20 -7.97 -4.39 3.79
CA PHE A 20 -6.59 -4.32 4.25
C PHE A 20 -6.39 -3.11 5.17
N ARG A 21 -5.51 -3.28 6.15
CA ARG A 21 -5.21 -2.23 7.09
C ARG A 21 -3.81 -1.67 6.84
N ILE A 22 -3.42 -0.73 7.69
CA ILE A 22 -2.12 -0.11 7.57
C ILE A 22 -1.60 0.27 8.97
N SER A 23 -0.33 0.59 9.03
CA SER A 23 0.29 0.98 10.29
C SER A 23 1.21 2.18 10.09
N GLY A 24 1.81 2.63 11.18
CA GLY A 24 2.70 3.76 11.13
C GLY A 24 2.03 4.97 10.49
N GLY A 25 2.76 5.59 9.56
CA GLY A 25 2.24 6.76 8.86
C GLY A 25 3.05 8.01 9.21
N ARG A 26 2.63 9.12 8.64
CA ARG A 26 3.31 10.39 8.86
C ARG A 26 3.12 10.83 10.32
N ASP A 27 1.94 10.54 10.85
CA ASP A 27 1.63 10.89 12.22
C ASP A 27 2.56 10.13 13.16
N PHE A 28 2.79 8.87 12.83
CA PHE A 28 3.65 8.03 13.63
C PHE A 28 5.11 8.15 13.19
N HIS A 29 5.33 9.04 12.24
CA HIS A 29 6.67 9.27 11.72
C HIS A 29 7.22 7.95 11.16
N THR A 30 6.32 7.15 10.60
CA THR A 30 6.71 5.89 10.03
C THR A 30 6.03 5.68 8.67
N PRO A 31 6.59 4.74 7.87
CA PRO A 31 6.05 4.44 6.55
C PRO A 31 4.76 3.63 6.67
N ILE A 32 3.83 3.94 5.78
CA ILE A 32 2.55 3.25 5.76
C ILE A 32 2.77 1.79 5.36
N ILE A 33 2.62 0.91 6.34
CA ILE A 33 2.80 -0.51 6.11
C ILE A 33 1.49 -1.24 6.40
N VAL A 34 1.24 -2.29 5.62
CA VAL A 34 0.03 -3.07 5.79
C VAL A 34 0.20 -4.02 6.97
N THR A 35 -0.86 -4.17 7.74
CA THR A 35 -0.84 -5.05 8.89
C THR A 35 -1.64 -6.32 8.61
N LYS A 36 -2.86 -6.13 8.12
CA LYS A 36 -3.72 -7.25 7.81
C LYS A 36 -4.12 -7.18 6.33
N VAL A 37 -4.46 -8.34 5.78
CA VAL A 37 -4.87 -8.42 4.40
C VAL A 37 -5.98 -9.47 4.25
N THR A 38 -7.21 -8.97 4.20
CA THR A 38 -8.36 -9.85 4.06
C THR A 38 -8.12 -10.88 2.94
N GLU A 39 -8.42 -12.13 3.26
CA GLU A 39 -8.26 -13.20 2.30
C GLU A 39 -9.45 -13.25 1.34
N ARG A 40 -9.20 -13.79 0.16
CA ARG A 40 -10.23 -13.92 -0.84
C ARG A 40 -11.07 -12.63 -0.90
N GLY A 41 -10.42 -11.53 -0.56
CA GLY A 41 -11.09 -10.24 -0.56
C GLY A 41 -10.75 -9.45 -1.83
N LYS A 42 -10.70 -8.14 -1.67
CA LYS A 42 -10.39 -7.26 -2.79
C LYS A 42 -8.87 -7.13 -2.92
N ALA A 43 -8.26 -6.70 -1.82
CA ALA A 43 -6.81 -6.51 -1.80
C ALA A 43 -6.13 -7.80 -2.30
N GLU A 44 -6.21 -8.83 -1.47
CA GLU A 44 -5.61 -10.10 -1.81
C GLU A 44 -5.82 -10.41 -3.30
N ALA A 45 -7.04 -10.16 -3.76
CA ALA A 45 -7.37 -10.40 -5.15
C ALA A 45 -6.22 -9.92 -6.04
N ALA A 46 -5.78 -8.70 -5.77
CA ALA A 46 -4.70 -8.10 -6.53
C ALA A 46 -3.38 -8.77 -6.13
N ASP A 47 -2.70 -8.15 -5.18
CA ASP A 47 -1.42 -8.67 -4.72
C ASP A 47 -0.96 -7.85 -3.50
N LEU A 48 -1.93 -7.44 -2.70
CA LEU A 48 -1.64 -6.65 -1.52
C LEU A 48 -1.34 -7.59 -0.35
N ARG A 49 -0.19 -7.37 0.27
CA ARG A 49 0.22 -8.19 1.40
C ARG A 49 0.58 -7.31 2.60
N PRO A 50 0.50 -7.91 3.81
CA PRO A 50 0.81 -7.20 5.04
C PRO A 50 2.32 -7.01 5.18
N GLY A 51 2.73 -5.76 5.31
CA GLY A 51 4.13 -5.43 5.47
C GLY A 51 4.61 -4.50 4.35
N ASP A 52 3.91 -4.58 3.22
CA ASP A 52 4.25 -3.75 2.07
C ASP A 52 4.24 -2.28 2.49
N ILE A 53 5.33 -1.60 2.17
CA ILE A 53 5.46 -0.19 2.50
C ILE A 53 4.78 0.65 1.40
N ILE A 54 3.71 1.33 1.80
CA ILE A 54 2.98 2.17 0.87
C ILE A 54 3.78 3.45 0.61
N VAL A 55 4.21 3.60 -0.64
CA VAL A 55 4.97 4.76 -1.04
C VAL A 55 4.02 5.89 -1.41
N ALA A 56 3.01 5.54 -2.20
CA ALA A 56 2.02 6.51 -2.63
C ALA A 56 0.62 5.90 -2.51
N ILE A 57 -0.37 6.72 -2.79
CA ILE A 57 -1.75 6.28 -2.72
C ILE A 57 -2.52 6.78 -3.95
N ASN A 58 -2.71 5.87 -4.90
CA ASN A 58 -3.40 6.20 -6.12
C ASN A 58 -2.45 6.94 -7.06
N GLY A 59 -1.23 7.12 -6.60
CA GLY A 59 -0.23 7.81 -7.38
C GLY A 59 0.36 9.00 -6.62
N GLN A 60 -0.28 9.31 -5.50
CA GLN A 60 0.15 10.42 -4.67
C GLN A 60 1.04 9.92 -3.54
N SER A 61 2.20 10.54 -3.41
CA SER A 61 3.16 10.17 -2.38
C SER A 61 2.44 9.96 -1.05
N ALA A 62 3.00 9.08 -0.24
CA ALA A 62 2.42 8.78 1.05
C ALA A 62 3.51 8.84 2.13
N GLU A 63 4.65 9.40 1.73
CA GLU A 63 5.76 9.53 2.64
C GLU A 63 5.38 10.39 3.84
N ASN A 64 4.60 11.43 3.57
CA ASN A 64 4.14 12.33 4.62
C ASN A 64 2.62 12.22 4.75
N MET A 65 2.15 10.99 4.77
CA MET A 65 0.72 10.74 4.89
C MET A 65 0.37 10.26 6.30
N LEU A 66 -0.53 11.00 6.94
CA LEU A 66 -0.96 10.65 8.29
C LEU A 66 -1.73 9.33 8.25
N HIS A 67 -1.68 8.63 9.37
CA HIS A 67 -2.36 7.34 9.48
C HIS A 67 -3.83 7.52 9.11
N ALA A 68 -4.30 8.76 9.22
CA ALA A 68 -5.67 9.07 8.89
C ALA A 68 -5.76 9.52 7.42
N GLU A 69 -4.65 10.04 6.93
CA GLU A 69 -4.59 10.51 5.56
C GLU A 69 -4.66 9.33 4.59
N ALA A 70 -3.72 8.41 4.77
CA ALA A 70 -3.66 7.23 3.92
C ALA A 70 -4.93 6.40 4.11
N GLN A 71 -5.47 6.47 5.32
CA GLN A 71 -6.68 5.74 5.64
C GLN A 71 -7.90 6.39 4.97
N SER A 72 -7.87 7.72 4.95
CA SER A 72 -8.96 8.47 4.34
C SER A 72 -8.80 8.47 2.82
N LYS A 73 -7.57 8.66 2.38
CA LYS A 73 -7.27 8.68 0.95
C LYS A 73 -7.68 7.33 0.33
N ILE A 74 -7.13 6.26 0.89
CA ILE A 74 -7.42 4.94 0.41
C ILE A 74 -8.94 4.76 0.31
N ARG A 75 -9.60 5.04 1.42
CA ARG A 75 -11.05 4.90 1.47
C ARG A 75 -11.69 5.74 0.37
N GLN A 76 -11.32 7.01 0.32
CA GLN A 76 -11.85 7.92 -0.67
C GLN A 76 -11.35 7.53 -2.06
N SER A 77 -10.36 6.65 -2.08
CA SER A 77 -9.78 6.19 -3.33
C SER A 77 -10.84 5.42 -4.14
N ALA A 78 -11.12 5.94 -5.32
CA ALA A 78 -12.09 5.31 -6.20
C ALA A 78 -11.49 4.04 -6.79
N SER A 79 -12.33 3.27 -7.46
CA SER A 79 -11.91 2.03 -8.07
C SER A 79 -11.62 2.25 -9.57
N PRO A 80 -10.52 1.63 -10.04
CA PRO A 80 -9.69 0.81 -9.17
C PRO A 80 -8.84 1.68 -8.25
N LEU A 81 -8.35 1.06 -7.19
CA LEU A 81 -7.52 1.76 -6.21
C LEU A 81 -6.07 1.32 -6.39
N ARG A 82 -5.26 2.27 -6.82
CA ARG A 82 -3.84 1.99 -7.02
C ARG A 82 -3.04 2.35 -5.77
N LEU A 83 -2.05 1.52 -5.47
CA LEU A 83 -1.22 1.74 -4.30
C LEU A 83 0.23 1.37 -4.64
N GLN A 84 1.09 2.36 -4.53
CA GLN A 84 2.51 2.16 -4.83
C GLN A 84 3.23 1.63 -3.59
N LEU A 85 3.62 0.36 -3.67
CA LEU A 85 4.32 -0.27 -2.57
C LEU A 85 5.83 -0.23 -2.85
N ASP A 86 6.59 -0.14 -1.76
CA ASP A 86 8.03 -0.09 -1.86
C ASP A 86 8.62 -1.46 -1.51
N ARG A 87 8.98 -2.20 -2.54
CA ARG A 87 9.54 -3.53 -2.35
C ARG A 87 11.01 -3.54 -2.79
N SER A 88 11.89 -3.50 -1.80
CA SER A 88 13.32 -3.50 -2.07
C SER A 88 14.01 -4.55 -1.20
N SER A 89 14.02 -5.78 -1.68
CA SER A 89 14.63 -6.87 -0.95
C SER A 89 13.94 -7.07 0.39
N GLY A 90 13.47 -8.30 0.61
CA GLY A 90 12.79 -8.63 1.84
C GLY A 90 12.91 -10.13 2.15
N PRO A 91 12.38 -10.51 3.34
CA PRO A 91 12.42 -11.90 3.77
C PRO A 91 11.40 -12.74 2.99
N SER A 92 11.74 -14.01 2.82
CA SER A 92 10.87 -14.93 2.10
C SER A 92 11.46 -16.34 2.14
N SER A 93 10.62 -17.30 1.79
CA SER A 93 11.03 -18.69 1.77
C SER A 93 12.06 -18.92 0.67
N GLY A 94 12.79 -20.01 0.79
CA GLY A 94 13.81 -20.36 -0.19
C GLY A 94 13.18 -20.69 -1.54
N GLY A 1 11.20 12.49 -8.70
CA GLY A 1 9.85 11.98 -8.62
C GLY A 1 9.82 10.61 -7.92
N SER A 2 9.29 9.63 -8.62
CA SER A 2 9.20 8.28 -8.09
C SER A 2 10.51 7.53 -8.35
N SER A 3 11.08 7.01 -7.27
CA SER A 3 12.32 6.27 -7.37
C SER A 3 12.12 5.00 -8.19
N GLY A 4 12.40 5.11 -9.48
CA GLY A 4 12.26 3.98 -10.38
C GLY A 4 13.41 2.98 -10.20
N SER A 5 13.47 2.41 -9.02
CA SER A 5 14.51 1.44 -8.72
C SER A 5 13.90 0.23 -7.99
N SER A 6 13.28 0.52 -6.86
CA SER A 6 12.64 -0.52 -6.07
C SER A 6 11.27 -0.06 -5.58
N GLY A 7 10.25 -0.62 -6.21
CA GLY A 7 8.88 -0.27 -5.85
C GLY A 7 7.90 -0.74 -6.93
N LEU A 8 6.93 -1.53 -6.49
CA LEU A 8 5.92 -2.06 -7.40
C LEU A 8 4.56 -1.45 -7.05
N THR A 9 3.68 -1.44 -8.04
CA THR A 9 2.35 -0.90 -7.86
C THR A 9 1.31 -2.03 -7.84
N VAL A 10 0.15 -1.72 -7.27
CA VAL A 10 -0.92 -2.70 -7.19
C VAL A 10 -2.22 -2.06 -7.69
N ASP A 11 -3.06 -2.90 -8.29
CA ASP A 11 -4.33 -2.43 -8.82
C ASP A 11 -5.47 -3.20 -8.14
N VAL A 12 -5.92 -2.66 -7.02
CA VAL A 12 -7.00 -3.27 -6.27
C VAL A 12 -8.29 -3.21 -7.09
N ALA A 13 -9.12 -4.23 -6.91
CA ALA A 13 -10.37 -4.30 -7.63
C ALA A 13 -11.53 -4.15 -6.64
N GLY A 14 -12.03 -2.93 -6.52
CA GLY A 14 -13.13 -2.63 -5.62
C GLY A 14 -14.34 -3.51 -5.94
N PRO A 15 -15.52 -3.05 -5.46
CA PRO A 15 -15.58 -1.81 -4.69
C PRO A 15 -15.04 -2.02 -3.28
N ALA A 16 -15.40 -1.08 -2.40
CA ALA A 16 -14.95 -1.14 -1.02
C ALA A 16 -15.96 -1.96 -0.21
N PRO A 17 -15.50 -2.37 1.01
CA PRO A 17 -14.16 -2.05 1.46
C PRO A 17 -13.12 -2.91 0.73
N TRP A 18 -11.86 -2.63 1.02
CA TRP A 18 -10.76 -3.35 0.41
C TRP A 18 -10.54 -4.64 1.22
N GLY A 19 -10.39 -4.45 2.53
CA GLY A 19 -10.17 -5.57 3.43
C GLY A 19 -8.72 -5.64 3.88
N PHE A 20 -8.10 -4.46 3.95
CA PHE A 20 -6.71 -4.37 4.37
C PHE A 20 -6.50 -3.19 5.32
N ARG A 21 -5.56 -3.37 6.23
CA ARG A 21 -5.25 -2.33 7.20
C ARG A 21 -3.85 -1.76 6.95
N ILE A 22 -3.51 -0.74 7.73
CA ILE A 22 -2.21 -0.11 7.59
C ILE A 22 -1.71 0.31 8.98
N SER A 23 -0.46 0.73 9.02
CA SER A 23 0.15 1.15 10.28
C SER A 23 1.11 2.32 10.02
N GLY A 24 1.73 2.77 11.10
CA GLY A 24 2.68 3.87 11.01
C GLY A 24 2.00 5.11 10.40
N GLY A 25 2.75 5.78 9.54
CA GLY A 25 2.25 6.98 8.89
C GLY A 25 3.00 8.22 9.37
N ARG A 26 2.92 9.27 8.56
CA ARG A 26 3.58 10.52 8.89
C ARG A 26 3.30 10.91 10.34
N ASP A 27 2.11 10.54 10.80
CA ASP A 27 1.71 10.84 12.16
C ASP A 27 2.67 10.16 13.14
N PHE A 28 2.96 8.90 12.86
CA PHE A 28 3.87 8.13 13.70
C PHE A 28 5.30 8.21 13.18
N HIS A 29 5.49 9.07 12.19
CA HIS A 29 6.80 9.25 11.59
C HIS A 29 7.29 7.91 11.02
N THR A 30 6.33 7.10 10.62
CA THR A 30 6.65 5.79 10.05
C THR A 30 5.95 5.62 8.70
N PRO A 31 6.49 4.65 7.90
CA PRO A 31 5.94 4.39 6.58
C PRO A 31 4.63 3.60 6.70
N ILE A 32 3.72 3.91 5.78
CA ILE A 32 2.42 3.24 5.77
C ILE A 32 2.61 1.78 5.38
N ILE A 33 2.59 0.91 6.37
CA ILE A 33 2.75 -0.51 6.15
C ILE A 33 1.43 -1.23 6.42
N VAL A 34 1.19 -2.28 5.66
CA VAL A 34 -0.03 -3.06 5.80
C VAL A 34 0.12 -4.00 7.00
N THR A 35 -0.96 -4.08 7.78
CA THR A 35 -0.96 -4.94 8.95
C THR A 35 -1.68 -6.25 8.65
N LYS A 36 -2.90 -6.13 8.14
CA LYS A 36 -3.69 -7.29 7.80
C LYS A 36 -4.11 -7.21 6.32
N VAL A 37 -4.45 -8.37 5.78
CA VAL A 37 -4.86 -8.44 4.39
C VAL A 37 -5.97 -9.49 4.24
N THR A 38 -7.20 -8.99 4.22
CA THR A 38 -8.36 -9.87 4.08
C THR A 38 -8.13 -10.86 2.95
N GLU A 39 -8.49 -12.11 3.22
CA GLU A 39 -8.34 -13.17 2.22
C GLU A 39 -9.54 -13.17 1.28
N ARG A 40 -9.24 -13.33 0.00
CA ARG A 40 -10.29 -13.36 -1.02
C ARG A 40 -11.04 -12.03 -1.03
N GLY A 41 -10.28 -10.96 -0.97
CA GLY A 41 -10.86 -9.62 -0.99
C GLY A 41 -10.40 -8.84 -2.22
N LYS A 42 -10.56 -7.53 -2.13
CA LYS A 42 -10.17 -6.65 -3.23
C LYS A 42 -8.66 -6.45 -3.21
N ALA A 43 -8.13 -6.34 -2.00
CA ALA A 43 -6.70 -6.15 -1.82
C ALA A 43 -5.96 -7.39 -2.33
N GLU A 44 -6.07 -8.46 -1.56
CA GLU A 44 -5.42 -9.71 -1.90
C GLU A 44 -5.64 -10.04 -3.38
N ALA A 45 -6.89 -9.86 -3.80
CA ALA A 45 -7.25 -10.13 -5.18
C ALA A 45 -6.17 -9.57 -6.11
N ALA A 46 -5.80 -8.33 -5.85
CA ALA A 46 -4.78 -7.66 -6.65
C ALA A 46 -3.41 -8.28 -6.34
N ASP A 47 -2.72 -7.66 -5.41
CA ASP A 47 -1.41 -8.14 -5.02
C ASP A 47 -0.95 -7.40 -3.76
N LEU A 48 -1.93 -7.10 -2.91
CA LEU A 48 -1.64 -6.39 -1.67
C LEU A 48 -1.35 -7.41 -0.57
N ARG A 49 -0.27 -7.16 0.16
CA ARG A 49 0.12 -8.05 1.25
C ARG A 49 0.51 -7.23 2.48
N PRO A 50 0.46 -7.92 3.66
CA PRO A 50 0.80 -7.27 4.92
C PRO A 50 2.32 -7.07 5.04
N GLY A 51 2.69 -5.81 5.24
CA GLY A 51 4.10 -5.47 5.39
C GLY A 51 4.55 -4.55 4.26
N ASP A 52 3.85 -4.65 3.14
CA ASP A 52 4.17 -3.82 1.98
C ASP A 52 4.17 -2.35 2.39
N ILE A 53 5.28 -1.69 2.09
CA ILE A 53 5.42 -0.28 2.41
C ILE A 53 4.77 0.56 1.31
N ILE A 54 3.67 1.20 1.67
CA ILE A 54 2.94 2.04 0.72
C ILE A 54 3.76 3.31 0.45
N VAL A 55 4.28 3.39 -0.76
CA VAL A 55 5.07 4.54 -1.16
C VAL A 55 4.14 5.70 -1.49
N ALA A 56 3.13 5.40 -2.29
CA ALA A 56 2.16 6.41 -2.68
C ALA A 56 0.75 5.82 -2.60
N ILE A 57 -0.23 6.68 -2.80
CA ILE A 57 -1.62 6.26 -2.76
C ILE A 57 -2.36 6.81 -3.99
N ASN A 58 -2.56 5.93 -4.96
CA ASN A 58 -3.24 6.32 -6.17
C ASN A 58 -2.33 7.23 -7.01
N GLY A 59 -1.09 7.34 -6.55
CA GLY A 59 -0.11 8.17 -7.24
C GLY A 59 0.38 9.30 -6.33
N GLN A 60 -0.32 9.47 -5.21
CA GLN A 60 0.03 10.50 -4.25
C GLN A 60 0.98 9.94 -3.19
N SER A 61 2.16 10.54 -3.13
CA SER A 61 3.16 10.10 -2.15
C SER A 61 2.49 9.78 -0.82
N ALA A 62 3.04 8.78 -0.15
CA ALA A 62 2.51 8.36 1.13
C ALA A 62 3.60 8.45 2.19
N GLU A 63 4.74 9.01 1.78
CA GLU A 63 5.87 9.17 2.68
C GLU A 63 5.47 10.05 3.88
N ASN A 64 4.75 11.12 3.56
CA ASN A 64 4.31 12.04 4.59
C ASN A 64 2.79 12.01 4.68
N MET A 65 2.27 10.81 4.89
CA MET A 65 0.82 10.62 5.00
C MET A 65 0.43 10.18 6.41
N LEU A 66 -0.44 10.95 7.02
CA LEU A 66 -0.91 10.63 8.37
C LEU A 66 -1.79 9.38 8.33
N HIS A 67 -1.81 8.68 9.45
CA HIS A 67 -2.59 7.46 9.55
C HIS A 67 -4.04 7.75 9.15
N ALA A 68 -4.41 9.02 9.27
CA ALA A 68 -5.76 9.43 8.92
C ALA A 68 -5.80 9.87 7.45
N GLU A 69 -4.65 10.30 6.96
CA GLU A 69 -4.54 10.73 5.58
C GLU A 69 -4.65 9.53 4.64
N ALA A 70 -3.75 8.58 4.83
CA ALA A 70 -3.74 7.38 4.01
C ALA A 70 -5.08 6.65 4.16
N GLN A 71 -5.64 6.75 5.35
CA GLN A 71 -6.91 6.11 5.63
C GLN A 71 -8.04 6.79 4.85
N SER A 72 -8.04 8.13 4.93
CA SER A 72 -9.05 8.90 4.24
C SER A 72 -8.92 8.70 2.72
N LYS A 73 -7.73 9.01 2.21
CA LYS A 73 -7.47 8.87 0.80
C LYS A 73 -7.98 7.51 0.32
N ILE A 74 -7.44 6.47 0.93
CA ILE A 74 -7.82 5.11 0.58
C ILE A 74 -9.35 5.02 0.53
N ARG A 75 -9.98 5.39 1.63
CA ARG A 75 -11.42 5.35 1.72
C ARG A 75 -12.05 6.11 0.55
N GLN A 76 -11.64 7.36 0.41
CA GLN A 76 -12.14 8.20 -0.66
C GLN A 76 -11.65 7.69 -2.02
N SER A 77 -10.76 6.72 -1.96
CA SER A 77 -10.21 6.13 -3.17
C SER A 77 -11.24 5.19 -3.81
N ALA A 78 -11.38 5.33 -5.12
CA ALA A 78 -12.32 4.50 -5.86
C ALA A 78 -11.58 3.30 -6.45
N SER A 79 -12.29 2.57 -7.30
CA SER A 79 -11.71 1.39 -7.94
C SER A 79 -11.54 1.66 -9.44
N PRO A 80 -10.39 1.17 -9.97
CA PRO A 80 -9.41 0.47 -9.14
C PRO A 80 -8.64 1.44 -8.27
N LEU A 81 -8.03 0.90 -7.23
CA LEU A 81 -7.25 1.71 -6.30
C LEU A 81 -5.77 1.39 -6.48
N ARG A 82 -5.07 2.35 -7.07
CA ARG A 82 -3.64 2.19 -7.31
C ARG A 82 -2.85 2.50 -6.04
N LEU A 83 -1.95 1.59 -5.70
CA LEU A 83 -1.13 1.75 -4.51
C LEU A 83 0.30 1.30 -4.82
N GLN A 84 1.23 2.25 -4.69
CA GLN A 84 2.63 1.96 -4.96
C GLN A 84 3.29 1.40 -3.70
N LEU A 85 3.75 0.17 -3.81
CA LEU A 85 4.40 -0.50 -2.69
C LEU A 85 5.91 -0.51 -2.93
N ASP A 86 6.66 -0.35 -1.85
CA ASP A 86 8.11 -0.35 -1.93
C ASP A 86 8.64 -1.72 -1.54
N ARG A 87 9.00 -2.50 -2.55
CA ARG A 87 9.52 -3.84 -2.32
C ARG A 87 11.01 -3.88 -2.65
N SER A 88 11.82 -3.90 -1.59
CA SER A 88 13.26 -3.94 -1.74
C SER A 88 13.82 -5.22 -1.13
N SER A 89 13.72 -6.30 -1.89
CA SER A 89 14.22 -7.59 -1.42
C SER A 89 15.74 -7.65 -1.55
N GLY A 90 16.32 -8.70 -0.99
CA GLY A 90 17.75 -8.88 -1.04
C GLY A 90 18.11 -10.36 -0.87
N PRO A 91 19.35 -10.70 -1.34
CA PRO A 91 19.83 -12.07 -1.24
C PRO A 91 20.24 -12.42 0.19
N SER A 92 20.25 -13.71 0.47
CA SER A 92 20.62 -14.18 1.79
C SER A 92 20.99 -15.67 1.73
N SER A 93 22.07 -16.00 2.43
CA SER A 93 22.54 -17.38 2.46
C SER A 93 23.04 -17.72 3.87
N GLY A 94 22.50 -18.81 4.40
CA GLY A 94 22.87 -19.26 5.73
C GLY A 94 21.92 -18.72 6.79
N GLY A 1 22.03 4.89 -20.74
CA GLY A 1 20.76 5.28 -20.18
C GLY A 1 20.44 4.48 -18.91
N SER A 2 19.41 4.91 -18.21
CA SER A 2 19.00 4.25 -16.99
C SER A 2 17.47 4.17 -16.93
N SER A 3 16.99 2.96 -16.66
CA SER A 3 15.56 2.72 -16.57
C SER A 3 15.29 1.41 -15.84
N GLY A 4 15.09 1.52 -14.54
CA GLY A 4 14.82 0.36 -13.72
C GLY A 4 14.87 0.71 -12.23
N SER A 5 13.81 1.37 -11.78
CA SER A 5 13.72 1.78 -10.38
C SER A 5 12.95 0.72 -9.58
N SER A 6 13.05 0.84 -8.27
CA SER A 6 12.37 -0.09 -7.38
C SER A 6 10.96 0.42 -7.05
N GLY A 7 10.19 -0.44 -6.42
CA GLY A 7 8.82 -0.08 -6.04
C GLY A 7 7.82 -0.54 -7.10
N LEU A 8 6.86 -1.33 -6.66
CA LEU A 8 5.84 -1.85 -7.56
C LEU A 8 4.47 -1.29 -7.14
N THR A 9 3.56 -1.28 -8.09
CA THR A 9 2.22 -0.78 -7.84
C THR A 9 1.21 -1.93 -7.86
N VAL A 10 0.09 -1.71 -7.20
CA VAL A 10 -0.96 -2.71 -7.14
C VAL A 10 -2.27 -2.11 -7.64
N ASP A 11 -3.07 -2.95 -8.28
CA ASP A 11 -4.35 -2.51 -8.82
C ASP A 11 -5.48 -3.26 -8.10
N VAL A 12 -5.94 -2.67 -7.00
CA VAL A 12 -7.00 -3.27 -6.23
C VAL A 12 -8.29 -3.25 -7.05
N ALA A 13 -9.10 -4.29 -6.84
CA ALA A 13 -10.37 -4.41 -7.55
C ALA A 13 -11.52 -4.21 -6.58
N GLY A 14 -11.98 -2.97 -6.50
CA GLY A 14 -13.09 -2.64 -5.62
C GLY A 14 -14.33 -3.46 -5.95
N PRO A 15 -15.51 -2.94 -5.49
CA PRO A 15 -15.52 -1.70 -4.74
C PRO A 15 -15.01 -1.90 -3.31
N ALA A 16 -15.34 -0.95 -2.46
CA ALA A 16 -14.92 -1.02 -1.07
C ALA A 16 -15.99 -1.76 -0.25
N PRO A 17 -15.59 -2.18 0.98
CA PRO A 17 -14.23 -1.92 1.45
C PRO A 17 -13.23 -2.86 0.76
N TRP A 18 -11.97 -2.54 0.94
CA TRP A 18 -10.89 -3.33 0.34
C TRP A 18 -10.73 -4.60 1.18
N GLY A 19 -10.39 -4.39 2.45
CA GLY A 19 -10.19 -5.50 3.36
C GLY A 19 -8.74 -5.59 3.82
N PHE A 20 -8.09 -4.42 3.87
CA PHE A 20 -6.71 -4.36 4.29
C PHE A 20 -6.48 -3.21 5.27
N ARG A 21 -5.52 -3.41 6.16
CA ARG A 21 -5.21 -2.40 7.16
C ARG A 21 -3.83 -1.80 6.88
N ILE A 22 -3.48 -0.80 7.67
CA ILE A 22 -2.20 -0.13 7.52
C ILE A 22 -1.67 0.27 8.90
N SER A 23 -0.42 0.70 8.92
CA SER A 23 0.21 1.12 10.17
C SER A 23 1.15 2.31 9.90
N GLY A 24 1.77 2.77 10.98
CA GLY A 24 2.68 3.89 10.89
C GLY A 24 1.98 5.12 10.29
N GLY A 25 2.75 5.90 9.54
CA GLY A 25 2.23 7.10 8.91
C GLY A 25 2.94 8.34 9.41
N ARG A 26 2.79 9.41 8.66
CA ARG A 26 3.43 10.67 9.02
C ARG A 26 3.21 10.97 10.50
N ASP A 27 2.02 10.61 10.98
CA ASP A 27 1.68 10.84 12.37
C ASP A 27 2.69 10.11 13.26
N PHE A 28 3.03 8.89 12.86
CA PHE A 28 3.98 8.09 13.61
C PHE A 28 5.40 8.25 13.05
N HIS A 29 5.50 9.07 12.01
CA HIS A 29 6.78 9.32 11.38
C HIS A 29 7.31 8.03 10.76
N THR A 30 6.40 7.09 10.55
CA THR A 30 6.75 5.81 9.97
C THR A 30 6.04 5.63 8.62
N PRO A 31 6.59 4.68 7.81
CA PRO A 31 6.02 4.40 6.50
C PRO A 31 4.73 3.58 6.63
N ILE A 32 3.78 3.91 5.77
CA ILE A 32 2.50 3.22 5.78
C ILE A 32 2.71 1.76 5.36
N ILE A 33 2.57 0.88 6.34
CA ILE A 33 2.73 -0.54 6.10
C ILE A 33 1.43 -1.27 6.40
N VAL A 34 1.17 -2.32 5.63
CA VAL A 34 -0.04 -3.10 5.79
C VAL A 34 0.13 -4.05 6.97
N THR A 35 -0.90 -4.13 7.80
CA THR A 35 -0.87 -4.99 8.96
C THR A 35 -1.63 -6.30 8.67
N LYS A 36 -2.84 -6.13 8.18
CA LYS A 36 -3.68 -7.28 7.86
C LYS A 36 -4.10 -7.20 6.39
N VAL A 37 -4.46 -8.35 5.84
CA VAL A 37 -4.89 -8.43 4.46
C VAL A 37 -6.03 -9.45 4.33
N THR A 38 -7.25 -8.94 4.26
CA THR A 38 -8.41 -9.80 4.14
C THR A 38 -8.18 -10.86 3.06
N GLU A 39 -8.62 -12.07 3.35
CA GLU A 39 -8.46 -13.17 2.43
C GLU A 39 -9.58 -13.14 1.38
N ARG A 40 -9.20 -13.39 0.13
CA ARG A 40 -10.15 -13.39 -0.96
C ARG A 40 -10.95 -12.08 -0.97
N GLY A 41 -10.21 -10.98 -0.98
CA GLY A 41 -10.83 -9.67 -1.00
C GLY A 41 -10.38 -8.86 -2.21
N LYS A 42 -10.61 -7.56 -2.13
CA LYS A 42 -10.22 -6.66 -3.20
C LYS A 42 -8.70 -6.47 -3.19
N ALA A 43 -8.17 -6.35 -1.98
CA ALA A 43 -6.74 -6.17 -1.82
C ALA A 43 -6.01 -7.42 -2.31
N GLU A 44 -6.17 -8.50 -1.57
CA GLU A 44 -5.53 -9.76 -1.92
C GLU A 44 -5.75 -10.06 -3.41
N ALA A 45 -6.99 -9.90 -3.83
CA ALA A 45 -7.34 -10.15 -5.22
C ALA A 45 -6.25 -9.59 -6.13
N ALA A 46 -5.82 -8.37 -5.81
CA ALA A 46 -4.79 -7.71 -6.59
C ALA A 46 -3.44 -8.35 -6.26
N ASP A 47 -2.74 -7.73 -5.32
CA ASP A 47 -1.43 -8.23 -4.91
C ASP A 47 -0.98 -7.46 -3.66
N LEU A 48 -1.95 -7.12 -2.82
CA LEU A 48 -1.67 -6.40 -1.60
C LEU A 48 -1.38 -7.40 -0.48
N ARG A 49 -0.27 -7.17 0.20
CA ARG A 49 0.14 -8.04 1.29
C ARG A 49 0.52 -7.22 2.52
N PRO A 50 0.47 -7.88 3.70
CA PRO A 50 0.80 -7.22 4.96
C PRO A 50 2.31 -7.03 5.08
N GLY A 51 2.71 -5.76 5.23
CA GLY A 51 4.11 -5.43 5.37
C GLY A 51 4.57 -4.53 4.22
N ASP A 52 3.82 -4.58 3.13
CA ASP A 52 4.14 -3.79 1.96
C ASP A 52 4.14 -2.30 2.34
N ILE A 53 5.29 -1.66 2.14
CA ILE A 53 5.42 -0.25 2.45
C ILE A 53 4.77 0.58 1.34
N ILE A 54 3.67 1.22 1.71
CA ILE A 54 2.94 2.05 0.75
C ILE A 54 3.75 3.32 0.48
N VAL A 55 4.27 3.39 -0.74
CA VAL A 55 5.07 4.54 -1.14
C VAL A 55 4.13 5.70 -1.45
N ALA A 56 3.11 5.42 -2.24
CA ALA A 56 2.15 6.44 -2.62
C ALA A 56 0.73 5.85 -2.52
N ILE A 57 -0.25 6.71 -2.75
CA ILE A 57 -1.64 6.29 -2.69
C ILE A 57 -2.39 6.87 -3.90
N ASN A 58 -2.61 6.02 -4.89
CA ASN A 58 -3.31 6.43 -6.08
C ASN A 58 -2.37 7.24 -6.97
N GLY A 59 -1.11 7.28 -6.55
CA GLY A 59 -0.10 8.02 -7.30
C GLY A 59 0.43 9.19 -6.48
N GLN A 60 -0.17 9.39 -5.32
CA GLN A 60 0.24 10.46 -4.43
C GLN A 60 1.14 9.93 -3.32
N SER A 61 2.30 10.55 -3.20
CA SER A 61 3.26 10.14 -2.18
C SER A 61 2.53 9.80 -0.88
N ALA A 62 3.07 8.81 -0.19
CA ALA A 62 2.47 8.38 1.07
C ALA A 62 3.53 8.46 2.18
N GLU A 63 4.69 8.97 1.81
CA GLU A 63 5.79 9.11 2.75
C GLU A 63 5.36 10.02 3.92
N ASN A 64 4.64 11.07 3.58
CA ASN A 64 4.17 12.01 4.58
C ASN A 64 2.65 11.94 4.66
N MET A 65 2.15 10.77 5.00
CA MET A 65 0.71 10.56 5.12
C MET A 65 0.34 10.10 6.53
N LEU A 66 -0.53 10.87 7.16
CA LEU A 66 -0.98 10.55 8.50
C LEU A 66 -1.86 9.30 8.46
N HIS A 67 -1.85 8.57 9.56
CA HIS A 67 -2.64 7.35 9.67
C HIS A 67 -4.09 7.65 9.29
N ALA A 68 -4.46 8.92 9.42
CA ALA A 68 -5.81 9.34 9.09
C ALA A 68 -5.86 9.79 7.63
N GLU A 69 -4.71 10.21 7.14
CA GLU A 69 -4.61 10.67 5.76
C GLU A 69 -4.71 9.48 4.80
N ALA A 70 -3.75 8.58 4.93
CA ALA A 70 -3.72 7.40 4.09
C ALA A 70 -5.03 6.64 4.24
N GLN A 71 -5.59 6.70 5.44
CA GLN A 71 -6.84 6.03 5.72
C GLN A 71 -7.99 6.67 4.93
N SER A 72 -8.01 8.00 4.95
CA SER A 72 -9.03 8.74 4.24
C SER A 72 -8.86 8.57 2.74
N LYS A 73 -7.68 8.93 2.26
CA LYS A 73 -7.37 8.82 0.84
C LYS A 73 -7.88 7.46 0.32
N ILE A 74 -7.38 6.41 0.94
CA ILE A 74 -7.77 5.06 0.55
C ILE A 74 -9.30 4.99 0.47
N ARG A 75 -9.94 5.33 1.57
CA ARG A 75 -11.38 5.30 1.63
C ARG A 75 -11.99 6.15 0.51
N GLN A 76 -11.38 7.31 0.31
CA GLN A 76 -11.84 8.23 -0.72
C GLN A 76 -11.40 7.73 -2.11
N SER A 77 -10.59 6.69 -2.09
CA SER A 77 -10.08 6.12 -3.33
C SER A 77 -11.14 5.20 -3.94
N ALA A 78 -11.29 5.31 -5.25
CA ALA A 78 -12.26 4.49 -5.96
C ALA A 78 -11.55 3.26 -6.53
N SER A 79 -12.25 2.59 -7.44
CA SER A 79 -11.70 1.39 -8.05
C SER A 79 -11.52 1.62 -9.56
N PRO A 80 -10.37 1.11 -10.09
CA PRO A 80 -9.42 0.40 -9.25
C PRO A 80 -8.62 1.37 -8.38
N LEU A 81 -8.02 0.83 -7.33
CA LEU A 81 -7.23 1.64 -6.42
C LEU A 81 -5.74 1.34 -6.65
N ARG A 82 -5.04 2.37 -7.09
CA ARG A 82 -3.61 2.24 -7.35
C ARG A 82 -2.81 2.56 -6.09
N LEU A 83 -1.94 1.63 -5.72
CA LEU A 83 -1.12 1.79 -4.53
C LEU A 83 0.32 1.35 -4.85
N GLN A 84 1.24 2.29 -4.69
CA GLN A 84 2.64 2.01 -4.96
C GLN A 84 3.31 1.43 -3.71
N LEU A 85 3.72 0.18 -3.81
CA LEU A 85 4.38 -0.50 -2.70
C LEU A 85 5.88 -0.48 -2.93
N ASP A 86 6.61 -0.29 -1.83
CA ASP A 86 8.06 -0.25 -1.90
C ASP A 86 8.62 -1.63 -1.54
N ARG A 87 9.00 -2.37 -2.56
CA ARG A 87 9.55 -3.71 -2.36
C ARG A 87 11.04 -3.72 -2.67
N SER A 88 11.83 -3.78 -1.61
CA SER A 88 13.27 -3.79 -1.76
C SER A 88 13.86 -5.04 -1.09
N SER A 89 13.94 -6.11 -1.87
CA SER A 89 14.47 -7.37 -1.37
C SER A 89 13.52 -7.95 -0.32
N GLY A 90 13.24 -9.23 -0.47
CA GLY A 90 12.36 -9.92 0.46
C GLY A 90 12.87 -11.32 0.77
N PRO A 91 12.52 -11.80 2.00
CA PRO A 91 12.93 -13.12 2.43
C PRO A 91 12.14 -14.22 1.72
N SER A 92 12.87 -15.21 1.22
CA SER A 92 12.25 -16.32 0.52
C SER A 92 12.53 -17.63 1.26
N SER A 93 11.87 -17.78 2.40
CA SER A 93 12.04 -18.97 3.20
C SER A 93 10.91 -19.07 4.23
N GLY A 94 10.30 -20.25 4.28
CA GLY A 94 9.21 -20.49 5.21
C GLY A 94 8.06 -21.23 4.53
N GLY A 1 18.64 3.89 -22.74
CA GLY A 1 17.53 3.23 -22.10
C GLY A 1 17.95 2.55 -20.80
N SER A 2 16.96 2.24 -19.97
CA SER A 2 17.23 1.60 -18.70
C SER A 2 15.91 1.31 -17.98
N SER A 3 15.63 0.02 -17.83
CA SER A 3 14.41 -0.41 -17.16
C SER A 3 14.73 -0.91 -15.76
N GLY A 4 14.62 -0.02 -14.80
CA GLY A 4 14.90 -0.35 -13.41
C GLY A 4 13.81 0.21 -12.48
N SER A 5 14.27 1.00 -11.52
CA SER A 5 13.36 1.60 -10.56
C SER A 5 12.59 0.52 -9.81
N SER A 6 12.88 0.41 -8.52
CA SER A 6 12.23 -0.58 -7.68
C SER A 6 10.91 -0.02 -7.15
N GLY A 7 9.98 -0.93 -6.89
CA GLY A 7 8.68 -0.54 -6.38
C GLY A 7 7.55 -1.12 -7.24
N LEU A 8 6.62 -1.78 -6.59
CA LEU A 8 5.49 -2.38 -7.28
C LEU A 8 4.20 -1.67 -6.87
N THR A 9 3.20 -1.78 -7.73
CA THR A 9 1.91 -1.16 -7.46
C THR A 9 0.82 -2.22 -7.35
N VAL A 10 -0.28 -1.82 -6.71
CA VAL A 10 -1.41 -2.73 -6.54
C VAL A 10 -2.61 -2.19 -7.30
N ASP A 11 -3.48 -3.11 -7.68
CA ASP A 11 -4.68 -2.75 -8.42
C ASP A 11 -5.90 -3.43 -7.78
N VAL A 12 -6.49 -2.72 -6.82
CA VAL A 12 -7.66 -3.24 -6.12
C VAL A 12 -8.90 -2.97 -6.96
N ALA A 13 -9.92 -3.80 -6.73
CA ALA A 13 -11.18 -3.65 -7.45
C ALA A 13 -12.29 -3.28 -6.47
N GLY A 14 -12.62 -2.00 -6.46
CA GLY A 14 -13.66 -1.50 -5.58
C GLY A 14 -14.99 -2.22 -5.83
N PRO A 15 -16.05 -1.70 -5.17
CA PRO A 15 -15.92 -0.54 -4.31
C PRO A 15 -15.25 -0.92 -2.99
N ALA A 16 -15.32 0.01 -2.04
CA ALA A 16 -14.73 -0.22 -0.73
C ALA A 16 -15.74 -0.94 0.15
N PRO A 17 -15.22 -1.50 1.28
CA PRO A 17 -13.80 -1.38 1.59
C PRO A 17 -12.97 -2.31 0.71
N TRP A 18 -11.66 -2.25 0.91
CA TRP A 18 -10.74 -3.08 0.14
C TRP A 18 -10.59 -4.41 0.88
N GLY A 19 -10.24 -4.31 2.16
CA GLY A 19 -10.06 -5.50 2.97
C GLY A 19 -8.61 -5.60 3.48
N PHE A 20 -8.02 -4.44 3.70
CA PHE A 20 -6.65 -4.38 4.18
C PHE A 20 -6.45 -3.20 5.13
N ARG A 21 -5.55 -3.39 6.08
CA ARG A 21 -5.25 -2.36 7.05
C ARG A 21 -3.86 -1.77 6.80
N ILE A 22 -3.48 -0.85 7.68
CA ILE A 22 -2.18 -0.20 7.56
C ILE A 22 -1.68 0.19 8.96
N SER A 23 -0.44 0.64 9.00
CA SER A 23 0.17 1.04 10.25
C SER A 23 1.09 2.24 10.04
N GLY A 24 1.73 2.67 11.12
CA GLY A 24 2.63 3.80 11.05
C GLY A 24 1.93 5.03 10.45
N GLY A 25 2.63 5.67 9.52
CA GLY A 25 2.10 6.85 8.87
C GLY A 25 2.91 8.10 9.24
N ARG A 26 2.46 9.23 8.72
CA ARG A 26 3.13 10.49 8.98
C ARG A 26 2.99 10.88 10.46
N ASP A 27 1.82 10.56 11.00
CA ASP A 27 1.55 10.86 12.40
C ASP A 27 2.56 10.13 13.28
N PHE A 28 2.85 8.90 12.89
CA PHE A 28 3.80 8.08 13.63
C PHE A 28 5.20 8.18 13.04
N HIS A 29 5.36 9.15 12.14
CA HIS A 29 6.64 9.37 11.49
C HIS A 29 7.15 8.05 10.91
N THR A 30 6.22 7.14 10.69
CA THR A 30 6.55 5.84 10.13
C THR A 30 5.87 5.65 8.78
N PRO A 31 6.45 4.72 7.97
CA PRO A 31 5.91 4.43 6.65
C PRO A 31 4.63 3.60 6.75
N ILE A 32 3.70 3.91 5.86
CA ILE A 32 2.42 3.20 5.83
C ILE A 32 2.66 1.74 5.44
N ILE A 33 2.57 0.88 6.43
CA ILE A 33 2.77 -0.54 6.20
C ILE A 33 1.46 -1.29 6.45
N VAL A 34 1.25 -2.34 5.67
CA VAL A 34 0.04 -3.13 5.79
C VAL A 34 0.18 -4.09 6.98
N THR A 35 -0.89 -4.17 7.76
CA THR A 35 -0.90 -5.03 8.93
C THR A 35 -1.59 -6.35 8.61
N LYS A 36 -2.78 -6.24 8.05
CA LYS A 36 -3.55 -7.43 7.69
C LYS A 36 -4.00 -7.31 6.23
N VAL A 37 -4.34 -8.45 5.65
CA VAL A 37 -4.79 -8.49 4.27
C VAL A 37 -5.90 -9.54 4.13
N THR A 38 -7.10 -9.05 3.86
CA THR A 38 -8.23 -9.94 3.69
C THR A 38 -7.93 -11.03 2.67
N GLU A 39 -8.04 -12.27 3.11
CA GLU A 39 -7.78 -13.40 2.26
C GLU A 39 -8.82 -13.48 1.14
N ARG A 40 -8.38 -13.93 -0.02
CA ARG A 40 -9.26 -14.06 -1.17
C ARG A 40 -10.24 -12.88 -1.21
N GLY A 41 -9.77 -11.74 -0.73
CA GLY A 41 -10.58 -10.53 -0.71
C GLY A 41 -10.35 -9.70 -1.97
N LYS A 42 -10.49 -8.40 -1.79
CA LYS A 42 -10.30 -7.47 -2.90
C LYS A 42 -8.83 -7.05 -2.96
N ALA A 43 -8.19 -7.08 -1.80
CA ALA A 43 -6.79 -6.70 -1.70
C ALA A 43 -5.92 -7.87 -2.19
N GLU A 44 -5.85 -8.90 -1.37
CA GLU A 44 -5.07 -10.07 -1.70
C GLU A 44 -5.29 -10.47 -3.16
N ALA A 45 -6.47 -10.14 -3.65
CA ALA A 45 -6.81 -10.45 -5.04
C ALA A 45 -5.84 -9.73 -5.97
N ALA A 46 -5.75 -8.43 -5.80
CA ALA A 46 -4.85 -7.63 -6.61
C ALA A 46 -3.41 -8.11 -6.43
N ASP A 47 -2.87 -7.80 -5.26
CA ASP A 47 -1.51 -8.20 -4.93
C ASP A 47 -1.02 -7.38 -3.74
N LEU A 48 -1.87 -7.29 -2.73
CA LEU A 48 -1.53 -6.55 -1.52
C LEU A 48 -1.21 -7.54 -0.39
N ARG A 49 -0.07 -7.30 0.24
CA ARG A 49 0.36 -8.16 1.34
C ARG A 49 0.69 -7.32 2.57
N PRO A 50 0.61 -7.97 3.75
CA PRO A 50 0.90 -7.29 5.01
C PRO A 50 2.41 -7.10 5.18
N GLY A 51 2.80 -5.84 5.33
CA GLY A 51 4.20 -5.50 5.51
C GLY A 51 4.67 -4.53 4.41
N ASP A 52 4.05 -4.64 3.25
CA ASP A 52 4.39 -3.78 2.14
C ASP A 52 4.35 -2.32 2.59
N ILE A 53 5.30 -1.55 2.09
CA ILE A 53 5.39 -0.14 2.44
C ILE A 53 4.72 0.68 1.34
N ILE A 54 3.66 1.39 1.72
CA ILE A 54 2.94 2.22 0.78
C ILE A 54 3.75 3.48 0.48
N VAL A 55 4.24 3.55 -0.75
CA VAL A 55 5.03 4.69 -1.18
C VAL A 55 4.10 5.85 -1.52
N ALA A 56 3.06 5.54 -2.28
CA ALA A 56 2.10 6.55 -2.68
C ALA A 56 0.70 5.94 -2.66
N ILE A 57 -0.28 6.78 -2.98
CA ILE A 57 -1.67 6.34 -3.01
C ILE A 57 -2.35 6.88 -4.27
N ASN A 58 -2.51 5.99 -5.24
CA ASN A 58 -3.14 6.36 -6.49
C ASN A 58 -2.14 7.10 -7.37
N GLY A 59 -0.91 7.19 -6.87
CA GLY A 59 0.15 7.86 -7.58
C GLY A 59 0.68 9.07 -6.79
N GLN A 60 0.02 9.32 -5.67
CA GLN A 60 0.40 10.44 -4.82
C GLN A 60 1.25 9.94 -3.64
N SER A 61 2.37 10.62 -3.44
CA SER A 61 3.27 10.26 -2.35
C SER A 61 2.46 9.88 -1.11
N ALA A 62 3.02 8.96 -0.33
CA ALA A 62 2.36 8.50 0.88
C ALA A 62 3.38 8.50 2.02
N GLU A 63 4.52 9.11 1.76
CA GLU A 63 5.58 9.18 2.76
C GLU A 63 5.11 10.00 3.97
N ASN A 64 4.50 11.14 3.68
CA ASN A 64 4.00 12.02 4.71
C ASN A 64 2.47 11.95 4.75
N MET A 65 1.96 10.76 4.98
CA MET A 65 0.53 10.55 5.04
C MET A 65 0.10 10.07 6.42
N LEU A 66 -0.64 10.92 7.11
CA LEU A 66 -1.13 10.59 8.45
C LEU A 66 -1.96 9.30 8.37
N HIS A 67 -1.94 8.56 9.48
CA HIS A 67 -2.69 7.32 9.55
C HIS A 67 -4.13 7.56 9.13
N ALA A 68 -4.54 8.82 9.25
CA ALA A 68 -5.91 9.20 8.88
C ALA A 68 -5.93 9.65 7.42
N GLU A 69 -4.79 10.16 6.97
CA GLU A 69 -4.67 10.63 5.60
C GLU A 69 -4.71 9.45 4.63
N ALA A 70 -3.77 8.53 4.84
CA ALA A 70 -3.68 7.35 3.99
C ALA A 70 -4.96 6.54 4.14
N GLN A 71 -5.57 6.63 5.31
CA GLN A 71 -6.79 5.90 5.59
C GLN A 71 -7.97 6.56 4.86
N SER A 72 -7.96 7.88 4.85
CA SER A 72 -9.02 8.63 4.20
C SER A 72 -8.86 8.54 2.68
N LYS A 73 -7.63 8.77 2.24
CA LYS A 73 -7.33 8.72 0.82
C LYS A 73 -7.73 7.36 0.26
N ILE A 74 -7.23 6.31 0.90
CA ILE A 74 -7.52 4.96 0.48
C ILE A 74 -9.03 4.74 0.49
N ARG A 75 -9.66 5.23 1.55
CA ARG A 75 -11.11 5.10 1.69
C ARG A 75 -11.82 6.07 0.75
N GLN A 76 -11.04 7.00 0.20
CA GLN A 76 -11.59 7.99 -0.71
C GLN A 76 -11.06 7.74 -2.13
N SER A 77 -10.31 6.66 -2.27
CA SER A 77 -9.75 6.30 -3.56
C SER A 77 -10.83 5.67 -4.45
N ALA A 78 -10.70 5.92 -5.74
CA ALA A 78 -11.66 5.38 -6.70
C ALA A 78 -11.16 4.03 -7.20
N SER A 79 -12.09 3.26 -7.75
CA SER A 79 -11.76 1.94 -8.27
C SER A 79 -11.38 2.04 -9.75
N PRO A 80 -10.29 1.32 -10.11
CA PRO A 80 -9.55 0.53 -9.13
C PRO A 80 -8.71 1.43 -8.22
N LEU A 81 -8.32 0.87 -7.09
CA LEU A 81 -7.51 1.60 -6.12
C LEU A 81 -6.04 1.22 -6.30
N ARG A 82 -5.28 2.16 -6.84
CA ARG A 82 -3.86 1.94 -7.07
C ARG A 82 -3.06 2.28 -5.80
N LEU A 83 -2.07 1.46 -5.53
CA LEU A 83 -1.22 1.66 -4.37
C LEU A 83 0.22 1.29 -4.72
N GLN A 84 1.09 2.29 -4.61
CA GLN A 84 2.49 2.09 -4.91
C GLN A 84 3.23 1.56 -3.68
N LEU A 85 3.65 0.31 -3.77
CA LEU A 85 4.37 -0.32 -2.68
C LEU A 85 5.87 -0.27 -2.96
N ASP A 86 6.64 -0.23 -1.89
CA ASP A 86 8.09 -0.18 -2.01
C ASP A 86 8.68 -1.54 -1.63
N ARG A 87 9.02 -2.31 -2.64
CA ARG A 87 9.60 -3.63 -2.43
C ARG A 87 11.07 -3.65 -2.83
N SER A 88 11.92 -3.62 -1.82
CA SER A 88 13.36 -3.64 -2.05
C SER A 88 14.06 -4.49 -0.99
N SER A 89 14.04 -5.79 -1.22
CA SER A 89 14.66 -6.72 -0.29
C SER A 89 15.67 -7.61 -1.04
N GLY A 90 16.89 -7.64 -0.51
CA GLY A 90 17.93 -8.45 -1.11
C GLY A 90 18.28 -9.64 -0.23
N PRO A 91 19.26 -10.45 -0.71
CA PRO A 91 19.70 -11.62 0.01
C PRO A 91 20.57 -11.24 1.21
N SER A 92 20.91 -12.24 2.02
CA SER A 92 21.73 -12.01 3.19
C SER A 92 22.52 -13.28 3.52
N SER A 93 21.78 -14.35 3.78
CA SER A 93 22.40 -15.62 4.11
C SER A 93 21.34 -16.72 4.16
N GLY A 94 21.56 -17.76 3.38
CA GLY A 94 20.63 -18.87 3.33
C GLY A 94 21.36 -20.20 3.56
N GLY A 1 17.64 13.19 -3.87
CA GLY A 1 17.36 13.10 -5.30
C GLY A 1 16.34 12.00 -5.59
N SER A 2 15.67 12.15 -6.72
CA SER A 2 14.66 11.17 -7.12
C SER A 2 15.27 9.78 -7.15
N SER A 3 15.03 9.03 -6.09
CA SER A 3 15.54 7.68 -5.98
C SER A 3 14.39 6.70 -5.69
N GLY A 4 14.15 5.84 -6.66
CA GLY A 4 13.09 4.85 -6.52
C GLY A 4 13.63 3.42 -6.70
N SER A 5 14.54 3.07 -5.82
CA SER A 5 15.16 1.75 -5.87
C SER A 5 14.06 0.67 -5.82
N SER A 6 13.71 0.19 -7.00
CA SER A 6 12.68 -0.85 -7.11
C SER A 6 11.38 -0.35 -6.49
N GLY A 7 10.30 -1.02 -6.86
CA GLY A 7 8.99 -0.66 -6.34
C GLY A 7 7.88 -1.22 -7.24
N LEU A 8 6.90 -1.85 -6.59
CA LEU A 8 5.78 -2.42 -7.31
C LEU A 8 4.49 -1.68 -6.93
N THR A 9 3.52 -1.77 -7.82
CA THR A 9 2.24 -1.12 -7.59
C THR A 9 1.13 -2.16 -7.45
N VAL A 10 0.02 -1.71 -6.87
CA VAL A 10 -1.12 -2.59 -6.67
C VAL A 10 -2.35 -2.00 -7.38
N ASP A 11 -3.22 -2.89 -7.83
CA ASP A 11 -4.43 -2.47 -8.52
C ASP A 11 -5.62 -3.21 -7.92
N VAL A 12 -6.19 -2.61 -6.88
CA VAL A 12 -7.34 -3.18 -6.21
C VAL A 12 -8.57 -3.04 -7.10
N ALA A 13 -9.54 -3.91 -6.87
CA ALA A 13 -10.77 -3.89 -7.64
C ALA A 13 -11.95 -3.65 -6.70
N GLY A 14 -12.38 -2.40 -6.63
CA GLY A 14 -13.49 -2.03 -5.78
C GLY A 14 -14.73 -2.89 -6.09
N PRO A 15 -15.88 -2.46 -5.52
CA PRO A 15 -15.91 -1.27 -4.68
C PRO A 15 -15.30 -1.55 -3.30
N ALA A 16 -15.54 -0.63 -2.39
CA ALA A 16 -15.02 -0.77 -1.03
C ALA A 16 -16.04 -1.54 -0.17
N PRO A 17 -15.56 -2.00 1.01
CA PRO A 17 -14.18 -1.76 1.41
C PRO A 17 -13.23 -2.67 0.62
N TRP A 18 -11.94 -2.47 0.88
CA TRP A 18 -10.92 -3.26 0.21
C TRP A 18 -10.72 -4.55 1.01
N GLY A 19 -10.34 -4.39 2.27
CA GLY A 19 -10.12 -5.52 3.14
C GLY A 19 -8.65 -5.60 3.58
N PHE A 20 -8.09 -4.43 3.83
CA PHE A 20 -6.70 -4.35 4.26
C PHE A 20 -6.50 -3.21 5.26
N ARG A 21 -5.51 -3.38 6.12
CA ARG A 21 -5.20 -2.37 7.12
C ARG A 21 -3.85 -1.73 6.83
N ILE A 22 -3.45 -0.83 7.72
CA ILE A 22 -2.18 -0.15 7.58
C ILE A 22 -1.68 0.29 8.96
N SER A 23 -0.43 0.72 8.99
CA SER A 23 0.17 1.17 10.24
C SER A 23 1.15 2.31 9.96
N GLY A 24 1.75 2.82 11.04
CA GLY A 24 2.70 3.90 10.93
C GLY A 24 2.05 5.14 10.32
N GLY A 25 2.79 5.79 9.44
CA GLY A 25 2.29 6.99 8.77
C GLY A 25 3.08 8.22 9.22
N ARG A 26 2.71 9.36 8.65
CA ARG A 26 3.37 10.61 8.96
C ARG A 26 3.20 10.94 10.45
N ASP A 27 2.02 10.61 10.97
CA ASP A 27 1.71 10.87 12.35
C ASP A 27 2.68 10.07 13.24
N PHE A 28 2.96 8.86 12.82
CA PHE A 28 3.87 8.00 13.55
C PHE A 28 5.29 8.09 12.99
N HIS A 29 5.50 9.08 12.14
CA HIS A 29 6.80 9.30 11.53
C HIS A 29 7.30 7.98 10.93
N THR A 30 6.35 7.12 10.59
CA THR A 30 6.69 5.84 10.01
C THR A 30 5.99 5.67 8.65
N PRO A 31 6.53 4.74 7.84
CA PRO A 31 5.98 4.47 6.52
C PRO A 31 4.68 3.66 6.63
N ILE A 32 3.76 3.97 5.73
CA ILE A 32 2.47 3.28 5.71
C ILE A 32 2.69 1.81 5.33
N ILE A 33 2.61 0.95 6.34
CA ILE A 33 2.80 -0.47 6.13
C ILE A 33 1.47 -1.20 6.42
N VAL A 34 1.24 -2.25 5.64
CA VAL A 34 0.03 -3.04 5.80
C VAL A 34 0.21 -4.01 6.97
N THR A 35 -0.85 -4.14 7.76
CA THR A 35 -0.82 -5.03 8.90
C THR A 35 -1.58 -6.32 8.60
N LYS A 36 -2.78 -6.15 8.08
CA LYS A 36 -3.62 -7.29 7.73
C LYS A 36 -4.03 -7.19 6.27
N VAL A 37 -4.36 -8.35 5.70
CA VAL A 37 -4.76 -8.42 4.31
C VAL A 37 -5.87 -9.45 4.15
N THR A 38 -7.09 -8.95 4.01
CA THR A 38 -8.24 -9.83 3.85
C THR A 38 -7.96 -10.90 2.80
N GLU A 39 -8.22 -12.15 3.18
CA GLU A 39 -7.99 -13.26 2.27
C GLU A 39 -9.09 -13.32 1.21
N ARG A 40 -8.67 -13.63 -0.01
CA ARG A 40 -9.59 -13.71 -1.12
C ARG A 40 -10.57 -12.54 -1.10
N GLY A 41 -10.03 -11.38 -0.74
CA GLY A 41 -10.84 -10.17 -0.67
C GLY A 41 -10.64 -9.29 -1.91
N LYS A 42 -10.58 -7.99 -1.68
CA LYS A 42 -10.39 -7.05 -2.76
C LYS A 42 -8.89 -6.81 -2.97
N ALA A 43 -8.22 -6.50 -1.87
CA ALA A 43 -6.80 -6.24 -1.91
C ALA A 43 -6.07 -7.50 -2.41
N GLU A 44 -6.07 -8.52 -1.57
CA GLU A 44 -5.42 -9.78 -1.92
C GLU A 44 -5.68 -10.12 -3.39
N ALA A 45 -6.90 -9.87 -3.81
CA ALA A 45 -7.29 -10.15 -5.19
C ALA A 45 -6.21 -9.65 -6.13
N ALA A 46 -5.79 -8.41 -5.89
CA ALA A 46 -4.75 -7.81 -6.72
C ALA A 46 -3.41 -8.47 -6.40
N ASP A 47 -2.83 -8.06 -5.28
CA ASP A 47 -1.54 -8.59 -4.86
C ASP A 47 -1.02 -7.79 -3.66
N LEU A 48 -1.95 -7.47 -2.76
CA LEU A 48 -1.60 -6.72 -1.57
C LEU A 48 -1.28 -7.68 -0.43
N ARG A 49 -0.27 -7.31 0.35
CA ARG A 49 0.16 -8.14 1.46
C ARG A 49 0.55 -7.24 2.65
N PRO A 50 0.48 -7.87 3.87
CA PRO A 50 0.83 -7.15 5.09
C PRO A 50 2.35 -6.96 5.21
N GLY A 51 2.76 -5.71 5.25
CA GLY A 51 4.17 -5.39 5.37
C GLY A 51 4.62 -4.47 4.23
N ASP A 52 3.92 -4.58 3.11
CA ASP A 52 4.24 -3.77 1.95
C ASP A 52 4.22 -2.29 2.35
N ILE A 53 5.33 -1.62 2.10
CA ILE A 53 5.46 -0.21 2.42
C ILE A 53 4.79 0.61 1.32
N ILE A 54 3.68 1.26 1.69
CA ILE A 54 2.95 2.07 0.76
C ILE A 54 3.74 3.34 0.46
N VAL A 55 4.25 3.42 -0.76
CA VAL A 55 5.04 4.56 -1.18
C VAL A 55 4.11 5.73 -1.50
N ALA A 56 3.08 5.43 -2.29
CA ALA A 56 2.11 6.44 -2.66
C ALA A 56 0.71 5.84 -2.60
N ILE A 57 -0.28 6.71 -2.79
CA ILE A 57 -1.67 6.27 -2.76
C ILE A 57 -2.40 6.81 -3.99
N ASN A 58 -2.57 5.92 -4.96
CA ASN A 58 -3.25 6.29 -6.20
C ASN A 58 -2.32 7.17 -7.03
N GLY A 59 -1.09 7.29 -6.57
CA GLY A 59 -0.09 8.10 -7.26
C GLY A 59 0.39 9.24 -6.37
N GLN A 60 -0.30 9.43 -5.27
CA GLN A 60 0.04 10.49 -4.33
C GLN A 60 0.99 9.93 -3.25
N SER A 61 2.17 10.52 -3.20
CA SER A 61 3.17 10.10 -2.23
C SER A 61 2.49 9.82 -0.88
N ALA A 62 3.03 8.83 -0.19
CA ALA A 62 2.50 8.45 1.10
C ALA A 62 3.59 8.59 2.17
N GLU A 63 4.73 9.09 1.74
CA GLU A 63 5.86 9.28 2.63
C GLU A 63 5.47 10.19 3.79
N ASN A 64 4.61 11.14 3.48
CA ASN A 64 4.15 12.09 4.48
C ASN A 64 2.61 12.02 4.59
N MET A 65 2.14 10.83 4.90
CA MET A 65 0.71 10.61 5.02
C MET A 65 0.35 10.15 6.43
N LEU A 66 -0.52 10.91 7.07
CA LEU A 66 -0.95 10.59 8.42
C LEU A 66 -1.80 9.32 8.39
N HIS A 67 -1.77 8.59 9.49
CA HIS A 67 -2.52 7.36 9.61
C HIS A 67 -3.99 7.62 9.25
N ALA A 68 -4.37 8.89 9.38
CA ALA A 68 -5.74 9.28 9.08
C ALA A 68 -5.82 9.73 7.62
N GLU A 69 -4.69 10.19 7.10
CA GLU A 69 -4.63 10.64 5.73
C GLU A 69 -4.77 9.46 4.76
N ALA A 70 -3.87 8.50 4.92
CA ALA A 70 -3.89 7.32 4.07
C ALA A 70 -5.23 6.61 4.23
N GLN A 71 -5.70 6.57 5.47
CA GLN A 71 -6.97 5.92 5.75
C GLN A 71 -8.11 6.60 4.98
N SER A 72 -8.11 7.92 5.04
CA SER A 72 -9.13 8.69 4.35
C SER A 72 -8.97 8.54 2.83
N LYS A 73 -7.81 8.95 2.36
CA LYS A 73 -7.52 8.86 0.93
C LYS A 73 -8.01 7.51 0.40
N ILE A 74 -7.48 6.45 0.99
CA ILE A 74 -7.85 5.11 0.58
C ILE A 74 -9.38 4.98 0.58
N ARG A 75 -9.98 5.41 1.69
CA ARG A 75 -11.42 5.35 1.82
C ARG A 75 -12.09 6.25 0.79
N GLN A 76 -11.32 7.23 0.31
CA GLN A 76 -11.82 8.16 -0.67
C GLN A 76 -11.29 7.80 -2.07
N SER A 77 -10.69 6.62 -2.15
CA SER A 77 -10.15 6.14 -3.40
C SER A 77 -11.17 5.28 -4.13
N ALA A 78 -11.31 5.53 -5.42
CA ALA A 78 -12.24 4.78 -6.24
C ALA A 78 -11.59 3.47 -6.68
N SER A 79 -12.14 2.91 -7.75
CA SER A 79 -11.62 1.66 -8.28
C SER A 79 -11.39 1.79 -9.79
N PRO A 80 -10.25 1.19 -10.25
CA PRO A 80 -9.36 0.48 -9.34
C PRO A 80 -8.54 1.47 -8.50
N LEU A 81 -8.01 0.96 -7.40
CA LEU A 81 -7.21 1.77 -6.50
C LEU A 81 -5.73 1.42 -6.68
N ARG A 82 -4.96 2.40 -7.14
CA ARG A 82 -3.55 2.21 -7.36
C ARG A 82 -2.77 2.48 -6.07
N LEU A 83 -1.92 1.53 -5.72
CA LEU A 83 -1.11 1.64 -4.52
C LEU A 83 0.33 1.24 -4.83
N GLN A 84 1.24 2.17 -4.56
CA GLN A 84 2.65 1.93 -4.81
C GLN A 84 3.31 1.34 -3.57
N LEU A 85 3.91 0.16 -3.75
CA LEU A 85 4.58 -0.51 -2.66
C LEU A 85 6.09 -0.50 -2.90
N ASP A 86 6.83 -0.28 -1.82
CA ASP A 86 8.28 -0.24 -1.91
C ASP A 86 8.86 -1.60 -1.50
N ARG A 87 9.22 -2.38 -2.50
CA ARG A 87 9.78 -3.70 -2.26
C ARG A 87 11.26 -3.73 -2.65
N SER A 88 12.11 -3.64 -1.64
CA SER A 88 13.55 -3.65 -1.87
C SER A 88 14.20 -4.70 -0.98
N SER A 89 14.68 -5.76 -1.62
CA SER A 89 15.33 -6.84 -0.90
C SER A 89 16.57 -7.30 -1.66
N GLY A 90 17.42 -8.04 -0.96
CA GLY A 90 18.65 -8.54 -1.54
C GLY A 90 19.82 -7.57 -1.29
N PRO A 91 21.06 -8.13 -1.42
CA PRO A 91 22.25 -7.34 -1.20
C PRO A 91 22.51 -6.41 -2.40
N SER A 92 23.26 -5.34 -2.12
CA SER A 92 23.59 -4.38 -3.16
C SER A 92 24.42 -5.05 -4.25
N SER A 93 24.19 -4.61 -5.48
CA SER A 93 24.91 -5.16 -6.61
C SER A 93 24.65 -6.66 -6.72
N GLY A 94 23.55 -6.99 -7.38
CA GLY A 94 23.17 -8.38 -7.57
C GLY A 94 22.01 -8.77 -6.64
N GLY A 1 22.26 -0.18 -15.95
CA GLY A 1 22.67 -1.38 -15.25
C GLY A 1 21.62 -1.79 -14.21
N SER A 2 21.93 -2.85 -13.49
CA SER A 2 21.03 -3.36 -12.47
C SER A 2 19.71 -3.80 -13.10
N SER A 3 19.09 -4.79 -12.48
CA SER A 3 17.83 -5.31 -12.97
C SER A 3 17.28 -6.36 -12.00
N GLY A 4 16.30 -5.94 -11.20
CA GLY A 4 15.70 -6.83 -10.23
C GLY A 4 14.70 -6.07 -9.35
N SER A 5 15.01 -6.02 -8.06
CA SER A 5 14.16 -5.33 -7.11
C SER A 5 13.72 -3.98 -7.68
N SER A 6 12.54 -3.56 -7.26
CA SER A 6 12.00 -2.28 -7.72
C SER A 6 10.57 -2.11 -7.21
N GLY A 7 10.28 -0.89 -6.76
CA GLY A 7 8.96 -0.58 -6.23
C GLY A 7 7.87 -1.13 -7.16
N LEU A 8 6.95 -1.88 -6.56
CA LEU A 8 5.85 -2.47 -7.30
C LEU A 8 4.56 -1.73 -6.96
N THR A 9 3.59 -1.82 -7.86
CA THR A 9 2.31 -1.18 -7.67
C THR A 9 1.21 -2.22 -7.53
N VAL A 10 0.08 -1.78 -6.98
CA VAL A 10 -1.06 -2.66 -6.79
C VAL A 10 -2.28 -2.09 -7.52
N ASP A 11 -3.12 -2.99 -7.99
CA ASP A 11 -4.33 -2.60 -8.70
C ASP A 11 -5.54 -3.29 -8.08
N VAL A 12 -6.10 -2.63 -7.07
CA VAL A 12 -7.27 -3.16 -6.38
C VAL A 12 -8.51 -2.91 -7.22
N ALA A 13 -9.53 -3.72 -6.98
CA ALA A 13 -10.78 -3.60 -7.71
C ALA A 13 -11.92 -3.39 -6.72
N GLY A 14 -12.17 -2.13 -6.40
CA GLY A 14 -13.23 -1.79 -5.47
C GLY A 14 -14.57 -2.35 -5.93
N PRO A 15 -15.67 -1.76 -5.38
CA PRO A 15 -15.53 -0.68 -4.42
C PRO A 15 -15.08 -1.20 -3.06
N ALA A 16 -15.22 -0.35 -2.05
CA ALA A 16 -14.83 -0.72 -0.70
C ALA A 16 -15.91 -1.62 -0.09
N PRO A 17 -15.53 -2.28 1.04
CA PRO A 17 -14.21 -2.12 1.60
C PRO A 17 -13.17 -2.88 0.77
N TRP A 18 -11.91 -2.63 1.08
CA TRP A 18 -10.81 -3.28 0.39
C TRP A 18 -10.57 -4.63 1.05
N GLY A 19 -10.22 -4.58 2.33
CA GLY A 19 -9.95 -5.79 3.09
C GLY A 19 -8.49 -5.85 3.52
N PHE A 20 -7.94 -4.69 3.82
CA PHE A 20 -6.55 -4.59 4.25
C PHE A 20 -6.37 -3.49 5.30
N ARG A 21 -5.38 -3.69 6.16
CA ARG A 21 -5.10 -2.72 7.20
C ARG A 21 -3.72 -2.10 6.98
N ILE A 22 -3.48 -0.99 7.69
CA ILE A 22 -2.22 -0.29 7.58
C ILE A 22 -1.74 0.10 8.98
N SER A 23 -0.55 0.66 9.03
CA SER A 23 0.03 1.10 10.29
C SER A 23 0.99 2.27 10.06
N GLY A 24 1.62 2.69 11.14
CA GLY A 24 2.56 3.81 11.06
C GLY A 24 1.90 5.05 10.45
N GLY A 25 2.64 5.69 9.57
CA GLY A 25 2.14 6.89 8.91
C GLY A 25 2.92 8.13 9.35
N ARG A 26 2.60 9.24 8.73
CA ARG A 26 3.25 10.51 9.04
C ARG A 26 3.04 10.85 10.52
N ASP A 27 1.87 10.48 11.02
CA ASP A 27 1.53 10.75 12.41
C ASP A 27 2.50 9.99 13.32
N PHE A 28 2.70 8.71 12.99
CA PHE A 28 3.59 7.88 13.77
C PHE A 28 5.04 8.00 13.27
N HIS A 29 5.24 8.98 12.40
CA HIS A 29 6.56 9.22 11.84
C HIS A 29 7.10 7.93 11.22
N THR A 30 6.17 7.10 10.77
CA THR A 30 6.54 5.83 10.15
C THR A 30 5.84 5.68 8.81
N PRO A 31 6.41 4.77 7.97
CA PRO A 31 5.86 4.51 6.65
C PRO A 31 4.57 3.69 6.74
N ILE A 32 3.64 3.99 5.85
CA ILE A 32 2.37 3.28 5.82
C ILE A 32 2.61 1.83 5.42
N ILE A 33 2.60 0.96 6.43
CA ILE A 33 2.81 -0.46 6.19
C ILE A 33 1.51 -1.22 6.43
N VAL A 34 1.36 -2.32 5.72
CA VAL A 34 0.17 -3.14 5.85
C VAL A 34 0.37 -4.15 6.98
N THR A 35 -0.61 -4.21 7.86
CA THR A 35 -0.56 -5.13 8.99
C THR A 35 -1.18 -6.49 8.61
N LYS A 36 -2.38 -6.41 8.07
CA LYS A 36 -3.09 -7.61 7.66
C LYS A 36 -3.65 -7.41 6.25
N VAL A 37 -4.04 -8.52 5.64
CA VAL A 37 -4.59 -8.48 4.30
C VAL A 37 -5.70 -9.54 4.18
N THR A 38 -6.93 -9.09 4.35
CA THR A 38 -8.07 -9.98 4.27
C THR A 38 -8.00 -10.82 2.99
N GLU A 39 -8.11 -12.13 3.16
CA GLU A 39 -8.06 -13.04 2.04
C GLU A 39 -9.31 -12.89 1.18
N ARG A 40 -9.19 -13.30 -0.08
CA ARG A 40 -10.30 -13.21 -1.01
C ARG A 40 -10.94 -11.83 -0.96
N GLY A 41 -10.10 -10.84 -0.64
CA GLY A 41 -10.57 -9.47 -0.54
C GLY A 41 -10.00 -8.62 -1.68
N LYS A 42 -10.67 -7.51 -1.95
CA LYS A 42 -10.25 -6.61 -3.00
C LYS A 42 -8.72 -6.51 -2.99
N ALA A 43 -8.18 -6.30 -1.80
CA ALA A 43 -6.74 -6.19 -1.64
C ALA A 43 -6.07 -7.44 -2.21
N GLU A 44 -6.21 -8.53 -1.47
CA GLU A 44 -5.61 -9.80 -1.88
C GLU A 44 -5.90 -10.05 -3.36
N ALA A 45 -7.11 -9.69 -3.77
CA ALA A 45 -7.51 -9.87 -5.15
C ALA A 45 -6.39 -9.40 -6.08
N ALA A 46 -5.84 -8.25 -5.75
CA ALA A 46 -4.76 -7.68 -6.55
C ALA A 46 -3.46 -8.41 -6.21
N ASP A 47 -2.86 -8.03 -5.09
CA ASP A 47 -1.62 -8.62 -4.65
C ASP A 47 -1.06 -7.82 -3.48
N LEU A 48 -1.96 -7.42 -2.59
CA LEU A 48 -1.56 -6.65 -1.42
C LEU A 48 -1.27 -7.61 -0.26
N ARG A 49 -0.13 -7.37 0.39
CA ARG A 49 0.28 -8.19 1.51
C ARG A 49 0.74 -7.32 2.67
N PRO A 50 0.71 -7.93 3.89
CA PRO A 50 1.12 -7.21 5.09
C PRO A 50 2.65 -7.07 5.15
N GLY A 51 3.09 -5.83 5.30
CA GLY A 51 4.51 -5.55 5.37
C GLY A 51 4.96 -4.66 4.22
N ASP A 52 4.08 -4.55 3.22
CA ASP A 52 4.38 -3.74 2.05
C ASP A 52 4.30 -2.26 2.44
N ILE A 53 5.39 -1.56 2.17
CA ILE A 53 5.46 -0.14 2.48
C ILE A 53 4.79 0.66 1.36
N ILE A 54 3.68 1.29 1.71
CA ILE A 54 2.94 2.09 0.74
C ILE A 54 3.72 3.36 0.44
N VAL A 55 4.21 3.44 -0.79
CA VAL A 55 4.98 4.61 -1.22
C VAL A 55 4.02 5.74 -1.58
N ALA A 56 3.02 5.39 -2.39
CA ALA A 56 2.04 6.36 -2.83
C ALA A 56 0.64 5.75 -2.70
N ILE A 57 -0.36 6.60 -2.87
CA ILE A 57 -1.74 6.16 -2.77
C ILE A 57 -2.51 6.67 -4.00
N ASN A 58 -2.71 5.75 -4.94
CA ASN A 58 -3.44 6.09 -6.16
C ASN A 58 -2.55 6.95 -7.05
N GLY A 59 -1.31 7.11 -6.62
CA GLY A 59 -0.34 7.91 -7.36
C GLY A 59 0.17 9.08 -6.51
N GLN A 60 -0.52 9.31 -5.41
CA GLN A 60 -0.14 10.39 -4.51
C GLN A 60 0.80 9.87 -3.43
N SER A 61 1.98 10.46 -3.40
CA SER A 61 3.00 10.07 -2.41
C SER A 61 2.33 9.81 -1.06
N ALA A 62 2.91 8.87 -0.33
CA ALA A 62 2.40 8.51 0.98
C ALA A 62 3.52 8.61 2.02
N GLU A 63 4.62 9.22 1.59
CA GLU A 63 5.77 9.38 2.46
C GLU A 63 5.39 10.23 3.68
N ASN A 64 4.50 11.18 3.44
CA ASN A 64 4.05 12.07 4.51
C ASN A 64 2.53 11.98 4.63
N MET A 65 2.04 10.74 4.65
CA MET A 65 0.61 10.51 4.76
C MET A 65 0.25 10.00 6.16
N LEU A 66 -0.35 10.87 6.94
CA LEU A 66 -0.76 10.51 8.29
C LEU A 66 -1.56 9.21 8.25
N HIS A 67 -1.71 8.61 9.43
CA HIS A 67 -2.45 7.37 9.54
C HIS A 67 -3.91 7.60 9.14
N ALA A 68 -4.33 8.84 9.28
CA ALA A 68 -5.69 9.22 8.93
C ALA A 68 -5.74 9.71 7.49
N GLU A 69 -4.59 10.13 7.00
CA GLU A 69 -4.47 10.63 5.64
C GLU A 69 -4.62 9.47 4.65
N ALA A 70 -3.72 8.51 4.77
CA ALA A 70 -3.73 7.35 3.90
C ALA A 70 -5.08 6.65 4.01
N GLN A 71 -5.59 6.59 5.23
CA GLN A 71 -6.87 5.95 5.48
C GLN A 71 -7.98 6.69 4.72
N SER A 72 -8.04 7.99 4.92
CA SER A 72 -9.05 8.81 4.27
C SER A 72 -8.97 8.62 2.75
N LYS A 73 -7.79 8.92 2.21
CA LYS A 73 -7.57 8.79 0.79
C LYS A 73 -8.09 7.43 0.32
N ILE A 74 -7.55 6.39 0.94
CA ILE A 74 -7.95 5.03 0.60
C ILE A 74 -9.48 4.92 0.63
N ARG A 75 -10.06 5.54 1.65
CA ARG A 75 -11.50 5.52 1.81
C ARG A 75 -12.17 6.26 0.65
N GLN A 76 -11.54 7.36 0.25
CA GLN A 76 -12.06 8.17 -0.84
C GLN A 76 -11.33 7.84 -2.14
N SER A 77 -11.00 6.58 -2.29
CA SER A 77 -10.30 6.13 -3.49
C SER A 77 -11.22 5.28 -4.35
N ALA A 78 -11.30 5.65 -5.62
CA ALA A 78 -12.15 4.94 -6.57
C ALA A 78 -11.44 3.67 -7.02
N SER A 79 -12.12 2.91 -7.87
CA SER A 79 -11.56 1.66 -8.38
C SER A 79 -11.26 1.80 -9.87
N PRO A 80 -10.10 1.21 -10.28
CA PRO A 80 -9.26 0.50 -9.33
C PRO A 80 -8.47 1.48 -8.46
N LEU A 81 -7.98 0.97 -7.33
CA LEU A 81 -7.23 1.78 -6.41
C LEU A 81 -5.73 1.43 -6.52
N ARG A 82 -5.01 2.27 -7.25
CA ARG A 82 -3.59 2.06 -7.44
C ARG A 82 -2.83 2.34 -6.14
N LEU A 83 -1.92 1.42 -5.83
CA LEU A 83 -1.12 1.55 -4.62
C LEU A 83 0.32 1.15 -4.92
N GLN A 84 1.21 2.10 -4.72
CA GLN A 84 2.63 1.86 -4.98
C GLN A 84 3.31 1.36 -3.70
N LEU A 85 3.77 0.12 -3.76
CA LEU A 85 4.44 -0.48 -2.62
C LEU A 85 5.96 -0.44 -2.85
N ASP A 86 6.67 -0.20 -1.77
CA ASP A 86 8.13 -0.13 -1.83
C ASP A 86 8.72 -1.48 -1.45
N ARG A 87 9.11 -2.24 -2.48
CA ARG A 87 9.69 -3.55 -2.26
C ARG A 87 11.09 -3.62 -2.86
N SER A 88 12.08 -3.61 -1.99
CA SER A 88 13.47 -3.66 -2.43
C SER A 88 14.30 -4.50 -1.44
N SER A 89 14.31 -5.79 -1.69
CA SER A 89 15.05 -6.71 -0.83
C SER A 89 15.71 -7.81 -1.67
N GLY A 90 16.98 -8.03 -1.40
CA GLY A 90 17.72 -9.05 -2.12
C GLY A 90 17.19 -10.46 -1.82
N PRO A 91 17.69 -11.45 -2.58
CA PRO A 91 17.26 -12.83 -2.40
C PRO A 91 17.89 -13.44 -1.15
N SER A 92 17.48 -14.65 -0.84
CA SER A 92 17.99 -15.35 0.33
C SER A 92 17.74 -16.86 0.20
N SER A 93 18.80 -17.62 0.38
CA SER A 93 18.72 -19.07 0.28
C SER A 93 18.37 -19.67 1.65
N GLY A 94 17.08 -19.92 1.84
CA GLY A 94 16.61 -20.50 3.09
C GLY A 94 16.77 -22.01 3.09
N GLY A 1 22.50 8.85 -18.08
CA GLY A 1 23.12 7.58 -17.75
C GLY A 1 22.07 6.48 -17.59
N SER A 2 22.44 5.45 -16.84
CA SER A 2 21.53 4.33 -16.60
C SER A 2 20.59 4.67 -15.45
N SER A 3 19.35 4.22 -15.59
CA SER A 3 18.34 4.47 -14.57
C SER A 3 17.89 3.15 -13.96
N GLY A 4 17.15 3.26 -12.86
CA GLY A 4 16.66 2.08 -12.17
C GLY A 4 16.22 2.43 -10.74
N SER A 5 14.97 2.12 -10.45
CA SER A 5 14.42 2.39 -9.13
C SER A 5 13.56 1.21 -8.68
N SER A 6 13.44 1.09 -7.36
CA SER A 6 12.65 0.01 -6.78
C SER A 6 11.24 0.51 -6.46
N GLY A 7 10.36 -0.44 -6.18
CA GLY A 7 8.98 -0.10 -5.87
C GLY A 7 8.03 -0.56 -6.97
N LEU A 8 7.04 -1.34 -6.58
CA LEU A 8 6.06 -1.85 -7.52
C LEU A 8 4.67 -1.32 -7.16
N THR A 9 3.81 -1.27 -8.16
CA THR A 9 2.45 -0.79 -7.96
C THR A 9 1.46 -1.95 -7.98
N VAL A 10 0.28 -1.69 -7.43
CA VAL A 10 -0.76 -2.70 -7.38
C VAL A 10 -2.10 -2.08 -7.76
N ASP A 11 -2.93 -2.86 -8.42
CA ASP A 11 -4.24 -2.40 -8.84
C ASP A 11 -5.32 -3.15 -8.06
N VAL A 12 -5.98 -2.41 -7.17
CA VAL A 12 -7.03 -2.99 -6.37
C VAL A 12 -8.39 -2.47 -6.86
N ALA A 13 -9.09 -3.35 -7.56
CA ALA A 13 -10.40 -3.00 -8.09
C ALA A 13 -11.48 -3.46 -7.11
N GLY A 14 -12.08 -2.49 -6.44
CA GLY A 14 -13.12 -2.78 -5.47
C GLY A 14 -14.50 -2.82 -6.15
N PRO A 15 -15.27 -1.74 -5.93
CA PRO A 15 -14.81 -0.63 -5.10
C PRO A 15 -14.85 -1.01 -3.62
N ALA A 16 -14.38 -0.08 -2.79
CA ALA A 16 -14.36 -0.30 -1.36
C ALA A 16 -15.64 -1.02 -0.93
N PRO A 17 -15.56 -1.68 0.24
CA PRO A 17 -14.32 -1.68 1.02
C PRO A 17 -13.28 -2.60 0.40
N TRP A 18 -12.06 -2.49 0.91
CA TRP A 18 -10.96 -3.30 0.40
C TRP A 18 -10.84 -4.53 1.31
N GLY A 19 -10.44 -4.28 2.54
CA GLY A 19 -10.27 -5.36 3.51
C GLY A 19 -8.82 -5.48 3.96
N PHE A 20 -8.18 -4.32 4.11
CA PHE A 20 -6.80 -4.29 4.54
C PHE A 20 -6.56 -3.13 5.51
N ARG A 21 -5.58 -3.33 6.39
CA ARG A 21 -5.24 -2.31 7.38
C ARG A 21 -3.82 -1.79 7.14
N ILE A 22 -3.51 -0.69 7.80
CA ILE A 22 -2.20 -0.08 7.67
C ILE A 22 -1.67 0.28 9.06
N SER A 23 -0.42 0.73 9.09
CA SER A 23 0.21 1.12 10.34
C SER A 23 1.17 2.29 10.10
N GLY A 24 1.79 2.72 11.18
CA GLY A 24 2.73 3.82 11.11
C GLY A 24 2.06 5.07 10.51
N GLY A 25 2.74 5.66 9.54
CA GLY A 25 2.23 6.86 8.90
C GLY A 25 3.00 8.10 9.34
N ARG A 26 2.75 9.20 8.65
CA ARG A 26 3.40 10.46 8.97
C ARG A 26 3.20 10.80 10.45
N ASP A 27 2.00 10.52 10.92
CA ASP A 27 1.66 10.79 12.31
C ASP A 27 2.64 10.06 13.22
N PHE A 28 2.87 8.79 12.90
CA PHE A 28 3.79 7.98 13.68
C PHE A 28 5.21 8.07 13.14
N HIS A 29 5.41 9.04 12.26
CA HIS A 29 6.71 9.24 11.65
C HIS A 29 7.22 7.94 11.05
N THR A 30 6.27 7.11 10.61
CA THR A 30 6.60 5.83 10.02
C THR A 30 5.89 5.67 8.68
N PRO A 31 6.43 4.75 7.84
CA PRO A 31 5.87 4.48 6.53
C PRO A 31 4.57 3.67 6.65
N ILE A 32 3.64 3.98 5.77
CA ILE A 32 2.36 3.29 5.76
C ILE A 32 2.58 1.82 5.36
N ILE A 33 2.54 0.96 6.37
CA ILE A 33 2.73 -0.46 6.14
C ILE A 33 1.43 -1.19 6.41
N VAL A 34 1.20 -2.24 5.64
CA VAL A 34 0.00 -3.04 5.78
C VAL A 34 0.15 -3.99 6.98
N THR A 35 -0.91 -4.04 7.79
CA THR A 35 -0.90 -4.89 8.97
C THR A 35 -1.60 -6.22 8.67
N LYS A 36 -2.80 -6.11 8.11
CA LYS A 36 -3.58 -7.28 7.77
C LYS A 36 -4.03 -7.19 6.31
N VAL A 37 -4.38 -8.34 5.77
CA VAL A 37 -4.82 -8.41 4.38
C VAL A 37 -5.94 -9.45 4.26
N THR A 38 -7.16 -8.95 4.11
CA THR A 38 -8.32 -9.81 3.98
C THR A 38 -8.06 -10.89 2.93
N GLU A 39 -8.27 -12.13 3.34
CA GLU A 39 -8.06 -13.26 2.44
C GLU A 39 -9.20 -13.34 1.42
N ARG A 40 -8.82 -13.70 0.20
CA ARG A 40 -9.80 -13.82 -0.87
C ARG A 40 -10.72 -12.59 -0.89
N GLY A 41 -10.14 -11.45 -0.57
CA GLY A 41 -10.90 -10.21 -0.54
C GLY A 41 -10.57 -9.35 -1.77
N LYS A 42 -10.61 -8.04 -1.56
CA LYS A 42 -10.33 -7.11 -2.64
C LYS A 42 -8.82 -6.88 -2.74
N ALA A 43 -8.23 -6.64 -1.59
CA ALA A 43 -6.79 -6.40 -1.52
C ALA A 43 -6.05 -7.62 -2.08
N GLU A 44 -6.07 -8.68 -1.28
CA GLU A 44 -5.40 -9.92 -1.68
C GLU A 44 -5.68 -10.22 -3.15
N ALA A 45 -6.94 -10.05 -3.53
CA ALA A 45 -7.36 -10.30 -4.90
C ALA A 45 -6.32 -9.71 -5.86
N ALA A 46 -6.01 -8.44 -5.63
CA ALA A 46 -5.04 -7.75 -6.46
C ALA A 46 -3.65 -8.35 -6.22
N ASP A 47 -2.95 -7.76 -5.26
CA ASP A 47 -1.61 -8.22 -4.92
C ASP A 47 -1.10 -7.43 -3.71
N LEU A 48 -2.00 -7.16 -2.79
CA LEU A 48 -1.65 -6.42 -1.59
C LEU A 48 -1.36 -7.40 -0.46
N ARG A 49 -0.19 -7.21 0.16
CA ARG A 49 0.23 -8.07 1.25
C ARG A 49 0.58 -7.22 2.47
N PRO A 50 0.54 -7.89 3.66
CA PRO A 50 0.85 -7.22 4.91
C PRO A 50 2.35 -7.00 5.06
N GLY A 51 2.72 -5.74 5.27
CA GLY A 51 4.13 -5.39 5.41
C GLY A 51 4.58 -4.45 4.30
N ASP A 52 3.93 -4.58 3.16
CA ASP A 52 4.26 -3.76 2.01
C ASP A 52 4.20 -2.28 2.41
N ILE A 53 5.28 -1.58 2.10
CA ILE A 53 5.37 -0.16 2.42
C ILE A 53 4.71 0.66 1.31
N ILE A 54 3.60 1.29 1.66
CA ILE A 54 2.87 2.10 0.71
C ILE A 54 3.67 3.36 0.39
N VAL A 55 4.15 3.41 -0.85
CA VAL A 55 4.94 4.55 -1.29
C VAL A 55 4.00 5.71 -1.64
N ALA A 56 2.98 5.40 -2.42
CA ALA A 56 2.01 6.39 -2.83
C ALA A 56 0.60 5.80 -2.74
N ILE A 57 -0.38 6.67 -2.93
CA ILE A 57 -1.77 6.25 -2.88
C ILE A 57 -2.51 6.79 -4.10
N ASN A 58 -2.71 5.90 -5.08
CA ASN A 58 -3.40 6.28 -6.30
C ASN A 58 -2.50 7.18 -7.13
N GLY A 59 -1.25 7.30 -6.70
CA GLY A 59 -0.28 8.13 -7.38
C GLY A 59 0.21 9.27 -6.48
N GLN A 60 -0.48 9.43 -5.35
CA GLN A 60 -0.12 10.46 -4.41
C GLN A 60 0.83 9.91 -3.35
N SER A 61 2.02 10.51 -3.30
CA SER A 61 3.03 10.08 -2.34
C SER A 61 2.37 9.79 -0.99
N ALA A 62 2.91 8.79 -0.31
CA ALA A 62 2.38 8.40 0.99
C ALA A 62 3.53 8.40 2.01
N GLU A 63 4.66 8.96 1.59
CA GLU A 63 5.82 9.03 2.45
C GLU A 63 5.52 9.87 3.69
N ASN A 64 4.71 10.91 3.48
CA ASN A 64 4.34 11.79 4.56
C ASN A 64 2.81 11.83 4.69
N MET A 65 2.23 10.65 4.87
CA MET A 65 0.79 10.54 4.99
C MET A 65 0.39 10.11 6.41
N LEU A 66 -0.47 10.91 7.02
CA LEU A 66 -0.93 10.61 8.37
C LEU A 66 -1.76 9.33 8.35
N HIS A 67 -1.74 8.63 9.47
CA HIS A 67 -2.49 7.40 9.59
C HIS A 67 -3.96 7.63 9.21
N ALA A 68 -4.37 8.88 9.33
CA ALA A 68 -5.74 9.25 9.00
C ALA A 68 -5.80 9.70 7.54
N GLU A 69 -4.66 10.20 7.05
CA GLU A 69 -4.57 10.65 5.68
C GLU A 69 -4.67 9.47 4.72
N ALA A 70 -3.80 8.49 4.93
CA ALA A 70 -3.77 7.31 4.09
C ALA A 70 -5.11 6.57 4.23
N GLN A 71 -5.63 6.59 5.44
CA GLN A 71 -6.90 5.92 5.72
C GLN A 71 -8.03 6.61 4.95
N SER A 72 -8.06 7.93 5.05
CA SER A 72 -9.09 8.70 4.37
C SER A 72 -8.99 8.49 2.86
N LYS A 73 -7.82 8.80 2.32
CA LYS A 73 -7.58 8.65 0.90
C LYS A 73 -8.05 7.27 0.45
N ILE A 74 -7.49 6.25 1.09
CA ILE A 74 -7.85 4.87 0.78
C ILE A 74 -9.37 4.71 0.85
N ARG A 75 -9.91 5.09 2.00
CA ARG A 75 -11.35 4.98 2.21
C ARG A 75 -12.10 5.83 1.18
N GLN A 76 -11.37 6.75 0.58
CA GLN A 76 -11.94 7.64 -0.42
C GLN A 76 -11.31 7.37 -1.79
N SER A 77 -10.80 6.16 -1.95
CA SER A 77 -10.16 5.77 -3.20
C SER A 77 -11.12 4.91 -4.02
N ALA A 78 -11.37 5.35 -5.24
CA ALA A 78 -12.27 4.64 -6.14
C ALA A 78 -11.53 3.44 -6.74
N SER A 79 -12.26 2.66 -7.51
CA SER A 79 -11.69 1.48 -8.15
C SER A 79 -11.49 1.74 -9.65
N PRO A 80 -10.34 1.24 -10.17
CA PRO A 80 -9.39 0.53 -9.33
C PRO A 80 -8.61 1.49 -8.44
N LEU A 81 -8.01 0.93 -7.39
CA LEU A 81 -7.24 1.72 -6.46
C LEU A 81 -5.76 1.37 -6.61
N ARG A 82 -5.02 2.27 -7.25
CA ARG A 82 -3.60 2.06 -7.46
C ARG A 82 -2.81 2.41 -6.19
N LEU A 83 -1.98 1.47 -5.78
CA LEU A 83 -1.17 1.68 -4.59
C LEU A 83 0.27 1.25 -4.87
N GLN A 84 1.17 2.20 -4.68
CA GLN A 84 2.58 1.94 -4.92
C GLN A 84 3.23 1.33 -3.67
N LEU A 85 3.79 0.16 -3.85
CA LEU A 85 4.44 -0.55 -2.75
C LEU A 85 5.95 -0.52 -2.97
N ASP A 86 6.67 -0.31 -1.88
CA ASP A 86 8.13 -0.25 -1.93
C ASP A 86 8.69 -1.62 -1.53
N ARG A 87 9.09 -2.38 -2.54
CA ARG A 87 9.64 -3.70 -2.30
C ARG A 87 11.14 -3.70 -2.59
N SER A 88 11.92 -3.75 -1.52
CA SER A 88 13.37 -3.75 -1.64
C SER A 88 13.97 -4.81 -0.72
N SER A 89 13.89 -6.06 -1.18
CA SER A 89 14.42 -7.17 -0.42
C SER A 89 14.50 -8.42 -1.30
N GLY A 90 15.13 -9.45 -0.75
CA GLY A 90 15.29 -10.70 -1.48
C GLY A 90 14.88 -11.89 -0.60
N PRO A 91 14.58 -13.03 -1.28
CA PRO A 91 14.18 -14.23 -0.58
C PRO A 91 15.38 -14.91 0.08
N SER A 92 15.08 -15.85 0.96
CA SER A 92 16.12 -16.58 1.68
C SER A 92 15.89 -18.08 1.54
N SER A 93 16.96 -18.78 1.16
CA SER A 93 16.90 -20.22 0.99
C SER A 93 16.72 -20.90 2.35
N GLY A 94 15.74 -21.79 2.42
CA GLY A 94 15.46 -22.51 3.64
C GLY A 94 14.29 -23.47 3.46
N GLY A 1 25.39 -1.74 -20.03
CA GLY A 1 24.12 -2.44 -19.94
C GLY A 1 23.00 -1.50 -19.50
N SER A 2 22.17 -2.00 -18.59
CA SER A 2 21.07 -1.22 -18.07
C SER A 2 20.54 -1.84 -16.77
N SER A 3 19.82 -1.04 -16.01
CA SER A 3 19.26 -1.50 -14.75
C SER A 3 17.76 -1.21 -14.71
N GLY A 4 17.12 -1.75 -13.67
CA GLY A 4 15.69 -1.55 -13.50
C GLY A 4 15.40 -0.58 -12.35
N SER A 5 14.15 -0.59 -11.92
CA SER A 5 13.74 0.28 -10.83
C SER A 5 13.23 -0.57 -9.65
N SER A 6 12.88 0.13 -8.58
CA SER A 6 12.38 -0.54 -7.39
C SER A 6 11.01 0.03 -7.02
N GLY A 7 10.20 -0.83 -6.41
CA GLY A 7 8.87 -0.43 -5.98
C GLY A 7 7.80 -0.94 -6.96
N LEU A 8 6.91 -1.76 -6.45
CA LEU A 8 5.84 -2.32 -7.27
C LEU A 8 4.52 -1.65 -6.90
N THR A 9 3.58 -1.70 -7.85
CA THR A 9 2.27 -1.10 -7.64
C THR A 9 1.19 -2.17 -7.71
N VAL A 10 0.09 -1.91 -7.01
CA VAL A 10 -1.03 -2.84 -6.99
C VAL A 10 -2.25 -2.16 -7.60
N ASP A 11 -3.16 -2.99 -8.10
CA ASP A 11 -4.37 -2.48 -8.71
C ASP A 11 -5.58 -3.22 -8.13
N VAL A 12 -6.17 -2.62 -7.12
CA VAL A 12 -7.33 -3.22 -6.47
C VAL A 12 -8.59 -2.91 -7.29
N ALA A 13 -9.58 -3.76 -7.13
CA ALA A 13 -10.84 -3.60 -7.85
C ALA A 13 -11.97 -3.35 -6.85
N GLY A 14 -12.30 -2.07 -6.69
CA GLY A 14 -13.35 -1.68 -5.77
C GLY A 14 -14.66 -2.43 -6.08
N PRO A 15 -15.77 -1.91 -5.51
CA PRO A 15 -15.70 -0.73 -4.66
C PRO A 15 -15.10 -1.07 -3.29
N ALA A 16 -15.31 -0.16 -2.34
CA ALA A 16 -14.81 -0.35 -1.00
C ALA A 16 -15.90 -1.02 -0.14
N PRO A 17 -15.46 -1.51 1.05
CA PRO A 17 -14.07 -1.41 1.44
C PRO A 17 -13.21 -2.41 0.67
N TRP A 18 -11.89 -2.24 0.80
CA TRP A 18 -10.95 -3.13 0.13
C TRP A 18 -10.87 -4.42 0.93
N GLY A 19 -10.34 -4.29 2.14
CA GLY A 19 -10.18 -5.44 3.02
C GLY A 19 -8.74 -5.58 3.49
N PHE A 20 -8.11 -4.44 3.75
CA PHE A 20 -6.73 -4.42 4.20
C PHE A 20 -6.49 -3.28 5.19
N ARG A 21 -5.63 -3.56 6.16
CA ARG A 21 -5.30 -2.57 7.17
C ARG A 21 -3.95 -1.91 6.85
N ILE A 22 -3.54 -1.02 7.75
CA ILE A 22 -2.28 -0.32 7.58
C ILE A 22 -1.76 0.11 8.95
N SER A 23 -0.55 0.66 8.94
CA SER A 23 0.08 1.11 10.16
C SER A 23 1.04 2.26 9.87
N GLY A 24 1.63 2.79 10.94
CA GLY A 24 2.57 3.89 10.80
C GLY A 24 1.88 5.14 10.24
N GLY A 25 2.64 5.87 9.42
CA GLY A 25 2.12 7.08 8.82
C GLY A 25 2.83 8.32 9.36
N ARG A 26 2.80 9.38 8.57
CA ARG A 26 3.44 10.62 8.96
C ARG A 26 3.21 10.89 10.45
N ASP A 27 2.05 10.50 10.92
CA ASP A 27 1.70 10.69 12.33
C ASP A 27 2.77 10.03 13.20
N PHE A 28 2.94 8.73 12.99
CA PHE A 28 3.92 7.97 13.75
C PHE A 28 5.32 8.09 13.11
N HIS A 29 5.43 9.03 12.19
CA HIS A 29 6.70 9.26 11.51
C HIS A 29 7.19 7.94 10.90
N THR A 30 6.24 7.09 10.55
CA THR A 30 6.56 5.80 9.97
C THR A 30 5.86 5.63 8.62
N PRO A 31 6.41 4.70 7.80
CA PRO A 31 5.84 4.43 6.48
C PRO A 31 4.55 3.62 6.60
N ILE A 32 3.61 3.93 5.73
CA ILE A 32 2.34 3.25 5.72
C ILE A 32 2.55 1.78 5.32
N ILE A 33 2.55 0.92 6.32
CA ILE A 33 2.74 -0.50 6.09
C ILE A 33 1.42 -1.24 6.34
N VAL A 34 1.23 -2.30 5.57
CA VAL A 34 0.02 -3.11 5.69
C VAL A 34 0.19 -4.11 6.83
N THR A 35 -0.72 -4.06 7.78
CA THR A 35 -0.69 -4.96 8.91
C THR A 35 -1.24 -6.33 8.53
N LYS A 36 -2.48 -6.32 8.04
CA LYS A 36 -3.12 -7.56 7.64
C LYS A 36 -4.11 -7.26 6.51
N VAL A 37 -4.24 -8.22 5.60
CA VAL A 37 -5.14 -8.07 4.48
C VAL A 37 -6.11 -9.25 4.44
N THR A 38 -7.39 -8.93 4.35
CA THR A 38 -8.43 -9.94 4.31
C THR A 38 -8.09 -11.00 3.26
N GLU A 39 -7.75 -12.19 3.74
CA GLU A 39 -7.40 -13.29 2.85
C GLU A 39 -8.53 -13.53 1.85
N ARG A 40 -8.16 -14.10 0.71
CA ARG A 40 -9.12 -14.39 -0.33
C ARG A 40 -10.10 -13.22 -0.49
N GLY A 41 -9.60 -12.03 -0.20
CA GLY A 41 -10.42 -10.83 -0.30
C GLY A 41 -10.07 -10.04 -1.56
N LYS A 42 -10.41 -8.76 -1.53
CA LYS A 42 -10.14 -7.89 -2.65
C LYS A 42 -8.64 -7.57 -2.71
N ALA A 43 -8.16 -6.97 -1.64
CA ALA A 43 -6.76 -6.61 -1.54
C ALA A 43 -5.91 -7.77 -2.06
N GLU A 44 -6.03 -8.91 -1.39
CA GLU A 44 -5.29 -10.10 -1.79
C GLU A 44 -5.60 -10.48 -3.24
N ALA A 45 -6.89 -10.48 -3.54
CA ALA A 45 -7.34 -10.82 -4.88
C ALA A 45 -6.49 -10.07 -5.90
N ALA A 46 -6.17 -8.83 -5.56
CA ALA A 46 -5.37 -7.99 -6.44
C ALA A 46 -3.91 -8.41 -6.35
N ASP A 47 -3.17 -7.68 -5.53
CA ASP A 47 -1.75 -7.97 -5.34
C ASP A 47 -1.24 -7.25 -4.09
N LEU A 48 -2.16 -7.06 -3.15
CA LEU A 48 -1.82 -6.38 -1.91
C LEU A 48 -1.53 -7.43 -0.83
N ARG A 49 -0.70 -7.03 0.13
CA ARG A 49 -0.33 -7.91 1.22
C ARG A 49 0.22 -7.12 2.40
N PRO A 50 0.17 -7.74 3.60
CA PRO A 50 0.66 -7.10 4.80
C PRO A 50 2.19 -7.09 4.84
N GLY A 51 2.74 -5.92 5.08
CA GLY A 51 4.18 -5.76 5.13
C GLY A 51 4.69 -4.90 3.97
N ASP A 52 3.77 -4.55 3.09
CA ASP A 52 4.10 -3.74 1.94
C ASP A 52 4.10 -2.26 2.33
N ILE A 53 5.22 -1.61 2.05
CA ILE A 53 5.37 -0.19 2.38
C ILE A 53 4.72 0.65 1.27
N ILE A 54 3.63 1.29 1.63
CA ILE A 54 2.91 2.13 0.68
C ILE A 54 3.72 3.40 0.42
N VAL A 55 4.27 3.47 -0.79
CA VAL A 55 5.07 4.63 -1.17
C VAL A 55 4.13 5.79 -1.52
N ALA A 56 3.15 5.48 -2.34
CA ALA A 56 2.19 6.49 -2.76
C ALA A 56 0.77 5.91 -2.70
N ILE A 57 -0.20 6.77 -2.93
CA ILE A 57 -1.59 6.35 -2.90
C ILE A 57 -2.32 6.93 -4.12
N ASN A 58 -2.51 6.07 -5.11
CA ASN A 58 -3.19 6.48 -6.33
C ASN A 58 -2.26 7.39 -7.14
N GLY A 59 -1.00 7.41 -6.74
CA GLY A 59 0.00 8.23 -7.41
C GLY A 59 0.46 9.37 -6.52
N GLN A 60 -0.19 9.50 -5.38
CA GLN A 60 0.14 10.55 -4.42
C GLN A 60 1.05 9.99 -3.32
N SER A 61 2.25 10.56 -3.25
CA SER A 61 3.22 10.13 -2.25
C SER A 61 2.51 9.86 -0.92
N ALA A 62 3.06 8.91 -0.17
CA ALA A 62 2.50 8.55 1.11
C ALA A 62 3.57 8.68 2.19
N GLU A 63 4.71 9.20 1.78
CA GLU A 63 5.82 9.39 2.69
C GLU A 63 5.41 10.28 3.87
N ASN A 64 4.52 11.22 3.57
CA ASN A 64 4.03 12.13 4.59
C ASN A 64 2.51 12.03 4.67
N MET A 65 2.04 10.83 5.00
CA MET A 65 0.61 10.58 5.12
C MET A 65 0.25 10.09 6.52
N LEU A 66 -0.61 10.85 7.18
CA LEU A 66 -1.02 10.50 8.53
C LEU A 66 -1.89 9.24 8.47
N HIS A 67 -1.87 8.51 9.58
CA HIS A 67 -2.64 7.28 9.67
C HIS A 67 -4.11 7.55 9.30
N ALA A 68 -4.48 8.82 9.42
CA ALA A 68 -5.84 9.22 9.10
C ALA A 68 -5.90 9.69 7.65
N GLU A 69 -4.77 10.17 7.17
CA GLU A 69 -4.68 10.66 5.79
C GLU A 69 -4.80 9.50 4.82
N ALA A 70 -3.92 8.52 4.98
CA ALA A 70 -3.92 7.36 4.12
C ALA A 70 -5.25 6.63 4.26
N GLN A 71 -5.74 6.58 5.49
CA GLN A 71 -7.00 5.92 5.77
C GLN A 71 -8.15 6.61 5.02
N SER A 72 -8.11 7.93 5.04
CA SER A 72 -9.13 8.71 4.36
C SER A 72 -8.99 8.56 2.84
N LYS A 73 -7.79 8.85 2.36
CA LYS A 73 -7.52 8.75 0.94
C LYS A 73 -7.97 7.38 0.44
N ILE A 74 -7.42 6.34 1.05
CA ILE A 74 -7.76 4.99 0.67
C ILE A 74 -9.28 4.81 0.71
N ARG A 75 -9.87 5.33 1.77
CA ARG A 75 -11.31 5.24 1.95
C ARG A 75 -12.03 6.06 0.87
N GLN A 76 -11.35 7.10 0.42
CA GLN A 76 -11.91 7.97 -0.61
C GLN A 76 -11.15 7.77 -1.93
N SER A 77 -10.83 6.52 -2.22
CA SER A 77 -10.11 6.20 -3.43
C SER A 77 -11.02 5.43 -4.38
N ALA A 78 -11.12 5.94 -5.61
CA ALA A 78 -11.96 5.30 -6.61
C ALA A 78 -11.23 4.08 -7.19
N SER A 79 -12.01 3.18 -7.75
CA SER A 79 -11.45 1.97 -8.33
C SER A 79 -11.18 2.17 -9.82
N PRO A 80 -10.07 1.57 -10.30
CA PRO A 80 -9.22 0.77 -9.42
C PRO A 80 -8.38 1.67 -8.52
N LEU A 81 -7.86 1.08 -7.45
CA LEU A 81 -7.04 1.81 -6.51
C LEU A 81 -5.57 1.43 -6.71
N ARG A 82 -4.82 2.39 -7.22
CA ARG A 82 -3.40 2.18 -7.46
C ARG A 82 -2.59 2.53 -6.23
N LEU A 83 -1.91 1.51 -5.69
CA LEU A 83 -1.10 1.70 -4.51
C LEU A 83 0.34 1.26 -4.81
N GLN A 84 1.25 2.22 -4.71
CA GLN A 84 2.65 1.94 -4.97
C GLN A 84 3.33 1.42 -3.70
N LEU A 85 3.76 0.17 -3.77
CA LEU A 85 4.43 -0.45 -2.64
C LEU A 85 5.94 -0.46 -2.89
N ASP A 86 6.68 -0.26 -1.81
CA ASP A 86 8.14 -0.25 -1.89
C ASP A 86 8.68 -1.61 -1.46
N ARG A 87 9.04 -2.41 -2.46
CA ARG A 87 9.58 -3.73 -2.21
C ARG A 87 11.06 -3.79 -2.59
N SER A 88 11.91 -3.76 -1.57
CA SER A 88 13.34 -3.81 -1.79
C SER A 88 13.93 -5.08 -1.17
N SER A 89 13.82 -6.16 -1.92
CA SER A 89 14.34 -7.44 -1.46
C SER A 89 15.81 -7.31 -1.07
N GLY A 90 16.31 -8.33 -0.40
CA GLY A 90 17.70 -8.35 0.04
C GLY A 90 18.14 -9.76 0.41
N PRO A 91 19.43 -9.86 0.84
CA PRO A 91 19.98 -11.14 1.24
C PRO A 91 19.46 -11.58 2.60
N SER A 92 18.59 -12.58 2.57
CA SER A 92 18.01 -13.10 3.80
C SER A 92 17.35 -14.46 3.53
N SER A 93 17.07 -15.17 4.60
CA SER A 93 16.45 -16.48 4.51
C SER A 93 15.76 -16.84 5.82
N GLY A 94 14.44 -16.98 5.75
CA GLY A 94 13.66 -17.32 6.92
C GLY A 94 13.61 -18.83 7.14
N GLY A 1 26.12 -2.65 -12.16
CA GLY A 1 25.85 -1.76 -13.28
C GLY A 1 24.46 -1.14 -13.16
N SER A 2 24.41 0.03 -12.55
CA SER A 2 23.15 0.73 -12.37
C SER A 2 22.21 -0.09 -11.48
N SER A 3 21.33 0.61 -10.78
CA SER A 3 20.38 -0.03 -9.90
C SER A 3 18.99 -0.07 -10.56
N GLY A 4 18.52 -1.29 -10.78
CA GLY A 4 17.21 -1.48 -11.39
C GLY A 4 16.13 -0.73 -10.62
N SER A 5 15.04 -0.43 -11.32
CA SER A 5 13.93 0.28 -10.71
C SER A 5 13.59 -0.34 -9.36
N SER A 6 12.86 0.43 -8.55
CA SER A 6 12.47 -0.04 -7.24
C SER A 6 11.04 0.42 -6.93
N GLY A 7 10.30 -0.45 -6.26
CA GLY A 7 8.92 -0.15 -5.91
C GLY A 7 7.96 -0.61 -7.00
N LEU A 8 6.99 -1.42 -6.60
CA LEU A 8 6.01 -1.94 -7.52
C LEU A 8 4.63 -1.36 -7.19
N THR A 9 3.77 -1.35 -8.19
CA THR A 9 2.42 -0.82 -8.01
C THR A 9 1.40 -1.94 -8.06
N VAL A 10 0.21 -1.65 -7.55
CA VAL A 10 -0.86 -2.62 -7.53
C VAL A 10 -2.17 -1.94 -7.95
N ASP A 11 -3.08 -2.74 -8.46
CA ASP A 11 -4.37 -2.23 -8.90
C ASP A 11 -5.48 -2.96 -8.14
N VAL A 12 -5.95 -2.33 -7.07
CA VAL A 12 -7.00 -2.90 -6.26
C VAL A 12 -8.36 -2.42 -6.78
N ALA A 13 -8.99 -3.29 -7.56
CA ALA A 13 -10.29 -2.97 -8.13
C ALA A 13 -11.39 -3.44 -7.17
N GLY A 14 -11.95 -2.48 -6.46
CA GLY A 14 -13.02 -2.78 -5.51
C GLY A 14 -14.38 -2.82 -6.21
N PRO A 15 -15.18 -1.74 -5.97
CA PRO A 15 -14.73 -0.65 -5.11
C PRO A 15 -14.78 -1.07 -3.64
N ALA A 16 -14.38 -0.14 -2.79
CA ALA A 16 -14.37 -0.39 -1.36
C ALA A 16 -15.62 -1.18 -0.98
N PRO A 17 -15.52 -1.89 0.18
CA PRO A 17 -14.30 -1.85 0.98
C PRO A 17 -13.20 -2.70 0.33
N TRP A 18 -12.00 -2.59 0.90
CA TRP A 18 -10.87 -3.34 0.38
C TRP A 18 -10.71 -4.59 1.25
N GLY A 19 -10.36 -4.36 2.50
CA GLY A 19 -10.16 -5.46 3.44
C GLY A 19 -8.69 -5.56 3.86
N PHE A 20 -8.10 -4.41 4.12
CA PHE A 20 -6.70 -4.36 4.53
C PHE A 20 -6.46 -3.23 5.54
N ARG A 21 -5.49 -3.46 6.40
CA ARG A 21 -5.16 -2.47 7.42
C ARG A 21 -3.76 -1.89 7.16
N ILE A 22 -3.47 -0.81 7.86
CA ILE A 22 -2.18 -0.14 7.71
C ILE A 22 -1.66 0.26 9.09
N SER A 23 -0.38 0.61 9.12
CA SER A 23 0.24 1.02 10.37
C SER A 23 1.21 2.18 10.11
N GLY A 24 1.79 2.67 11.19
CA GLY A 24 2.73 3.79 11.10
C GLY A 24 2.06 5.02 10.50
N GLY A 25 2.75 5.64 9.55
CA GLY A 25 2.23 6.84 8.91
C GLY A 25 3.01 8.07 9.33
N ARG A 26 2.81 9.15 8.58
CA ARG A 26 3.49 10.40 8.87
C ARG A 26 3.31 10.78 10.34
N ASP A 27 2.11 10.54 10.85
CA ASP A 27 1.80 10.84 12.24
C ASP A 27 2.81 10.13 13.14
N PHE A 28 2.99 8.85 12.88
CA PHE A 28 3.91 8.05 13.67
C PHE A 28 5.33 8.15 13.11
N HIS A 29 5.51 9.07 12.18
CA HIS A 29 6.81 9.29 11.56
C HIS A 29 7.28 7.98 10.93
N THR A 30 6.33 7.10 10.67
CA THR A 30 6.63 5.82 10.06
C THR A 30 5.92 5.67 8.72
N PRO A 31 6.45 4.75 7.87
CA PRO A 31 5.88 4.50 6.56
C PRO A 31 4.59 3.68 6.68
N ILE A 32 3.66 3.99 5.79
CA ILE A 32 2.38 3.29 5.78
C ILE A 32 2.60 1.83 5.40
N ILE A 33 2.58 0.97 6.41
CA ILE A 33 2.77 -0.45 6.20
C ILE A 33 1.46 -1.19 6.48
N VAL A 34 1.24 -2.25 5.72
CA VAL A 34 0.04 -3.05 5.89
C VAL A 34 0.22 -4.00 7.07
N THR A 35 -0.87 -4.15 7.82
CA THR A 35 -0.85 -5.02 8.99
C THR A 35 -1.61 -6.32 8.70
N LYS A 36 -2.82 -6.16 8.19
CA LYS A 36 -3.65 -7.31 7.88
C LYS A 36 -4.09 -7.21 6.41
N VAL A 37 -4.40 -8.37 5.85
CA VAL A 37 -4.83 -8.44 4.46
C VAL A 37 -5.96 -9.47 4.33
N THR A 38 -7.17 -8.98 4.26
CA THR A 38 -8.33 -9.84 4.12
C THR A 38 -8.10 -10.89 3.03
N GLU A 39 -8.25 -12.14 3.42
CA GLU A 39 -8.06 -13.24 2.48
C GLU A 39 -9.26 -13.35 1.53
N ARG A 40 -8.96 -13.71 0.30
CA ARG A 40 -9.99 -13.85 -0.72
C ARG A 40 -10.83 -12.58 -0.79
N GLY A 41 -10.25 -11.49 -0.29
CA GLY A 41 -10.94 -10.21 -0.30
C GLY A 41 -10.65 -9.44 -1.59
N LYS A 42 -10.59 -8.12 -1.46
CA LYS A 42 -10.32 -7.26 -2.59
C LYS A 42 -8.81 -7.08 -2.75
N ALA A 43 -8.20 -6.53 -1.70
CA ALA A 43 -6.77 -6.30 -1.72
C ALA A 43 -6.06 -7.55 -2.24
N GLU A 44 -6.06 -8.59 -1.41
CA GLU A 44 -5.43 -9.84 -1.77
C GLU A 44 -5.66 -10.14 -3.25
N ALA A 45 -6.89 -9.95 -3.68
CA ALA A 45 -7.27 -10.19 -5.06
C ALA A 45 -6.19 -9.60 -5.98
N ALA A 46 -5.88 -8.34 -5.74
CA ALA A 46 -4.88 -7.65 -6.54
C ALA A 46 -3.50 -8.26 -6.26
N ASP A 47 -2.88 -7.77 -5.19
CA ASP A 47 -1.57 -8.26 -4.82
C ASP A 47 -1.06 -7.47 -3.61
N LEU A 48 -1.99 -7.18 -2.70
CA LEU A 48 -1.65 -6.44 -1.49
C LEU A 48 -1.35 -7.42 -0.36
N ARG A 49 -0.19 -7.23 0.25
CA ARG A 49 0.22 -8.08 1.35
C ARG A 49 0.59 -7.23 2.56
N PRO A 50 0.56 -7.89 3.76
CA PRO A 50 0.89 -7.22 5.00
C PRO A 50 2.40 -7.00 5.13
N GLY A 51 2.77 -5.75 5.32
CA GLY A 51 4.18 -5.39 5.47
C GLY A 51 4.63 -4.48 4.33
N ASP A 52 3.94 -4.59 3.21
CA ASP A 52 4.25 -3.78 2.04
C ASP A 52 4.22 -2.30 2.44
N ILE A 53 5.29 -1.61 2.08
CA ILE A 53 5.41 -0.19 2.39
C ILE A 53 4.75 0.62 1.26
N ILE A 54 3.64 1.25 1.60
CA ILE A 54 2.91 2.06 0.64
C ILE A 54 3.71 3.32 0.34
N VAL A 55 4.25 3.38 -0.86
CA VAL A 55 5.02 4.53 -1.29
C VAL A 55 4.08 5.69 -1.62
N ALA A 56 3.06 5.37 -2.40
CA ALA A 56 2.08 6.37 -2.80
C ALA A 56 0.68 5.76 -2.74
N ILE A 57 -0.32 6.63 -2.88
CA ILE A 57 -1.70 6.19 -2.86
C ILE A 57 -2.42 6.74 -4.09
N ASN A 58 -2.62 5.87 -5.07
CA ASN A 58 -3.30 6.25 -6.29
C ASN A 58 -2.36 7.12 -7.14
N GLY A 59 -1.14 7.25 -6.65
CA GLY A 59 -0.14 8.05 -7.35
C GLY A 59 0.34 9.20 -6.47
N GLN A 60 -0.27 9.32 -5.31
CA GLN A 60 0.09 10.37 -4.37
C GLN A 60 1.00 9.81 -3.27
N SER A 61 2.22 10.34 -3.23
CA SER A 61 3.19 9.91 -2.24
C SER A 61 2.51 9.71 -0.88
N ALA A 62 2.96 8.69 -0.17
CA ALA A 62 2.40 8.38 1.14
C ALA A 62 3.50 8.53 2.20
N GLU A 63 4.67 8.95 1.75
CA GLU A 63 5.80 9.14 2.64
C GLU A 63 5.43 10.12 3.75
N ASN A 64 4.50 11.00 3.44
CA ASN A 64 4.05 11.99 4.40
C ASN A 64 2.53 11.94 4.53
N MET A 65 2.04 10.74 4.80
CA MET A 65 0.60 10.53 4.95
C MET A 65 0.26 10.09 6.38
N LEU A 66 -0.60 10.87 7.02
CA LEU A 66 -1.01 10.56 8.37
C LEU A 66 -1.87 9.30 8.37
N HIS A 67 -1.85 8.59 9.49
CA HIS A 67 -2.62 7.38 9.63
C HIS A 67 -4.07 7.65 9.27
N ALA A 68 -4.45 8.91 9.36
CA ALA A 68 -5.81 9.32 9.06
C ALA A 68 -5.89 9.73 7.59
N GLU A 69 -4.77 10.19 7.06
CA GLU A 69 -4.70 10.61 5.68
C GLU A 69 -4.81 9.41 4.74
N ALA A 70 -3.87 8.50 4.91
CA ALA A 70 -3.84 7.29 4.08
C ALA A 70 -5.16 6.55 4.24
N GLN A 71 -5.70 6.62 5.45
CA GLN A 71 -6.96 5.95 5.76
C GLN A 71 -8.11 6.60 4.99
N SER A 72 -8.12 7.93 5.03
CA SER A 72 -9.15 8.68 4.33
C SER A 72 -9.04 8.46 2.82
N LYS A 73 -7.88 8.81 2.29
CA LYS A 73 -7.63 8.64 0.87
C LYS A 73 -8.11 7.26 0.42
N ILE A 74 -7.55 6.24 1.05
CA ILE A 74 -7.90 4.88 0.72
C ILE A 74 -9.43 4.74 0.75
N ARG A 75 -10.02 5.21 1.84
CA ARG A 75 -11.46 5.15 2.00
C ARG A 75 -12.16 5.92 0.88
N GLN A 76 -11.53 7.02 0.49
CA GLN A 76 -12.08 7.86 -0.56
C GLN A 76 -11.42 7.53 -1.90
N SER A 77 -10.91 6.31 -1.99
CA SER A 77 -10.24 5.86 -3.20
C SER A 77 -11.21 5.01 -4.03
N ALA A 78 -11.44 5.46 -5.26
CA ALA A 78 -12.33 4.75 -6.17
C ALA A 78 -11.58 3.56 -6.78
N SER A 79 -12.35 2.74 -7.50
CA SER A 79 -11.78 1.57 -8.15
C SER A 79 -11.56 1.84 -9.63
N PRO A 80 -10.41 1.35 -10.16
CA PRO A 80 -9.47 0.62 -9.32
C PRO A 80 -8.69 1.57 -8.41
N LEU A 81 -8.11 1.00 -7.37
CA LEU A 81 -7.33 1.78 -6.42
C LEU A 81 -5.85 1.43 -6.57
N ARG A 82 -5.13 2.33 -7.21
CA ARG A 82 -3.71 2.15 -7.43
C ARG A 82 -2.92 2.46 -6.15
N LEU A 83 -2.00 1.57 -5.82
CA LEU A 83 -1.19 1.73 -4.63
C LEU A 83 0.25 1.30 -4.93
N GLN A 84 1.17 2.24 -4.76
CA GLN A 84 2.58 1.96 -5.02
C GLN A 84 3.24 1.39 -3.77
N LEU A 85 3.73 0.17 -3.90
CA LEU A 85 4.39 -0.50 -2.79
C LEU A 85 5.90 -0.49 -3.02
N ASP A 86 6.63 -0.33 -1.92
CA ASP A 86 8.08 -0.29 -1.98
C ASP A 86 8.64 -1.67 -1.60
N ARG A 87 9.01 -2.44 -2.61
CA ARG A 87 9.55 -3.76 -2.39
C ARG A 87 11.04 -3.79 -2.75
N SER A 88 11.87 -3.81 -1.71
CA SER A 88 13.31 -3.84 -1.90
C SER A 88 13.92 -4.96 -1.07
N SER A 89 13.98 -6.14 -1.67
CA SER A 89 14.54 -7.30 -1.01
C SER A 89 15.00 -8.32 -2.03
N GLY A 90 15.83 -9.26 -1.56
CA GLY A 90 16.36 -10.29 -2.43
C GLY A 90 16.52 -11.61 -1.67
N PRO A 91 16.37 -12.73 -2.42
CA PRO A 91 16.51 -14.05 -1.83
C PRO A 91 17.98 -14.38 -1.57
N SER A 92 18.18 -15.49 -0.87
CA SER A 92 19.53 -15.94 -0.55
C SER A 92 20.40 -14.73 -0.17
N SER A 93 20.42 -14.43 1.12
CA SER A 93 21.20 -13.31 1.62
C SER A 93 22.69 -13.54 1.33
N GLY A 94 23.33 -12.50 0.84
CA GLY A 94 24.75 -12.57 0.52
C GLY A 94 25.54 -11.56 1.33
N GLY A 1 24.99 1.09 -11.75
CA GLY A 1 24.32 0.54 -10.58
C GLY A 1 23.67 -0.81 -10.91
N SER A 2 23.76 -1.72 -9.96
CA SER A 2 23.18 -3.05 -10.14
C SER A 2 21.65 -2.98 -9.98
N SER A 3 21.24 -2.50 -8.81
CA SER A 3 19.81 -2.38 -8.53
C SER A 3 19.15 -1.46 -9.56
N GLY A 4 17.91 -1.79 -9.88
CA GLY A 4 17.15 -1.00 -10.84
C GLY A 4 15.82 -0.54 -10.25
N SER A 5 14.75 -1.16 -10.71
CA SER A 5 13.42 -0.82 -10.24
C SER A 5 13.24 -1.30 -8.79
N SER A 6 12.74 -0.41 -7.96
CA SER A 6 12.53 -0.73 -6.56
C SER A 6 11.19 -0.14 -6.09
N GLY A 7 10.12 -0.87 -6.39
CA GLY A 7 8.79 -0.43 -6.02
C GLY A 7 7.74 -0.91 -7.03
N LEU A 8 6.79 -1.68 -6.53
CA LEU A 8 5.74 -2.22 -7.38
C LEU A 8 4.40 -1.58 -6.98
N THR A 9 3.48 -1.59 -7.92
CA THR A 9 2.17 -1.02 -7.68
C THR A 9 1.10 -2.12 -7.66
N VAL A 10 -0.04 -1.79 -7.07
CA VAL A 10 -1.14 -2.74 -6.98
C VAL A 10 -2.41 -2.09 -7.52
N ASP A 11 -3.33 -2.94 -7.97
CA ASP A 11 -4.59 -2.47 -8.50
C ASP A 11 -5.74 -3.20 -7.82
N VAL A 12 -6.25 -2.59 -6.77
CA VAL A 12 -7.35 -3.18 -6.02
C VAL A 12 -8.66 -2.97 -6.79
N ALA A 13 -9.61 -3.84 -6.50
CA ALA A 13 -10.91 -3.76 -7.16
C ALA A 13 -11.99 -3.42 -6.13
N GLY A 14 -12.46 -2.17 -6.20
CA GLY A 14 -13.48 -1.72 -5.27
C GLY A 14 -14.83 -2.37 -5.59
N PRO A 15 -15.90 -1.80 -4.97
CA PRO A 15 -15.74 -0.66 -4.09
C PRO A 15 -15.14 -1.09 -2.74
N ALA A 16 -15.24 -0.19 -1.77
CA ALA A 16 -14.71 -0.46 -0.44
C ALA A 16 -15.76 -1.23 0.37
N PRO A 17 -15.30 -1.82 1.50
CA PRO A 17 -13.90 -1.70 1.88
C PRO A 17 -13.01 -2.60 1.01
N TRP A 18 -11.71 -2.38 1.11
CA TRP A 18 -10.76 -3.16 0.34
C TRP A 18 -10.59 -4.51 1.04
N GLY A 19 -10.35 -4.45 2.34
CA GLY A 19 -10.16 -5.66 3.13
C GLY A 19 -8.74 -5.73 3.69
N PHE A 20 -8.07 -4.59 3.67
CA PHE A 20 -6.71 -4.50 4.16
C PHE A 20 -6.53 -3.29 5.08
N ARG A 21 -5.68 -3.46 6.07
CA ARG A 21 -5.41 -2.38 7.02
C ARG A 21 -4.04 -1.78 6.76
N ILE A 22 -3.67 -0.84 7.61
CA ILE A 22 -2.38 -0.17 7.49
C ILE A 22 -1.90 0.25 8.87
N SER A 23 -0.66 0.76 8.91
CA SER A 23 -0.07 1.19 10.16
C SER A 23 0.93 2.32 9.89
N GLY A 24 1.49 2.85 10.98
CA GLY A 24 2.45 3.92 10.88
C GLY A 24 1.82 5.16 10.24
N GLY A 25 2.61 5.81 9.39
CA GLY A 25 2.15 7.01 8.71
C GLY A 25 2.98 8.23 9.11
N ARG A 26 2.54 9.39 8.64
CA ARG A 26 3.25 10.63 8.95
C ARG A 26 3.11 10.96 10.43
N ASP A 27 1.96 10.62 10.98
CA ASP A 27 1.69 10.87 12.39
C ASP A 27 2.73 10.15 13.24
N PHE A 28 2.85 8.85 13.00
CA PHE A 28 3.80 8.04 13.73
C PHE A 28 5.20 8.15 13.14
N HIS A 29 5.34 9.08 12.20
CA HIS A 29 6.61 9.32 11.55
C HIS A 29 7.12 8.01 10.95
N THR A 30 6.18 7.17 10.54
CA THR A 30 6.52 5.88 9.95
C THR A 30 5.82 5.70 8.60
N PRO A 31 6.39 4.79 7.78
CA PRO A 31 5.82 4.53 6.47
C PRO A 31 4.55 3.68 6.58
N ILE A 32 3.61 3.96 5.69
CA ILE A 32 2.35 3.23 5.67
C ILE A 32 2.61 1.77 5.30
N ILE A 33 2.44 0.90 6.29
CA ILE A 33 2.65 -0.52 6.08
C ILE A 33 1.33 -1.27 6.30
N VAL A 34 1.18 -2.37 5.57
CA VAL A 34 -0.02 -3.17 5.68
C VAL A 34 0.11 -4.12 6.88
N THR A 35 -0.88 -4.06 7.75
CA THR A 35 -0.89 -4.89 8.95
C THR A 35 -1.48 -6.26 8.62
N LYS A 36 -2.69 -6.24 8.07
CA LYS A 36 -3.38 -7.47 7.72
C LYS A 36 -4.34 -7.19 6.56
N VAL A 37 -4.54 -8.22 5.75
CA VAL A 37 -5.43 -8.10 4.61
C VAL A 37 -6.17 -9.43 4.40
N THR A 38 -7.47 -9.32 4.18
CA THR A 38 -8.30 -10.49 3.96
C THR A 38 -7.79 -11.29 2.76
N GLU A 39 -7.72 -12.59 2.94
CA GLU A 39 -7.26 -13.47 1.88
C GLU A 39 -8.40 -13.78 0.92
N ARG A 40 -8.05 -13.94 -0.35
CA ARG A 40 -9.02 -14.24 -1.38
C ARG A 40 -10.14 -13.19 -1.37
N GLY A 41 -9.74 -11.94 -1.20
CA GLY A 41 -10.68 -10.84 -1.17
C GLY A 41 -10.43 -9.86 -2.31
N LYS A 42 -10.60 -8.58 -1.99
CA LYS A 42 -10.39 -7.53 -2.98
C LYS A 42 -8.90 -7.19 -3.03
N ALA A 43 -8.32 -7.00 -1.85
CA ALA A 43 -6.92 -6.66 -1.75
C ALA A 43 -6.07 -7.81 -2.28
N GLU A 44 -6.06 -8.90 -1.51
CA GLU A 44 -5.31 -10.07 -1.89
C GLU A 44 -5.44 -10.33 -3.40
N ALA A 45 -6.69 -10.37 -3.85
CA ALA A 45 -6.98 -10.59 -5.25
C ALA A 45 -6.01 -9.78 -6.11
N ALA A 46 -5.86 -8.51 -5.74
CA ALA A 46 -4.98 -7.63 -6.47
C ALA A 46 -3.53 -8.10 -6.29
N ASP A 47 -2.85 -7.49 -5.32
CA ASP A 47 -1.47 -7.84 -5.04
C ASP A 47 -1.01 -7.12 -3.78
N LEU A 48 -1.94 -6.98 -2.84
CA LEU A 48 -1.65 -6.32 -1.58
C LEU A 48 -1.37 -7.38 -0.51
N ARG A 49 -0.49 -7.02 0.41
CA ARG A 49 -0.12 -7.92 1.49
C ARG A 49 0.38 -7.13 2.70
N PRO A 50 0.29 -7.77 3.89
CA PRO A 50 0.74 -7.13 5.12
C PRO A 50 2.27 -7.12 5.21
N GLY A 51 2.81 -5.92 5.35
CA GLY A 51 4.25 -5.76 5.44
C GLY A 51 4.78 -4.87 4.31
N ASP A 52 3.93 -4.66 3.32
CA ASP A 52 4.29 -3.84 2.18
C ASP A 52 4.29 -2.37 2.60
N ILE A 53 5.32 -1.66 2.16
CA ILE A 53 5.44 -0.25 2.48
C ILE A 53 4.82 0.58 1.36
N ILE A 54 3.71 1.24 1.70
CA ILE A 54 3.01 2.07 0.74
C ILE A 54 3.84 3.31 0.44
N VAL A 55 4.34 3.38 -0.78
CA VAL A 55 5.16 4.51 -1.20
C VAL A 55 4.25 5.69 -1.53
N ALA A 56 3.21 5.40 -2.30
CA ALA A 56 2.25 6.42 -2.70
C ALA A 56 0.84 5.84 -2.65
N ILE A 57 -0.13 6.71 -2.90
CA ILE A 57 -1.52 6.30 -2.89
C ILE A 57 -2.21 6.80 -4.16
N ASN A 58 -2.38 5.88 -5.10
CA ASN A 58 -3.02 6.20 -6.36
C ASN A 58 -2.09 7.11 -7.18
N GLY A 59 -0.87 7.24 -6.68
CA GLY A 59 0.12 8.06 -7.36
C GLY A 59 0.55 9.24 -6.48
N GLN A 60 -0.13 9.36 -5.34
CA GLN A 60 0.16 10.44 -4.41
C GLN A 60 1.08 9.94 -3.30
N SER A 61 2.26 10.56 -3.22
CA SER A 61 3.23 10.19 -2.22
C SER A 61 2.52 9.87 -0.89
N ALA A 62 3.11 8.95 -0.14
CA ALA A 62 2.55 8.55 1.13
C ALA A 62 3.63 8.64 2.20
N GLU A 63 4.80 9.14 1.80
CA GLU A 63 5.91 9.28 2.71
C GLU A 63 5.53 10.17 3.89
N ASN A 64 4.61 11.09 3.61
CA ASN A 64 4.15 12.02 4.63
C ASN A 64 2.63 11.98 4.70
N MET A 65 2.10 10.77 4.88
CA MET A 65 0.66 10.59 4.96
C MET A 65 0.25 10.11 6.35
N LEU A 66 -0.55 10.93 7.01
CA LEU A 66 -1.02 10.60 8.36
C LEU A 66 -1.90 9.35 8.29
N HIS A 67 -1.90 8.62 9.39
CA HIS A 67 -2.70 7.40 9.47
C HIS A 67 -4.14 7.71 9.07
N ALA A 68 -4.50 8.98 9.18
CA ALA A 68 -5.84 9.41 8.84
C ALA A 68 -5.87 9.87 7.38
N GLU A 69 -4.71 10.33 6.92
CA GLU A 69 -4.59 10.79 5.55
C GLU A 69 -4.68 9.63 4.57
N ALA A 70 -3.77 8.67 4.75
CA ALA A 70 -3.74 7.49 3.90
C ALA A 70 -5.05 6.73 4.05
N GLN A 71 -5.57 6.74 5.26
CA GLN A 71 -6.82 6.05 5.55
C GLN A 71 -7.96 6.66 4.73
N SER A 72 -8.07 7.97 4.82
CA SER A 72 -9.11 8.69 4.10
C SER A 72 -8.87 8.58 2.59
N LYS A 73 -7.69 9.00 2.18
CA LYS A 73 -7.32 8.95 0.77
C LYS A 73 -7.70 7.58 0.20
N ILE A 74 -7.17 6.54 0.82
CA ILE A 74 -7.45 5.18 0.39
C ILE A 74 -8.96 5.00 0.25
N ARG A 75 -9.66 5.17 1.36
CA ARG A 75 -11.10 5.03 1.38
C ARG A 75 -11.73 5.86 0.26
N GLN A 76 -11.44 7.15 0.30
CA GLN A 76 -11.96 8.06 -0.70
C GLN A 76 -11.49 7.66 -2.09
N SER A 77 -10.49 6.79 -2.11
CA SER A 77 -9.93 6.32 -3.37
C SER A 77 -10.96 5.43 -4.10
N ALA A 78 -11.24 5.82 -5.34
CA ALA A 78 -12.20 5.07 -6.14
C ALA A 78 -11.53 3.81 -6.68
N SER A 79 -12.27 3.09 -7.51
CA SER A 79 -11.77 1.86 -8.10
C SER A 79 -11.53 2.06 -9.60
N PRO A 80 -10.41 1.46 -10.08
CA PRO A 80 -9.53 0.70 -9.21
C PRO A 80 -8.69 1.63 -8.33
N LEU A 81 -8.16 1.05 -7.26
CA LEU A 81 -7.34 1.81 -6.33
C LEU A 81 -5.88 1.41 -6.50
N ARG A 82 -5.09 2.35 -7.01
CA ARG A 82 -3.68 2.11 -7.23
C ARG A 82 -2.88 2.45 -5.97
N LEU A 83 -1.97 1.56 -5.63
CA LEU A 83 -1.14 1.75 -4.45
C LEU A 83 0.29 1.28 -4.76
N GLN A 84 1.22 2.22 -4.67
CA GLN A 84 2.62 1.91 -4.93
C GLN A 84 3.29 1.38 -3.66
N LEU A 85 3.74 0.14 -3.76
CA LEU A 85 4.41 -0.50 -2.63
C LEU A 85 5.92 -0.51 -2.87
N ASP A 86 6.66 -0.40 -1.78
CA ASP A 86 8.12 -0.40 -1.86
C ASP A 86 8.65 -1.77 -1.45
N ARG A 87 8.99 -2.56 -2.46
CA ARG A 87 9.51 -3.90 -2.22
C ARG A 87 11.00 -3.96 -2.56
N SER A 88 11.82 -4.00 -1.51
CA SER A 88 13.26 -4.05 -1.69
C SER A 88 13.91 -4.80 -0.52
N SER A 89 14.07 -6.09 -0.71
CA SER A 89 14.67 -6.92 0.33
C SER A 89 15.14 -8.24 -0.28
N GLY A 90 14.28 -8.84 -1.08
CA GLY A 90 14.60 -10.11 -1.72
C GLY A 90 13.75 -11.24 -1.16
N PRO A 91 13.58 -12.30 -2.00
CA PRO A 91 12.79 -13.45 -1.59
C PRO A 91 13.56 -14.32 -0.59
N SER A 92 12.80 -15.08 0.20
CA SER A 92 13.39 -15.96 1.19
C SER A 92 12.35 -16.93 1.72
N SER A 93 12.45 -18.16 1.23
CA SER A 93 11.51 -19.20 1.64
C SER A 93 10.08 -18.76 1.36
N GLY A 94 9.17 -19.73 1.45
CA GLY A 94 7.76 -19.45 1.20
C GLY A 94 6.87 -20.48 1.89
N GLY A 1 17.33 -3.68 -9.13
CA GLY A 1 17.97 -4.36 -10.24
C GLY A 1 19.44 -3.96 -10.35
N SER A 2 20.27 -4.64 -9.59
CA SER A 2 21.70 -4.38 -9.60
C SER A 2 21.99 -3.10 -8.80
N SER A 3 21.38 -2.01 -9.25
CA SER A 3 21.55 -0.72 -8.60
C SER A 3 20.42 0.22 -8.98
N GLY A 4 19.62 0.59 -7.98
CA GLY A 4 18.52 1.48 -8.20
C GLY A 4 17.30 1.06 -7.38
N SER A 5 16.48 2.05 -7.03
CA SER A 5 15.29 1.79 -6.23
C SER A 5 14.28 0.99 -7.06
N SER A 6 13.59 0.09 -6.37
CA SER A 6 12.59 -0.75 -7.02
C SER A 6 11.28 -0.69 -6.25
N GLY A 7 10.23 -0.25 -6.95
CA GLY A 7 8.92 -0.15 -6.34
C GLY A 7 7.84 -0.68 -7.28
N LEU A 8 6.96 -1.51 -6.71
CA LEU A 8 5.88 -2.10 -7.47
C LEU A 8 4.56 -1.42 -7.09
N THR A 9 3.60 -1.52 -8.00
CA THR A 9 2.30 -0.93 -7.77
C THR A 9 1.23 -2.02 -7.65
N VAL A 10 0.10 -1.65 -7.08
CA VAL A 10 -1.00 -2.58 -6.89
C VAL A 10 -2.24 -2.04 -7.62
N ASP A 11 -3.12 -2.97 -7.99
CA ASP A 11 -4.34 -2.59 -8.67
C ASP A 11 -5.53 -3.30 -8.00
N VAL A 12 -6.07 -2.62 -7.00
CA VAL A 12 -7.20 -3.16 -6.27
C VAL A 12 -8.47 -3.02 -7.13
N ALA A 13 -9.31 -4.06 -7.06
CA ALA A 13 -10.54 -4.06 -7.82
C ALA A 13 -11.73 -3.88 -6.86
N GLY A 14 -12.13 -2.62 -6.70
CA GLY A 14 -13.23 -2.30 -5.82
C GLY A 14 -14.49 -3.09 -6.20
N PRO A 15 -15.64 -2.62 -5.69
CA PRO A 15 -15.66 -1.43 -4.84
C PRO A 15 -15.13 -1.75 -3.44
N ALA A 16 -15.44 -0.87 -2.51
CA ALA A 16 -15.01 -1.04 -1.14
C ALA A 16 -16.02 -1.92 -0.39
N PRO A 17 -15.58 -2.41 0.80
CA PRO A 17 -14.25 -2.09 1.30
C PRO A 17 -13.19 -2.89 0.55
N TRP A 18 -11.94 -2.64 0.93
CA TRP A 18 -10.83 -3.33 0.30
C TRP A 18 -10.59 -4.64 1.05
N GLY A 19 -10.28 -4.50 2.33
CA GLY A 19 -10.04 -5.67 3.17
C GLY A 19 -8.58 -5.73 3.60
N PHE A 20 -8.01 -4.56 3.87
CA PHE A 20 -6.63 -4.47 4.30
C PHE A 20 -6.45 -3.34 5.31
N ARG A 21 -5.46 -3.53 6.18
CA ARG A 21 -5.18 -2.53 7.20
C ARG A 21 -3.78 -1.94 6.99
N ILE A 22 -3.51 -0.85 7.70
CA ILE A 22 -2.22 -0.19 7.59
C ILE A 22 -1.73 0.18 8.99
N SER A 23 -0.52 0.69 9.04
CA SER A 23 0.08 1.09 10.31
C SER A 23 1.05 2.26 10.09
N GLY A 24 1.67 2.69 11.18
CA GLY A 24 2.62 3.79 11.12
C GLY A 24 1.96 5.03 10.49
N GLY A 25 2.70 5.63 9.57
CA GLY A 25 2.21 6.82 8.89
C GLY A 25 3.03 8.05 9.30
N ARG A 26 2.69 9.16 8.68
CA ARG A 26 3.38 10.42 8.97
C ARG A 26 3.19 10.80 10.43
N ASP A 27 2.02 10.44 10.96
CA ASP A 27 1.71 10.75 12.35
C ASP A 27 2.73 10.07 13.26
N PHE A 28 2.86 8.76 13.08
CA PHE A 28 3.80 7.98 13.87
C PHE A 28 5.22 8.12 13.33
N HIS A 29 5.37 8.99 12.34
CA HIS A 29 6.66 9.22 11.73
C HIS A 29 7.18 7.92 11.12
N THR A 30 6.25 7.08 10.69
CA THR A 30 6.61 5.81 10.09
C THR A 30 5.91 5.64 8.74
N PRO A 31 6.48 4.72 7.91
CA PRO A 31 5.92 4.46 6.59
C PRO A 31 4.64 3.64 6.70
N ILE A 32 3.71 3.94 5.80
CA ILE A 32 2.44 3.24 5.78
C ILE A 32 2.67 1.79 5.37
N ILE A 33 2.58 0.91 6.36
CA ILE A 33 2.78 -0.51 6.13
C ILE A 33 1.47 -1.25 6.38
N VAL A 34 1.28 -2.33 5.63
CA VAL A 34 0.09 -3.13 5.76
C VAL A 34 0.24 -4.10 6.93
N THR A 35 -0.77 -4.12 7.78
CA THR A 35 -0.76 -5.00 8.94
C THR A 35 -1.41 -6.34 8.61
N LYS A 36 -2.61 -6.25 8.05
CA LYS A 36 -3.35 -7.45 7.67
C LYS A 36 -3.83 -7.32 6.22
N VAL A 37 -4.17 -8.47 5.64
CA VAL A 37 -4.64 -8.50 4.27
C VAL A 37 -5.74 -9.55 4.13
N THR A 38 -6.98 -9.08 4.09
CA THR A 38 -8.11 -9.97 3.96
C THR A 38 -7.87 -10.98 2.85
N GLU A 39 -8.09 -12.25 3.19
CA GLU A 39 -7.89 -13.33 2.24
C GLU A 39 -9.12 -13.45 1.33
N ARG A 40 -10.02 -12.50 1.47
CA ARG A 40 -11.24 -12.49 0.67
C ARG A 40 -11.71 -11.04 0.45
N GLY A 41 -10.79 -10.21 0.02
CA GLY A 41 -11.09 -8.81 -0.23
C GLY A 41 -10.54 -8.37 -1.59
N LYS A 42 -10.62 -7.07 -1.83
CA LYS A 42 -10.13 -6.51 -3.08
C LYS A 42 -8.60 -6.43 -3.03
N ALA A 43 -8.09 -6.21 -1.83
CA ALA A 43 -6.65 -6.11 -1.64
C ALA A 43 -5.98 -7.36 -2.20
N GLU A 44 -6.18 -8.47 -1.49
CA GLU A 44 -5.59 -9.73 -1.91
C GLU A 44 -5.88 -9.99 -3.39
N ALA A 45 -7.13 -9.77 -3.76
CA ALA A 45 -7.55 -9.96 -5.14
C ALA A 45 -6.48 -9.41 -6.08
N ALA A 46 -5.89 -8.30 -5.68
CA ALA A 46 -4.85 -7.67 -6.47
C ALA A 46 -3.51 -8.34 -6.17
N ASP A 47 -2.76 -7.73 -5.28
CA ASP A 47 -1.46 -8.26 -4.90
C ASP A 47 -0.95 -7.51 -3.67
N LEU A 48 -1.89 -7.12 -2.82
CA LEU A 48 -1.55 -6.40 -1.60
C LEU A 48 -1.22 -7.41 -0.50
N ARG A 49 -0.06 -7.20 0.12
CA ARG A 49 0.38 -8.07 1.18
C ARG A 49 0.75 -7.25 2.43
N PRO A 50 0.73 -7.95 3.59
CA PRO A 50 1.06 -7.30 4.86
C PRO A 50 2.56 -7.05 4.97
N GLY A 51 2.91 -5.80 5.20
CA GLY A 51 4.31 -5.41 5.33
C GLY A 51 4.73 -4.49 4.19
N ASP A 52 4.04 -4.62 3.08
CA ASP A 52 4.33 -3.80 1.91
C ASP A 52 4.28 -2.33 2.30
N ILE A 53 5.41 -1.66 2.09
CA ILE A 53 5.51 -0.24 2.41
C ILE A 53 4.86 0.58 1.30
N ILE A 54 3.72 1.18 1.62
CA ILE A 54 3.00 1.99 0.66
C ILE A 54 3.76 3.30 0.44
N VAL A 55 4.30 3.43 -0.76
CA VAL A 55 5.04 4.64 -1.11
C VAL A 55 4.07 5.76 -1.43
N ALA A 56 3.08 5.45 -2.26
CA ALA A 56 2.08 6.43 -2.64
C ALA A 56 0.69 5.77 -2.59
N ILE A 57 -0.32 6.61 -2.76
CA ILE A 57 -1.69 6.13 -2.74
C ILE A 57 -2.43 6.64 -3.98
N ASN A 58 -2.57 5.75 -4.95
CA ASN A 58 -3.24 6.09 -6.19
C ASN A 58 -2.37 7.05 -6.99
N GLY A 59 -1.15 7.23 -6.51
CA GLY A 59 -0.20 8.12 -7.17
C GLY A 59 0.23 9.26 -6.24
N GLN A 60 -0.51 9.40 -5.15
CA GLN A 60 -0.23 10.45 -4.18
C GLN A 60 0.75 9.92 -3.13
N SER A 61 1.91 10.57 -3.08
CA SER A 61 2.94 10.19 -2.12
C SER A 61 2.30 9.84 -0.78
N ALA A 62 2.83 8.79 -0.16
CA ALA A 62 2.32 8.35 1.13
C ALA A 62 3.44 8.44 2.17
N GLU A 63 4.60 8.90 1.71
CA GLU A 63 5.74 9.04 2.59
C GLU A 63 5.40 9.94 3.78
N ASN A 64 4.67 11.01 3.48
CA ASN A 64 4.27 11.95 4.50
C ASN A 64 2.75 11.93 4.65
N MET A 65 2.22 10.71 4.77
CA MET A 65 0.79 10.53 4.91
C MET A 65 0.43 10.08 6.34
N LEU A 66 -0.47 10.82 6.95
CA LEU A 66 -0.89 10.51 8.31
C LEU A 66 -1.73 9.23 8.29
N HIS A 67 -1.76 8.56 9.43
CA HIS A 67 -2.51 7.33 9.56
C HIS A 67 -3.97 7.58 9.20
N ALA A 68 -4.36 8.84 9.28
CA ALA A 68 -5.73 9.23 8.96
C ALA A 68 -5.81 9.65 7.49
N GLU A 69 -4.66 10.08 6.97
CA GLU A 69 -4.59 10.52 5.59
C GLU A 69 -4.72 9.33 4.65
N ALA A 70 -3.80 8.39 4.79
CA ALA A 70 -3.81 7.19 3.96
C ALA A 70 -5.13 6.46 4.14
N GLN A 71 -5.73 6.65 5.32
CA GLN A 71 -7.00 6.01 5.62
C GLN A 71 -8.13 6.70 4.86
N SER A 72 -8.09 8.02 4.86
CA SER A 72 -9.11 8.80 4.18
C SER A 72 -9.01 8.59 2.68
N LYS A 73 -7.82 8.85 2.15
CA LYS A 73 -7.57 8.69 0.73
C LYS A 73 -8.08 7.31 0.27
N ILE A 74 -7.55 6.29 0.92
CA ILE A 74 -7.94 4.91 0.60
C ILE A 74 -9.47 4.81 0.64
N ARG A 75 -10.04 5.25 1.75
CA ARG A 75 -11.47 5.20 1.92
C ARG A 75 -12.16 6.07 0.86
N GLN A 76 -11.38 6.97 0.28
CA GLN A 76 -11.90 7.87 -0.74
C GLN A 76 -11.18 7.62 -2.07
N SER A 77 -10.82 6.37 -2.28
CA SER A 77 -10.13 5.99 -3.51
C SER A 77 -11.06 5.17 -4.40
N ALA A 78 -11.18 5.62 -5.64
CA ALA A 78 -12.04 4.94 -6.60
C ALA A 78 -11.36 3.65 -7.06
N SER A 79 -12.11 2.85 -7.80
CA SER A 79 -11.60 1.59 -8.30
C SER A 79 -11.35 1.69 -9.80
N PRO A 80 -10.20 1.10 -10.23
CA PRO A 80 -9.32 0.42 -9.30
C PRO A 80 -8.52 1.42 -8.47
N LEU A 81 -7.99 0.93 -7.36
CA LEU A 81 -7.21 1.78 -6.47
C LEU A 81 -5.73 1.42 -6.60
N ARG A 82 -4.97 2.32 -7.19
CA ARG A 82 -3.55 2.11 -7.38
C ARG A 82 -2.80 2.37 -6.08
N LEU A 83 -1.82 1.51 -5.81
CA LEU A 83 -1.02 1.63 -4.61
C LEU A 83 0.44 1.28 -4.93
N GLN A 84 1.30 2.26 -4.77
CA GLN A 84 2.71 2.06 -5.03
C GLN A 84 3.42 1.53 -3.79
N LEU A 85 3.83 0.28 -3.87
CA LEU A 85 4.51 -0.36 -2.75
C LEU A 85 6.02 -0.26 -2.97
N ASP A 86 6.74 -0.15 -1.86
CA ASP A 86 8.19 -0.05 -1.92
C ASP A 86 8.80 -1.41 -1.57
N ARG A 87 9.22 -2.12 -2.61
CA ARG A 87 9.82 -3.43 -2.43
C ARG A 87 11.31 -3.38 -2.78
N SER A 88 12.13 -3.41 -1.74
CA SER A 88 13.57 -3.37 -1.92
C SER A 88 14.27 -4.00 -0.71
N SER A 89 14.36 -5.31 -0.73
CA SER A 89 14.99 -6.04 0.36
C SER A 89 15.09 -7.53 0.01
N GLY A 90 13.97 -8.06 -0.46
CA GLY A 90 13.91 -9.47 -0.83
C GLY A 90 13.71 -10.35 0.40
N PRO A 91 13.17 -11.57 0.15
CA PRO A 91 12.92 -12.52 1.22
C PRO A 91 14.23 -13.15 1.71
N SER A 92 14.24 -13.45 3.00
CA SER A 92 15.42 -14.06 3.61
C SER A 92 15.12 -14.43 5.07
N SER A 93 15.63 -15.59 5.46
CA SER A 93 15.43 -16.06 6.82
C SER A 93 16.77 -16.43 7.46
N GLY A 94 17.32 -15.48 8.20
CA GLY A 94 18.59 -15.69 8.86
C GLY A 94 19.74 -15.75 7.84
N GLY A 1 16.23 10.70 -15.72
CA GLY A 1 17.35 9.80 -15.49
C GLY A 1 16.90 8.53 -14.79
N SER A 2 17.02 7.42 -15.51
CA SER A 2 16.64 6.13 -14.97
C SER A 2 17.77 5.12 -15.18
N SER A 3 17.66 4.01 -14.45
CA SER A 3 18.66 2.97 -14.54
C SER A 3 18.09 1.64 -14.02
N GLY A 4 17.63 1.68 -12.78
CA GLY A 4 17.06 0.49 -12.16
C GLY A 4 15.74 0.83 -11.47
N SER A 5 14.65 0.61 -12.20
CA SER A 5 13.33 0.88 -11.67
C SER A 5 13.09 0.05 -10.41
N SER A 6 12.45 0.68 -9.44
CA SER A 6 12.15 0.02 -8.18
C SER A 6 10.74 0.37 -7.72
N GLY A 7 10.25 -0.38 -6.75
CA GLY A 7 8.92 -0.16 -6.21
C GLY A 7 7.85 -0.72 -7.16
N LEU A 8 7.01 -1.58 -6.61
CA LEU A 8 5.94 -2.18 -7.39
C LEU A 8 4.62 -1.50 -7.06
N THR A 9 3.69 -1.59 -7.98
CA THR A 9 2.37 -0.98 -7.80
C THR A 9 1.31 -2.07 -7.63
N VAL A 10 0.17 -1.65 -7.07
CA VAL A 10 -0.93 -2.57 -6.86
C VAL A 10 -2.18 -2.06 -7.58
N ASP A 11 -3.07 -2.98 -7.89
CA ASP A 11 -4.30 -2.63 -8.58
C ASP A 11 -5.49 -3.27 -7.85
N VAL A 12 -6.01 -2.54 -6.89
CA VAL A 12 -7.14 -3.01 -6.10
C VAL A 12 -8.42 -2.85 -6.92
N ALA A 13 -9.21 -3.91 -6.94
CA ALA A 13 -10.46 -3.90 -7.69
C ALA A 13 -11.63 -3.76 -6.70
N GLY A 14 -12.06 -2.52 -6.52
CA GLY A 14 -13.17 -2.24 -5.61
C GLY A 14 -14.40 -3.06 -5.99
N PRO A 15 -15.57 -2.60 -5.47
CA PRO A 15 -15.61 -1.42 -4.62
C PRO A 15 -15.07 -1.73 -3.22
N ALA A 16 -15.40 -0.86 -2.29
CA ALA A 16 -14.96 -1.03 -0.91
C ALA A 16 -16.01 -1.84 -0.14
N PRO A 17 -15.59 -2.32 1.06
CA PRO A 17 -14.24 -2.08 1.54
C PRO A 17 -13.23 -2.94 0.80
N TRP A 18 -11.96 -2.61 0.97
CA TRP A 18 -10.89 -3.35 0.32
C TRP A 18 -10.69 -4.65 1.10
N GLY A 19 -10.25 -4.51 2.34
CA GLY A 19 -10.01 -5.66 3.18
C GLY A 19 -8.54 -5.73 3.63
N PHE A 20 -7.98 -4.56 3.87
CA PHE A 20 -6.60 -4.46 4.30
C PHE A 20 -6.41 -3.32 5.30
N ARG A 21 -5.43 -3.50 6.17
CA ARG A 21 -5.14 -2.48 7.18
C ARG A 21 -3.76 -1.89 6.94
N ILE A 22 -3.47 -0.81 7.67
CA ILE A 22 -2.18 -0.15 7.55
C ILE A 22 -1.70 0.27 8.94
N SER A 23 -0.42 0.64 9.00
CA SER A 23 0.18 1.06 10.26
C SER A 23 1.12 2.24 10.02
N GLY A 24 1.75 2.67 11.11
CA GLY A 24 2.67 3.79 11.03
C GLY A 24 1.99 5.03 10.43
N GLY A 25 2.70 5.66 9.51
CA GLY A 25 2.18 6.85 8.85
C GLY A 25 2.93 8.10 9.31
N ARG A 26 2.79 9.16 8.53
CA ARG A 26 3.45 10.41 8.84
C ARG A 26 3.19 10.80 10.29
N ASP A 27 2.00 10.46 10.75
CA ASP A 27 1.60 10.77 12.12
C ASP A 27 2.57 10.07 13.08
N PHE A 28 2.74 8.77 12.86
CA PHE A 28 3.63 7.99 13.70
C PHE A 28 5.07 8.08 13.22
N HIS A 29 5.29 8.98 12.27
CA HIS A 29 6.62 9.18 11.71
C HIS A 29 7.14 7.86 11.14
N THR A 30 6.20 7.06 10.64
CA THR A 30 6.56 5.77 10.07
C THR A 30 5.89 5.59 8.70
N PRO A 31 6.47 4.66 7.89
CA PRO A 31 5.95 4.40 6.57
C PRO A 31 4.65 3.57 6.64
N ILE A 32 3.74 3.89 5.74
CA ILE A 32 2.46 3.20 5.70
C ILE A 32 2.69 1.75 5.29
N ILE A 33 2.59 0.87 6.27
CA ILE A 33 2.79 -0.55 6.03
C ILE A 33 1.48 -1.30 6.29
N VAL A 34 1.26 -2.35 5.52
CA VAL A 34 0.06 -3.15 5.66
C VAL A 34 0.25 -4.15 6.81
N THR A 35 -0.78 -4.24 7.64
CA THR A 35 -0.74 -5.15 8.77
C THR A 35 -1.52 -6.42 8.47
N LYS A 36 -2.74 -6.23 7.96
CA LYS A 36 -3.60 -7.35 7.63
C LYS A 36 -3.98 -7.27 6.14
N VAL A 37 -4.25 -8.42 5.57
CA VAL A 37 -4.63 -8.50 4.17
C VAL A 37 -5.71 -9.56 3.99
N THR A 38 -6.96 -9.09 3.94
CA THR A 38 -8.09 -9.98 3.78
C THR A 38 -7.83 -10.96 2.64
N GLU A 39 -7.98 -12.24 2.95
CA GLU A 39 -7.77 -13.28 1.97
C GLU A 39 -8.98 -13.39 1.04
N ARG A 40 -9.94 -12.50 1.25
CA ARG A 40 -11.14 -12.48 0.46
C ARG A 40 -11.65 -11.05 0.28
N GLY A 41 -10.74 -10.18 -0.12
CA GLY A 41 -11.07 -8.78 -0.32
C GLY A 41 -10.61 -8.31 -1.70
N LYS A 42 -10.63 -6.99 -1.88
CA LYS A 42 -10.21 -6.40 -3.14
C LYS A 42 -8.68 -6.25 -3.16
N ALA A 43 -8.10 -6.33 -1.97
CA ALA A 43 -6.66 -6.22 -1.84
C ALA A 43 -6.00 -7.51 -2.32
N GLU A 44 -6.16 -8.55 -1.52
CA GLU A 44 -5.59 -9.84 -1.86
C GLU A 44 -5.78 -10.14 -3.35
N ALA A 45 -7.03 -9.99 -3.79
CA ALA A 45 -7.35 -10.24 -5.19
C ALA A 45 -6.28 -9.60 -6.08
N ALA A 46 -5.92 -8.38 -5.74
CA ALA A 46 -4.91 -7.66 -6.50
C ALA A 46 -3.56 -8.31 -6.28
N ASP A 47 -2.81 -7.77 -5.34
CA ASP A 47 -1.48 -8.29 -5.03
C ASP A 47 -0.92 -7.55 -3.82
N LEU A 48 -1.81 -7.22 -2.89
CA LEU A 48 -1.42 -6.51 -1.69
C LEU A 48 -1.07 -7.51 -0.59
N ARG A 49 -0.03 -7.19 0.16
CA ARG A 49 0.40 -8.07 1.23
C ARG A 49 0.76 -7.24 2.48
N PRO A 50 0.70 -7.92 3.65
CA PRO A 50 1.00 -7.25 4.91
C PRO A 50 2.51 -7.04 5.07
N GLY A 51 2.88 -5.79 5.23
CA GLY A 51 4.29 -5.43 5.38
C GLY A 51 4.76 -4.54 4.25
N ASP A 52 4.00 -4.56 3.17
CA ASP A 52 4.33 -3.75 2.00
C ASP A 52 4.30 -2.27 2.38
N ILE A 53 5.42 -1.60 2.12
CA ILE A 53 5.53 -0.19 2.43
C ILE A 53 4.86 0.63 1.33
N ILE A 54 3.74 1.25 1.69
CA ILE A 54 2.99 2.06 0.74
C ILE A 54 3.76 3.36 0.48
N VAL A 55 4.31 3.45 -0.72
CA VAL A 55 5.07 4.63 -1.11
C VAL A 55 4.10 5.76 -1.44
N ALA A 56 3.10 5.44 -2.25
CA ALA A 56 2.12 6.42 -2.64
C ALA A 56 0.72 5.79 -2.56
N ILE A 57 -0.29 6.63 -2.78
CA ILE A 57 -1.67 6.17 -2.74
C ILE A 57 -2.40 6.66 -3.99
N ASN A 58 -2.56 5.75 -4.94
CA ASN A 58 -3.24 6.08 -6.18
C ASN A 58 -2.34 6.98 -7.03
N GLY A 59 -1.12 7.13 -6.56
CA GLY A 59 -0.15 7.97 -7.27
C GLY A 59 0.30 9.13 -6.40
N GLN A 60 -0.41 9.32 -5.30
CA GLN A 60 -0.09 10.40 -4.38
C GLN A 60 0.87 9.91 -3.29
N SER A 61 2.03 10.54 -3.23
CA SER A 61 3.03 10.17 -2.24
C SER A 61 2.36 9.85 -0.91
N ALA A 62 2.88 8.83 -0.25
CA ALA A 62 2.35 8.41 1.04
C ALA A 62 3.45 8.47 2.09
N GLU A 63 4.61 8.95 1.66
CA GLU A 63 5.75 9.07 2.56
C GLU A 63 5.40 9.95 3.75
N ASN A 64 4.56 10.95 3.49
CA ASN A 64 4.15 11.87 4.54
C ASN A 64 2.62 11.87 4.64
N MET A 65 2.09 10.68 4.88
CA MET A 65 0.64 10.52 5.00
C MET A 65 0.25 10.07 6.41
N LEU A 66 -0.61 10.86 7.03
CA LEU A 66 -1.06 10.56 8.38
C LEU A 66 -1.94 9.32 8.34
N HIS A 67 -1.92 8.58 9.45
CA HIS A 67 -2.72 7.36 9.55
C HIS A 67 -4.16 7.66 9.16
N ALA A 68 -4.52 8.93 9.27
CA ALA A 68 -5.87 9.35 8.93
C ALA A 68 -5.92 9.78 7.46
N GLU A 69 -4.77 10.25 6.98
CA GLU A 69 -4.67 10.68 5.60
C GLU A 69 -4.75 9.49 4.66
N ALA A 70 -3.86 8.53 4.89
CA ALA A 70 -3.81 7.34 4.07
C ALA A 70 -5.14 6.58 4.21
N GLN A 71 -5.74 6.74 5.38
CA GLN A 71 -7.01 6.07 5.65
C GLN A 71 -8.14 6.75 4.88
N SER A 72 -8.14 8.07 4.92
CA SER A 72 -9.15 8.85 4.23
C SER A 72 -9.04 8.62 2.72
N LYS A 73 -7.85 8.88 2.19
CA LYS A 73 -7.60 8.72 0.77
C LYS A 73 -8.09 7.33 0.33
N ILE A 74 -7.52 6.31 0.96
CA ILE A 74 -7.88 4.94 0.65
C ILE A 74 -9.41 4.81 0.66
N ARG A 75 -10.01 5.27 1.75
CA ARG A 75 -11.45 5.21 1.90
C ARG A 75 -12.13 6.05 0.82
N GLN A 76 -11.42 7.07 0.37
CA GLN A 76 -11.94 7.96 -0.66
C GLN A 76 -11.22 7.71 -1.99
N SER A 77 -10.84 6.45 -2.19
CA SER A 77 -10.15 6.06 -3.40
C SER A 77 -11.08 5.23 -4.29
N ALA A 78 -11.22 5.67 -5.53
CA ALA A 78 -12.07 4.98 -6.48
C ALA A 78 -11.41 3.65 -6.88
N SER A 79 -12.08 2.94 -7.78
CA SER A 79 -11.57 1.66 -8.25
C SER A 79 -11.29 1.73 -9.74
N PRO A 80 -10.16 1.09 -10.14
CA PRO A 80 -9.32 0.39 -9.19
C PRO A 80 -8.50 1.38 -8.36
N LEU A 81 -8.00 0.88 -7.23
CA LEU A 81 -7.21 1.71 -6.34
C LEU A 81 -5.74 1.32 -6.48
N ARG A 82 -4.97 2.24 -7.07
CA ARG A 82 -3.55 2.01 -7.27
C ARG A 82 -2.78 2.30 -5.98
N LEU A 83 -1.85 1.40 -5.67
CA LEU A 83 -1.04 1.54 -4.48
C LEU A 83 0.41 1.19 -4.81
N GLN A 84 1.27 2.18 -4.67
CA GLN A 84 2.69 1.99 -4.96
C GLN A 84 3.41 1.47 -3.71
N LEU A 85 3.82 0.21 -3.78
CA LEU A 85 4.52 -0.41 -2.67
C LEU A 85 6.02 -0.35 -2.93
N ASP A 86 6.77 -0.20 -1.84
CA ASP A 86 8.21 -0.12 -1.93
C ASP A 86 8.81 -1.47 -1.53
N ARG A 87 9.19 -2.23 -2.55
CA ARG A 87 9.78 -3.54 -2.32
C ARG A 87 11.24 -3.56 -2.80
N SER A 88 12.14 -3.55 -1.82
CA SER A 88 13.56 -3.55 -2.13
C SER A 88 14.28 -4.57 -1.23
N SER A 89 14.29 -5.81 -1.70
CA SER A 89 14.93 -6.88 -0.95
C SER A 89 15.03 -8.14 -1.82
N GLY A 90 15.83 -9.08 -1.35
CA GLY A 90 16.02 -10.33 -2.06
C GLY A 90 16.95 -11.27 -1.30
N PRO A 91 16.82 -12.59 -1.61
CA PRO A 91 17.64 -13.60 -0.97
C PRO A 91 19.07 -13.57 -1.51
N SER A 92 20.01 -13.95 -0.65
CA SER A 92 21.41 -13.98 -1.02
C SER A 92 22.27 -14.32 0.19
N SER A 93 23.49 -14.75 -0.09
CA SER A 93 24.42 -15.13 0.96
C SER A 93 24.44 -14.05 2.04
N GLY A 94 24.83 -14.46 3.24
CA GLY A 94 24.90 -13.55 4.36
C GLY A 94 25.94 -12.45 4.11
N GLY A 1 15.51 10.84 -16.65
CA GLY A 1 15.63 11.15 -15.23
C GLY A 1 15.93 9.90 -14.41
N SER A 2 14.90 9.37 -13.78
CA SER A 2 15.03 8.17 -12.97
C SER A 2 15.46 7.00 -13.84
N SER A 3 16.05 6.00 -13.20
CA SER A 3 16.51 4.82 -13.89
C SER A 3 16.57 3.63 -12.93
N GLY A 4 17.32 3.82 -11.86
CA GLY A 4 17.47 2.78 -10.85
C GLY A 4 16.55 3.04 -9.65
N SER A 5 15.27 2.75 -9.84
CA SER A 5 14.30 2.94 -8.78
C SER A 5 13.72 1.60 -8.34
N SER A 6 13.00 1.63 -7.22
CA SER A 6 12.39 0.42 -6.70
C SER A 6 11.01 0.74 -6.13
N GLY A 7 10.10 -0.22 -6.28
CA GLY A 7 8.75 -0.05 -5.78
C GLY A 7 7.73 -0.58 -6.80
N LEU A 8 6.88 -1.47 -6.31
CA LEU A 8 5.86 -2.06 -7.16
C LEU A 8 4.50 -1.45 -6.83
N THR A 9 3.60 -1.52 -7.79
CA THR A 9 2.27 -0.96 -7.61
C THR A 9 1.21 -2.08 -7.67
N VAL A 10 0.06 -1.79 -7.09
CA VAL A 10 -1.02 -2.76 -7.06
C VAL A 10 -2.32 -2.07 -7.51
N ASP A 11 -3.18 -2.85 -8.15
CA ASP A 11 -4.44 -2.34 -8.63
C ASP A 11 -5.58 -3.14 -7.99
N VAL A 12 -6.08 -2.62 -6.88
CA VAL A 12 -7.18 -3.27 -6.18
C VAL A 12 -8.47 -3.09 -6.96
N ALA A 13 -9.24 -4.17 -7.06
CA ALA A 13 -10.49 -4.14 -7.78
C ALA A 13 -11.62 -3.81 -6.80
N GLY A 14 -12.16 -2.61 -6.95
CA GLY A 14 -13.25 -2.16 -6.10
C GLY A 14 -14.54 -2.92 -6.40
N PRO A 15 -15.67 -2.38 -5.86
CA PRO A 15 -15.60 -1.17 -5.06
C PRO A 15 -15.03 -1.45 -3.67
N ALA A 16 -15.24 -0.50 -2.77
CA ALA A 16 -14.77 -0.64 -1.40
C ALA A 16 -15.81 -1.37 -0.57
N PRO A 17 -15.37 -1.82 0.63
CA PRO A 17 -14.01 -1.61 1.06
C PRO A 17 -13.05 -2.54 0.32
N TRP A 18 -11.76 -2.38 0.61
CA TRP A 18 -10.74 -3.20 -0.01
C TRP A 18 -10.58 -4.47 0.82
N GLY A 19 -10.23 -4.28 2.08
CA GLY A 19 -10.04 -5.39 2.99
C GLY A 19 -8.58 -5.50 3.45
N PHE A 20 -7.99 -4.34 3.70
CA PHE A 20 -6.61 -4.28 4.14
C PHE A 20 -6.40 -3.14 5.14
N ARG A 21 -5.41 -3.33 6.01
CA ARG A 21 -5.10 -2.34 7.01
C ARG A 21 -3.71 -1.74 6.77
N ILE A 22 -3.32 -0.84 7.66
CA ILE A 22 -2.03 -0.20 7.55
C ILE A 22 -1.51 0.14 8.95
N SER A 23 -0.27 0.59 8.99
CA SER A 23 0.36 0.95 10.26
C SER A 23 1.24 2.19 10.08
N GLY A 24 1.82 2.62 11.18
CA GLY A 24 2.67 3.80 11.16
C GLY A 24 1.93 5.02 10.62
N GLY A 25 2.60 5.74 9.73
CA GLY A 25 2.02 6.92 9.14
C GLY A 25 2.84 8.17 9.46
N ARG A 26 2.62 9.21 8.67
CA ARG A 26 3.34 10.46 8.87
C ARG A 26 3.23 10.92 10.31
N ASP A 27 2.08 10.63 10.91
CA ASP A 27 1.83 11.00 12.29
C ASP A 27 2.86 10.31 13.19
N PHE A 28 3.04 9.02 12.93
CA PHE A 28 3.98 8.22 13.71
C PHE A 28 5.39 8.33 13.14
N HIS A 29 5.52 9.16 12.10
CA HIS A 29 6.79 9.35 11.45
C HIS A 29 7.34 8.00 10.96
N THR A 30 6.43 7.19 10.45
CA THR A 30 6.80 5.88 9.94
C THR A 30 6.10 5.61 8.60
N PRO A 31 6.67 4.62 7.85
CA PRO A 31 6.12 4.26 6.56
C PRO A 31 4.82 3.45 6.72
N ILE A 32 3.85 3.77 5.88
CA ILE A 32 2.57 3.08 5.92
C ILE A 32 2.75 1.64 5.44
N ILE A 33 2.68 0.73 6.39
CA ILE A 33 2.84 -0.69 6.07
C ILE A 33 1.53 -1.42 6.38
N VAL A 34 1.24 -2.41 5.55
CA VAL A 34 0.02 -3.19 5.72
C VAL A 34 0.20 -4.16 6.89
N THR A 35 -0.81 -4.18 7.75
CA THR A 35 -0.79 -5.05 8.91
C THR A 35 -1.56 -6.34 8.63
N LYS A 36 -2.76 -6.17 8.10
CA LYS A 36 -3.60 -7.32 7.79
C LYS A 36 -4.08 -7.21 6.35
N VAL A 37 -4.38 -8.36 5.76
CA VAL A 37 -4.84 -8.41 4.38
C VAL A 37 -5.98 -9.42 4.27
N THR A 38 -7.19 -8.90 4.12
CA THR A 38 -8.37 -9.73 3.99
C THR A 38 -8.12 -10.86 2.98
N GLU A 39 -8.44 -12.07 3.42
CA GLU A 39 -8.27 -13.24 2.56
C GLU A 39 -9.37 -13.31 1.51
N ARG A 40 -8.97 -13.69 0.31
CA ARG A 40 -9.91 -13.80 -0.79
C ARG A 40 -10.80 -12.57 -0.85
N GLY A 41 -10.21 -11.42 -0.55
CA GLY A 41 -10.94 -10.17 -0.57
C GLY A 41 -10.65 -9.38 -1.85
N LYS A 42 -10.70 -8.06 -1.72
CA LYS A 42 -10.44 -7.19 -2.85
C LYS A 42 -8.93 -6.97 -3.00
N ALA A 43 -8.28 -6.78 -1.86
CA ALA A 43 -6.84 -6.56 -1.85
C ALA A 43 -6.14 -7.83 -2.36
N GLU A 44 -6.21 -8.87 -1.55
CA GLU A 44 -5.59 -10.14 -1.90
C GLU A 44 -5.80 -10.43 -3.39
N ALA A 45 -7.02 -10.17 -3.85
CA ALA A 45 -7.37 -10.41 -5.24
C ALA A 45 -6.33 -9.73 -6.14
N ALA A 46 -6.04 -8.47 -5.81
CA ALA A 46 -5.08 -7.70 -6.57
C ALA A 46 -3.68 -8.31 -6.38
N ASP A 47 -3.00 -7.83 -5.35
CA ASP A 47 -1.66 -8.31 -5.06
C ASP A 47 -1.11 -7.55 -3.85
N LEU A 48 -2.00 -7.30 -2.89
CA LEU A 48 -1.61 -6.59 -1.68
C LEU A 48 -1.30 -7.60 -0.58
N ARG A 49 -0.24 -7.29 0.17
CA ARG A 49 0.18 -8.16 1.26
C ARG A 49 0.59 -7.32 2.47
N PRO A 50 0.57 -7.99 3.66
CA PRO A 50 0.93 -7.32 4.90
C PRO A 50 2.45 -7.14 4.99
N GLY A 51 2.86 -5.91 5.25
CA GLY A 51 4.27 -5.59 5.38
C GLY A 51 4.71 -4.64 4.25
N ASP A 52 3.96 -4.67 3.17
CA ASP A 52 4.27 -3.83 2.02
C ASP A 52 4.25 -2.36 2.46
N ILE A 53 5.33 -1.67 2.14
CA ILE A 53 5.47 -0.27 2.50
C ILE A 53 4.77 0.59 1.43
N ILE A 54 3.72 1.27 1.86
CA ILE A 54 2.97 2.13 0.96
C ILE A 54 3.77 3.40 0.68
N VAL A 55 4.16 3.56 -0.58
CA VAL A 55 4.93 4.72 -0.99
C VAL A 55 3.97 5.85 -1.37
N ALA A 56 2.96 5.48 -2.15
CA ALA A 56 1.97 6.47 -2.59
C ALA A 56 0.57 5.84 -2.48
N ILE A 57 -0.43 6.67 -2.75
CA ILE A 57 -1.81 6.22 -2.70
C ILE A 57 -2.55 6.72 -3.94
N ASN A 58 -2.73 5.81 -4.88
CA ASN A 58 -3.43 6.14 -6.11
C ASN A 58 -2.52 7.01 -6.98
N GLY A 59 -1.25 7.06 -6.60
CA GLY A 59 -0.28 7.85 -7.33
C GLY A 59 0.19 9.05 -6.50
N GLN A 60 -0.51 9.28 -5.40
CA GLN A 60 -0.18 10.39 -4.52
C GLN A 60 0.74 9.92 -3.40
N SER A 61 1.92 10.54 -3.35
CA SER A 61 2.90 10.20 -2.35
C SER A 61 2.21 9.94 -1.01
N ALA A 62 2.69 8.92 -0.31
CA ALA A 62 2.14 8.55 0.97
C ALA A 62 3.22 8.67 2.05
N GLU A 63 4.35 9.22 1.64
CA GLU A 63 5.47 9.39 2.55
C GLU A 63 5.10 10.37 3.66
N ASN A 64 4.32 11.38 3.29
CA ASN A 64 3.89 12.39 4.23
C ASN A 64 2.38 12.26 4.45
N MET A 65 1.93 11.03 4.55
CA MET A 65 0.52 10.75 4.76
C MET A 65 0.26 10.23 6.17
N LEU A 66 -0.43 11.05 6.95
CA LEU A 66 -0.75 10.67 8.32
C LEU A 66 -1.61 9.40 8.31
N HIS A 67 -1.57 8.70 9.44
CA HIS A 67 -2.34 7.47 9.57
C HIS A 67 -3.82 7.76 9.32
N ALA A 68 -4.18 9.03 9.48
CA ALA A 68 -5.55 9.44 9.27
C ALA A 68 -5.73 9.92 7.83
N GLU A 69 -4.61 10.33 7.23
CA GLU A 69 -4.62 10.80 5.86
C GLU A 69 -4.83 9.64 4.89
N ALA A 70 -3.86 8.74 4.88
CA ALA A 70 -3.91 7.58 4.01
C ALA A 70 -5.18 6.79 4.32
N GLN A 71 -5.45 6.63 5.60
CA GLN A 71 -6.64 5.90 6.03
C GLN A 71 -7.86 6.35 5.24
N SER A 72 -8.08 7.65 5.23
CA SER A 72 -9.20 8.22 4.51
C SER A 72 -8.95 8.17 3.00
N LYS A 73 -7.82 8.73 2.61
CA LYS A 73 -7.44 8.76 1.20
C LYS A 73 -7.84 7.43 0.56
N ILE A 74 -7.24 6.36 1.04
CA ILE A 74 -7.52 5.03 0.51
C ILE A 74 -9.03 4.89 0.30
N ARG A 75 -9.76 5.07 1.38
CA ARG A 75 -11.22 4.96 1.32
C ARG A 75 -11.78 5.94 0.27
N GLN A 76 -11.07 7.04 0.11
CA GLN A 76 -11.49 8.05 -0.86
C GLN A 76 -10.95 7.72 -2.25
N SER A 77 -10.16 6.66 -2.30
CA SER A 77 -9.57 6.22 -3.56
C SER A 77 -10.62 5.49 -4.39
N ALA A 78 -10.78 5.95 -5.63
CA ALA A 78 -11.74 5.36 -6.53
C ALA A 78 -11.22 4.00 -7.00
N SER A 79 -12.14 3.17 -7.49
CA SER A 79 -11.78 1.86 -7.97
C SER A 79 -11.45 1.91 -9.46
N PRO A 80 -10.34 1.21 -9.83
CA PRO A 80 -9.56 0.49 -8.85
C PRO A 80 -8.72 1.44 -8.00
N LEU A 81 -8.27 0.93 -6.86
CA LEU A 81 -7.46 1.73 -5.95
C LEU A 81 -5.99 1.33 -6.11
N ARG A 82 -5.24 2.21 -6.76
CA ARG A 82 -3.83 1.97 -6.98
C ARG A 82 -3.02 2.33 -5.73
N LEU A 83 -2.09 1.45 -5.39
CA LEU A 83 -1.26 1.66 -4.22
C LEU A 83 0.19 1.30 -4.57
N GLN A 84 1.06 2.28 -4.42
CA GLN A 84 2.48 2.08 -4.71
C GLN A 84 3.20 1.52 -3.49
N LEU A 85 3.70 0.30 -3.64
CA LEU A 85 4.40 -0.36 -2.55
C LEU A 85 5.90 -0.31 -2.82
N ASP A 86 6.67 -0.19 -1.75
CA ASP A 86 8.11 -0.13 -1.86
C ASP A 86 8.71 -1.50 -1.50
N ARG A 87 9.07 -2.24 -2.55
CA ARG A 87 9.65 -3.56 -2.35
C ARG A 87 11.15 -3.53 -2.68
N SER A 88 11.94 -3.57 -1.63
CA SER A 88 13.39 -3.55 -1.79
C SER A 88 14.07 -4.23 -0.60
N SER A 89 14.34 -5.52 -0.78
CA SER A 89 14.98 -6.30 0.26
C SER A 89 16.29 -6.89 -0.24
N GLY A 90 16.25 -7.39 -1.46
CA GLY A 90 17.42 -7.98 -2.07
C GLY A 90 17.20 -9.47 -2.36
N PRO A 91 18.31 -10.25 -2.20
CA PRO A 91 18.25 -11.69 -2.44
C PRO A 91 17.53 -12.40 -1.29
N SER A 92 17.46 -13.72 -1.41
CA SER A 92 16.81 -14.53 -0.40
C SER A 92 17.84 -15.08 0.58
N SER A 93 17.35 -15.59 1.69
CA SER A 93 18.22 -16.14 2.71
C SER A 93 18.37 -17.66 2.50
N GLY A 94 19.62 -18.10 2.48
CA GLY A 94 19.92 -19.51 2.28
C GLY A 94 19.29 -20.36 3.39
N GLY A 1 13.53 14.83 -11.66
CA GLY A 1 12.12 14.99 -11.95
C GLY A 1 11.37 13.68 -11.76
N SER A 2 11.24 12.94 -12.85
CA SER A 2 10.54 11.67 -12.80
C SER A 2 11.46 10.59 -12.22
N SER A 3 11.24 10.30 -10.94
CA SER A 3 12.04 9.30 -10.26
C SER A 3 11.17 8.08 -9.90
N GLY A 4 11.36 7.01 -10.65
CA GLY A 4 10.60 5.79 -10.43
C GLY A 4 11.35 4.57 -10.97
N SER A 5 11.69 3.68 -10.06
CA SER A 5 12.40 2.47 -10.43
C SER A 5 12.09 1.34 -9.45
N SER A 6 12.33 1.64 -8.17
CA SER A 6 12.07 0.67 -7.12
C SER A 6 10.68 0.89 -6.53
N GLY A 7 9.92 -0.19 -6.48
CA GLY A 7 8.56 -0.14 -5.95
C GLY A 7 7.57 -0.77 -6.92
N LEU A 8 6.69 -1.59 -6.37
CA LEU A 8 5.68 -2.26 -7.17
C LEU A 8 4.32 -1.64 -6.88
N THR A 9 3.41 -1.81 -7.83
CA THR A 9 2.06 -1.28 -7.68
C THR A 9 1.04 -2.42 -7.60
N VAL A 10 -0.11 -2.10 -7.03
CA VAL A 10 -1.17 -3.09 -6.88
C VAL A 10 -2.51 -2.43 -7.20
N ASP A 11 -3.29 -3.13 -8.02
CA ASP A 11 -4.60 -2.62 -8.41
C ASP A 11 -5.69 -3.43 -7.68
N VAL A 12 -6.35 -2.75 -6.76
CA VAL A 12 -7.41 -3.38 -5.99
C VAL A 12 -8.77 -3.04 -6.61
N ALA A 13 -9.43 -4.06 -7.11
CA ALA A 13 -10.74 -3.87 -7.73
C ALA A 13 -11.74 -3.40 -6.67
N GLY A 14 -12.30 -2.22 -6.92
CA GLY A 14 -13.27 -1.65 -6.00
C GLY A 14 -14.69 -2.12 -6.34
N PRO A 15 -15.69 -1.40 -5.75
CA PRO A 15 -15.39 -0.28 -4.88
C PRO A 15 -14.88 -0.76 -3.52
N ALA A 16 -14.94 0.13 -2.55
CA ALA A 16 -14.49 -0.18 -1.20
C ALA A 16 -15.61 -0.95 -0.47
N PRO A 17 -15.23 -1.54 0.69
CA PRO A 17 -13.87 -1.45 1.17
C PRO A 17 -12.94 -2.35 0.37
N TRP A 18 -11.66 -2.31 0.73
CA TRP A 18 -10.66 -3.12 0.05
C TRP A 18 -10.55 -4.45 0.81
N GLY A 19 -10.24 -4.34 2.09
CA GLY A 19 -10.10 -5.51 2.92
C GLY A 19 -8.66 -5.63 3.45
N PHE A 20 -8.06 -4.48 3.71
CA PHE A 20 -6.70 -4.45 4.22
C PHE A 20 -6.51 -3.30 5.21
N ARG A 21 -5.61 -3.50 6.15
CA ARG A 21 -5.32 -2.50 7.16
C ARG A 21 -3.97 -1.85 6.90
N ILE A 22 -3.59 -0.94 7.78
CA ILE A 22 -2.32 -0.24 7.67
C ILE A 22 -1.84 0.19 9.05
N SER A 23 -0.60 0.64 9.09
CA SER A 23 -0.01 1.08 10.35
C SER A 23 0.94 2.25 10.09
N GLY A 24 1.56 2.71 11.17
CA GLY A 24 2.50 3.81 11.08
C GLY A 24 1.84 5.05 10.45
N GLY A 25 2.58 5.69 9.58
CA GLY A 25 2.08 6.88 8.90
C GLY A 25 2.92 8.12 9.25
N ARG A 26 2.55 9.23 8.65
CA ARG A 26 3.26 10.49 8.90
C ARG A 26 3.02 10.95 10.33
N ASP A 27 1.97 10.41 10.93
CA ASP A 27 1.62 10.76 12.30
C ASP A 27 2.63 10.12 13.26
N PHE A 28 2.90 8.85 13.02
CA PHE A 28 3.84 8.12 13.85
C PHE A 28 5.26 8.21 13.30
N HIS A 29 5.41 9.09 12.32
CA HIS A 29 6.72 9.28 11.70
C HIS A 29 7.19 7.97 11.07
N THR A 30 6.21 7.12 10.76
CA THR A 30 6.51 5.83 10.16
C THR A 30 5.79 5.69 8.82
N PRO A 31 6.33 4.78 7.97
CA PRO A 31 5.75 4.53 6.66
C PRO A 31 4.45 3.72 6.78
N ILE A 32 3.55 3.97 5.84
CA ILE A 32 2.28 3.28 5.83
C ILE A 32 2.50 1.81 5.43
N ILE A 33 2.51 0.96 6.44
CA ILE A 33 2.71 -0.46 6.21
C ILE A 33 1.40 -1.21 6.47
N VAL A 34 1.23 -2.31 5.77
CA VAL A 34 0.04 -3.13 5.90
C VAL A 34 0.21 -4.08 7.09
N THR A 35 -0.85 -4.22 7.85
CA THR A 35 -0.83 -5.09 9.01
C THR A 35 -1.55 -6.41 8.70
N LYS A 36 -2.77 -6.27 8.19
CA LYS A 36 -3.57 -7.43 7.84
C LYS A 36 -4.09 -7.28 6.41
N VAL A 37 -4.35 -8.42 5.79
CA VAL A 37 -4.84 -8.43 4.42
C VAL A 37 -5.96 -9.47 4.30
N THR A 38 -7.17 -8.98 4.12
CA THR A 38 -8.33 -9.85 3.99
C THR A 38 -8.05 -10.95 2.97
N GLU A 39 -8.21 -12.18 3.43
CA GLU A 39 -7.97 -13.34 2.57
C GLU A 39 -9.03 -13.41 1.47
N ARG A 40 -8.62 -13.92 0.32
CA ARG A 40 -9.53 -14.06 -0.81
C ARG A 40 -10.45 -12.83 -0.88
N GLY A 41 -9.87 -11.68 -0.64
CA GLY A 41 -10.63 -10.43 -0.69
C GLY A 41 -10.31 -9.64 -1.95
N LYS A 42 -10.40 -8.32 -1.83
CA LYS A 42 -10.13 -7.43 -2.94
C LYS A 42 -8.63 -7.16 -3.02
N ALA A 43 -8.07 -6.74 -1.88
CA ALA A 43 -6.65 -6.46 -1.81
C ALA A 43 -5.86 -7.69 -2.22
N GLU A 44 -5.85 -8.68 -1.33
CA GLU A 44 -5.13 -9.92 -1.59
C GLU A 44 -5.31 -10.34 -3.05
N ALA A 45 -6.56 -10.42 -3.46
CA ALA A 45 -6.89 -10.81 -4.83
C ALA A 45 -5.94 -10.08 -5.79
N ALA A 46 -5.83 -8.77 -5.59
CA ALA A 46 -4.97 -7.96 -6.43
C ALA A 46 -3.52 -8.40 -6.25
N ASP A 47 -2.85 -7.77 -5.29
CA ASP A 47 -1.46 -8.10 -5.02
C ASP A 47 -1.00 -7.31 -3.79
N LEU A 48 -1.91 -7.14 -2.85
CA LEU A 48 -1.61 -6.41 -1.63
C LEU A 48 -1.35 -7.40 -0.50
N ARG A 49 -0.23 -7.21 0.17
CA ARG A 49 0.15 -8.08 1.28
C ARG A 49 0.54 -7.24 2.50
N PRO A 50 0.56 -7.92 3.68
CA PRO A 50 0.92 -7.26 4.92
C PRO A 50 2.43 -7.01 5.00
N GLY A 51 2.78 -5.77 5.27
CA GLY A 51 4.18 -5.39 5.37
C GLY A 51 4.57 -4.41 4.26
N ASP A 52 3.99 -4.63 3.09
CA ASP A 52 4.26 -3.79 1.94
C ASP A 52 4.19 -2.32 2.37
N ILE A 53 5.23 -1.58 2.02
CA ILE A 53 5.30 -0.17 2.36
C ILE A 53 4.64 0.65 1.26
N ILE A 54 3.51 1.25 1.61
CA ILE A 54 2.76 2.06 0.66
C ILE A 54 3.50 3.38 0.44
N VAL A 55 4.10 3.49 -0.74
CA VAL A 55 4.84 4.69 -1.09
C VAL A 55 3.85 5.79 -1.49
N ALA A 56 3.05 5.48 -2.50
CA ALA A 56 2.06 6.42 -2.98
C ALA A 56 0.68 5.78 -2.94
N ILE A 57 -0.33 6.62 -3.18
CA ILE A 57 -1.71 6.14 -3.16
C ILE A 57 -2.42 6.64 -4.42
N ASN A 58 -2.60 5.73 -5.36
CA ASN A 58 -3.26 6.07 -6.61
C ASN A 58 -2.37 7.01 -7.43
N GLY A 59 -1.09 6.99 -7.10
CA GLY A 59 -0.13 7.82 -7.79
C GLY A 59 0.25 9.05 -6.94
N GLN A 60 -0.47 9.19 -5.83
CA GLN A 60 -0.23 10.31 -4.94
C GLN A 60 0.71 9.88 -3.80
N SER A 61 1.86 10.53 -3.75
CA SER A 61 2.84 10.23 -2.72
C SER A 61 2.15 9.98 -1.38
N ALA A 62 2.72 9.07 -0.60
CA ALA A 62 2.18 8.74 0.70
C ALA A 62 3.30 8.70 1.73
N GLU A 63 4.45 9.23 1.33
CA GLU A 63 5.61 9.25 2.20
C GLU A 63 5.31 10.08 3.45
N ASN A 64 4.46 11.09 3.26
CA ASN A 64 4.08 11.96 4.37
C ASN A 64 2.56 11.91 4.56
N MET A 65 2.05 10.69 4.64
CA MET A 65 0.62 10.48 4.83
C MET A 65 0.32 9.98 6.25
N LEU A 66 -0.43 10.78 6.98
CA LEU A 66 -0.80 10.43 8.33
C LEU A 66 -1.66 9.16 8.32
N HIS A 67 -1.71 8.50 9.46
CA HIS A 67 -2.47 7.28 9.59
C HIS A 67 -3.95 7.56 9.26
N ALA A 68 -4.31 8.83 9.40
CA ALA A 68 -5.67 9.25 9.13
C ALA A 68 -5.78 9.72 7.68
N GLU A 69 -4.63 10.12 7.14
CA GLU A 69 -4.58 10.59 5.77
C GLU A 69 -4.76 9.44 4.79
N ALA A 70 -3.83 8.49 4.88
CA ALA A 70 -3.88 7.32 4.01
C ALA A 70 -5.18 6.55 4.26
N GLN A 71 -5.57 6.51 5.52
CA GLN A 71 -6.79 5.82 5.90
C GLN A 71 -8.00 6.45 5.21
N SER A 72 -8.01 7.77 5.19
CA SER A 72 -9.09 8.50 4.57
C SER A 72 -9.00 8.38 3.05
N LYS A 73 -7.80 8.60 2.54
CA LYS A 73 -7.56 8.52 1.11
C LYS A 73 -7.96 7.13 0.61
N ILE A 74 -7.35 6.12 1.21
CA ILE A 74 -7.65 4.75 0.83
C ILE A 74 -9.15 4.54 0.83
N ARG A 75 -9.80 5.03 1.87
CA ARG A 75 -11.24 4.90 2.00
C ARG A 75 -11.94 5.72 0.91
N GLN A 76 -11.48 6.95 0.75
CA GLN A 76 -12.06 7.83 -0.26
C GLN A 76 -11.24 7.77 -1.55
N SER A 77 -10.71 6.59 -1.81
CA SER A 77 -9.91 6.39 -3.02
C SER A 77 -10.78 5.81 -4.13
N ALA A 78 -10.73 6.47 -5.27
CA ALA A 78 -11.51 6.04 -6.42
C ALA A 78 -10.91 4.75 -6.98
N SER A 79 -11.80 3.88 -7.44
CA SER A 79 -11.38 2.59 -7.99
C SER A 79 -11.11 2.74 -9.48
N PRO A 80 -10.14 1.91 -9.98
CA PRO A 80 -9.45 0.97 -9.11
C PRO A 80 -8.43 1.69 -8.23
N LEU A 81 -8.03 1.01 -7.17
CA LEU A 81 -7.06 1.57 -6.24
C LEU A 81 -5.66 1.09 -6.63
N ARG A 82 -4.79 2.05 -6.87
CA ARG A 82 -3.42 1.76 -7.25
C ARG A 82 -2.45 2.29 -6.19
N LEU A 83 -2.04 1.40 -5.30
CA LEU A 83 -1.12 1.76 -4.24
C LEU A 83 0.30 1.33 -4.63
N GLN A 84 1.20 2.30 -4.62
CA GLN A 84 2.59 2.03 -4.98
C GLN A 84 3.36 1.55 -3.75
N LEU A 85 3.63 0.24 -3.73
CA LEU A 85 4.36 -0.35 -2.64
C LEU A 85 5.87 -0.29 -2.92
N ASP A 86 6.62 -0.13 -1.84
CA ASP A 86 8.08 -0.05 -1.97
C ASP A 86 8.69 -1.38 -1.57
N ARG A 87 9.05 -2.16 -2.59
CA ARG A 87 9.66 -3.46 -2.36
C ARG A 87 11.07 -3.50 -2.95
N SER A 88 12.05 -3.46 -2.07
CA SER A 88 13.44 -3.49 -2.49
C SER A 88 14.07 -4.83 -2.09
N SER A 89 13.67 -5.88 -2.80
CA SER A 89 14.17 -7.20 -2.53
C SER A 89 14.05 -8.07 -3.79
N GLY A 90 14.54 -9.29 -3.67
CA GLY A 90 14.48 -10.24 -4.78
C GLY A 90 13.23 -11.12 -4.70
N PRO A 91 12.66 -11.42 -5.90
CA PRO A 91 11.48 -12.25 -5.97
C PRO A 91 11.81 -13.72 -5.71
N SER A 92 10.82 -14.56 -5.93
CA SER A 92 11.00 -16.00 -5.72
C SER A 92 11.17 -16.29 -4.23
N SER A 93 12.30 -15.88 -3.70
CA SER A 93 12.59 -16.09 -2.29
C SER A 93 13.11 -14.80 -1.66
N GLY A 94 12.46 -14.41 -0.56
CA GLY A 94 12.84 -13.20 0.14
C GLY A 94 11.78 -12.81 1.17
N GLY A 1 24.78 -2.10 -12.78
CA GLY A 1 23.61 -1.29 -12.48
C GLY A 1 24.01 0.12 -12.06
N SER A 2 23.48 1.10 -12.76
CA SER A 2 23.77 2.49 -12.46
C SER A 2 22.74 3.04 -11.47
N SER A 3 21.48 2.97 -11.88
CA SER A 3 20.39 3.46 -11.06
C SER A 3 19.35 2.35 -10.87
N GLY A 4 18.48 2.57 -9.88
CA GLY A 4 17.44 1.60 -9.59
C GLY A 4 16.14 2.31 -9.19
N SER A 5 15.06 1.92 -9.86
CA SER A 5 13.75 2.51 -9.58
C SER A 5 13.19 1.94 -8.28
N SER A 6 12.99 0.63 -8.27
CA SER A 6 12.46 -0.05 -7.11
C SER A 6 11.02 0.39 -6.86
N GLY A 7 10.32 -0.40 -6.06
CA GLY A 7 8.94 -0.11 -5.74
C GLY A 7 8.00 -0.57 -6.86
N LEU A 8 7.01 -1.36 -6.47
CA LEU A 8 6.04 -1.87 -7.43
C LEU A 8 4.66 -1.31 -7.10
N THR A 9 3.81 -1.29 -8.13
CA THR A 9 2.46 -0.78 -7.95
C THR A 9 1.44 -1.92 -8.05
N VAL A 10 0.25 -1.66 -7.54
CA VAL A 10 -0.81 -2.65 -7.55
C VAL A 10 -2.12 -1.98 -7.97
N ASP A 11 -2.98 -2.77 -8.59
CA ASP A 11 -4.27 -2.28 -9.04
C ASP A 11 -5.39 -3.02 -8.31
N VAL A 12 -5.89 -2.38 -7.27
CA VAL A 12 -6.97 -2.96 -6.48
C VAL A 12 -8.31 -2.42 -6.97
N ALA A 13 -9.04 -3.27 -7.67
CA ALA A 13 -10.34 -2.90 -8.19
C ALA A 13 -11.43 -3.35 -7.23
N GLY A 14 -11.98 -2.38 -6.49
CA GLY A 14 -13.03 -2.67 -5.54
C GLY A 14 -14.40 -2.71 -6.21
N PRO A 15 -15.19 -1.63 -5.98
CA PRO A 15 -14.72 -0.53 -5.13
C PRO A 15 -14.76 -0.93 -3.65
N ALA A 16 -14.29 -0.02 -2.82
CA ALA A 16 -14.26 -0.26 -1.39
C ALA A 16 -15.54 -0.99 -0.97
N PRO A 17 -15.45 -1.69 0.20
CA PRO A 17 -14.22 -1.70 0.97
C PRO A 17 -13.18 -2.61 0.30
N TRP A 18 -11.96 -2.52 0.81
CA TRP A 18 -10.87 -3.33 0.28
C TRP A 18 -10.75 -4.59 1.14
N GLY A 19 -10.36 -4.38 2.39
CA GLY A 19 -10.20 -5.49 3.32
C GLY A 19 -8.75 -5.63 3.77
N PHE A 20 -8.12 -4.48 3.99
CA PHE A 20 -6.73 -4.46 4.42
C PHE A 20 -6.47 -3.31 5.40
N ARG A 21 -5.57 -3.56 6.33
CA ARG A 21 -5.22 -2.56 7.32
C ARG A 21 -3.85 -1.96 7.02
N ILE A 22 -3.46 -1.00 7.83
CA ILE A 22 -2.18 -0.33 7.67
C ILE A 22 -1.63 0.08 9.03
N SER A 23 -0.42 0.60 9.03
CA SER A 23 0.22 1.03 10.25
C SER A 23 1.17 2.21 9.97
N GLY A 24 1.81 2.68 11.02
CA GLY A 24 2.73 3.80 10.90
C GLY A 24 2.03 5.03 10.32
N GLY A 25 2.74 5.72 9.44
CA GLY A 25 2.20 6.91 8.82
C GLY A 25 2.93 8.16 9.30
N ARG A 26 2.86 9.20 8.49
CA ARG A 26 3.50 10.46 8.83
C ARG A 26 3.29 10.79 10.31
N ASP A 27 2.09 10.51 10.78
CA ASP A 27 1.75 10.77 12.16
C ASP A 27 2.77 10.10 13.07
N PHE A 28 2.94 8.79 12.87
CA PHE A 28 3.88 8.02 13.66
C PHE A 28 5.29 8.14 13.09
N HIS A 29 5.45 9.09 12.19
CA HIS A 29 6.75 9.31 11.55
C HIS A 29 7.26 8.00 10.96
N THR A 30 6.32 7.20 10.48
CA THR A 30 6.66 5.92 9.88
C THR A 30 5.93 5.74 8.56
N PRO A 31 6.47 4.81 7.72
CA PRO A 31 5.87 4.54 6.43
C PRO A 31 4.60 3.68 6.58
N ILE A 32 3.64 3.97 5.71
CA ILE A 32 2.37 3.26 5.75
C ILE A 32 2.62 1.80 5.35
N ILE A 33 2.57 0.93 6.37
CA ILE A 33 2.78 -0.49 6.14
C ILE A 33 1.47 -1.24 6.40
N VAL A 34 1.28 -2.30 5.63
CA VAL A 34 0.07 -3.11 5.76
C VAL A 34 0.26 -4.11 6.90
N THR A 35 -0.68 -4.08 7.84
CA THR A 35 -0.63 -4.97 8.98
C THR A 35 -1.20 -6.34 8.60
N LYS A 36 -2.43 -6.33 8.12
CA LYS A 36 -3.08 -7.57 7.72
C LYS A 36 -4.07 -7.27 6.59
N VAL A 37 -4.19 -8.23 5.69
CA VAL A 37 -5.09 -8.09 4.56
C VAL A 37 -6.05 -9.28 4.53
N THR A 38 -7.34 -8.96 4.56
CA THR A 38 -8.37 -9.99 4.53
C THR A 38 -8.08 -11.00 3.42
N GLU A 39 -8.26 -12.27 3.75
CA GLU A 39 -8.03 -13.33 2.79
C GLU A 39 -9.22 -13.46 1.84
N ARG A 40 -8.91 -13.69 0.57
CA ARG A 40 -9.94 -13.84 -0.44
C ARG A 40 -10.76 -12.55 -0.56
N GLY A 41 -10.20 -11.48 0.01
CA GLY A 41 -10.87 -10.19 -0.01
C GLY A 41 -10.65 -9.49 -1.36
N LYS A 42 -10.64 -8.17 -1.31
CA LYS A 42 -10.45 -7.38 -2.51
C LYS A 42 -8.95 -7.13 -2.72
N ALA A 43 -8.31 -6.73 -1.64
CA ALA A 43 -6.88 -6.45 -1.69
C ALA A 43 -6.14 -7.69 -2.19
N GLU A 44 -6.09 -8.71 -1.34
CA GLU A 44 -5.42 -9.95 -1.69
C GLU A 44 -5.70 -10.31 -3.15
N ALA A 45 -6.94 -10.06 -3.55
CA ALA A 45 -7.36 -10.36 -4.92
C ALA A 45 -6.33 -9.78 -5.90
N ALA A 46 -6.07 -8.49 -5.74
CA ALA A 46 -5.11 -7.81 -6.59
C ALA A 46 -3.71 -8.39 -6.36
N ASP A 47 -3.00 -7.76 -5.44
CA ASP A 47 -1.65 -8.20 -5.10
C ASP A 47 -1.17 -7.46 -3.86
N LEU A 48 -2.11 -7.17 -2.98
CA LEU A 48 -1.79 -6.46 -1.74
C LEU A 48 -1.55 -7.47 -0.63
N ARG A 49 -0.59 -7.13 0.22
CA ARG A 49 -0.24 -8.00 1.34
C ARG A 49 0.30 -7.18 2.50
N PRO A 50 0.23 -7.78 3.72
CA PRO A 50 0.71 -7.12 4.91
C PRO A 50 2.24 -7.11 4.96
N GLY A 51 2.79 -5.93 5.20
CA GLY A 51 4.23 -5.78 5.28
C GLY A 51 4.75 -4.91 4.13
N ASP A 52 3.85 -4.59 3.21
CA ASP A 52 4.21 -3.78 2.06
C ASP A 52 4.18 -2.30 2.47
N ILE A 53 5.25 -1.61 2.11
CA ILE A 53 5.37 -0.20 2.43
C ILE A 53 4.72 0.63 1.32
N ILE A 54 3.60 1.26 1.67
CA ILE A 54 2.87 2.08 0.72
C ILE A 54 3.67 3.35 0.44
N VAL A 55 4.21 3.42 -0.76
CA VAL A 55 4.99 4.57 -1.17
C VAL A 55 4.05 5.73 -1.52
N ALA A 56 3.05 5.41 -2.33
CA ALA A 56 2.08 6.40 -2.75
C ALA A 56 0.67 5.79 -2.66
N ILE A 57 -0.32 6.66 -2.81
CA ILE A 57 -1.71 6.24 -2.74
C ILE A 57 -2.47 6.82 -3.94
N ASN A 58 -2.69 5.97 -4.93
CA ASN A 58 -3.40 6.38 -6.12
C ASN A 58 -2.51 7.31 -6.95
N GLY A 59 -1.24 7.34 -6.57
CA GLY A 59 -0.27 8.18 -7.27
C GLY A 59 0.24 9.31 -6.36
N GLN A 60 -0.44 9.47 -5.23
CA GLN A 60 -0.08 10.49 -4.28
C GLN A 60 0.86 9.93 -3.21
N SER A 61 2.06 10.46 -3.17
CA SER A 61 3.06 10.01 -2.21
C SER A 61 2.40 9.78 -0.86
N ALA A 62 2.89 8.76 -0.17
CA ALA A 62 2.37 8.43 1.14
C ALA A 62 3.49 8.54 2.18
N GLU A 63 4.60 9.10 1.75
CA GLU A 63 5.74 9.29 2.62
C GLU A 63 5.36 10.17 3.82
N ASN A 64 4.52 11.15 3.54
CA ASN A 64 4.07 12.07 4.57
C ASN A 64 2.54 12.00 4.68
N MET A 65 2.05 10.79 4.91
CA MET A 65 0.61 10.58 5.02
C MET A 65 0.25 10.12 6.44
N LEU A 66 -0.61 10.89 7.08
CA LEU A 66 -1.05 10.58 8.43
C LEU A 66 -1.90 9.30 8.40
N HIS A 67 -1.86 8.57 9.49
CA HIS A 67 -2.63 7.33 9.60
C HIS A 67 -4.09 7.61 9.22
N ALA A 68 -4.48 8.87 9.34
CA ALA A 68 -5.83 9.27 9.00
C ALA A 68 -5.89 9.70 7.54
N GLU A 69 -4.77 10.20 7.06
CA GLU A 69 -4.68 10.65 5.68
C GLU A 69 -4.76 9.45 4.72
N ALA A 70 -3.85 8.51 4.92
CA ALA A 70 -3.81 7.32 4.09
C ALA A 70 -5.11 6.54 4.26
N GLN A 71 -5.63 6.57 5.48
CA GLN A 71 -6.86 5.87 5.78
C GLN A 71 -8.03 6.50 5.02
N SER A 72 -8.05 7.82 5.02
CA SER A 72 -9.11 8.55 4.33
C SER A 72 -8.97 8.37 2.81
N LYS A 73 -7.80 8.70 2.31
CA LYS A 73 -7.53 8.58 0.88
C LYS A 73 -7.99 7.20 0.40
N ILE A 74 -7.44 6.17 1.04
CA ILE A 74 -7.79 4.80 0.69
C ILE A 74 -9.30 4.65 0.71
N ARG A 75 -9.91 5.20 1.75
CA ARG A 75 -11.35 5.13 1.90
C ARG A 75 -12.05 5.88 0.76
N GLN A 76 -11.51 7.05 0.45
CA GLN A 76 -12.07 7.87 -0.61
C GLN A 76 -11.41 7.51 -1.95
N SER A 77 -10.83 6.32 -1.99
CA SER A 77 -10.16 5.86 -3.19
C SER A 77 -11.13 5.01 -4.03
N ALA A 78 -11.33 5.43 -5.27
CA ALA A 78 -12.21 4.74 -6.17
C ALA A 78 -11.46 3.58 -6.84
N SER A 79 -12.21 2.71 -7.49
CA SER A 79 -11.63 1.57 -8.17
C SER A 79 -11.44 1.88 -9.65
N PRO A 80 -10.28 1.42 -10.20
CA PRO A 80 -9.33 0.68 -9.39
C PRO A 80 -8.55 1.60 -8.46
N LEU A 81 -7.94 1.00 -7.45
CA LEU A 81 -7.17 1.76 -6.49
C LEU A 81 -5.69 1.42 -6.64
N ARG A 82 -4.95 2.36 -7.22
CA ARG A 82 -3.53 2.17 -7.45
C ARG A 82 -2.76 2.47 -6.16
N LEU A 83 -1.95 1.50 -5.75
CA LEU A 83 -1.15 1.64 -4.55
C LEU A 83 0.29 1.23 -4.84
N GLN A 84 1.19 2.20 -4.70
CA GLN A 84 2.60 1.95 -4.95
C GLN A 84 3.27 1.41 -3.69
N LEU A 85 3.73 0.17 -3.79
CA LEU A 85 4.40 -0.48 -2.67
C LEU A 85 5.91 -0.45 -2.90
N ASP A 86 6.64 -0.29 -1.80
CA ASP A 86 8.09 -0.23 -1.86
C ASP A 86 8.66 -1.59 -1.48
N ARG A 87 9.05 -2.35 -2.51
CA ARG A 87 9.61 -3.67 -2.29
C ARG A 87 11.11 -3.66 -2.59
N SER A 88 11.89 -3.66 -1.51
CA SER A 88 13.34 -3.65 -1.64
C SER A 88 13.97 -4.48 -0.52
N SER A 89 13.95 -5.79 -0.71
CA SER A 89 14.51 -6.70 0.27
C SER A 89 15.02 -7.97 -0.43
N GLY A 90 15.69 -8.80 0.35
CA GLY A 90 16.23 -10.05 -0.17
C GLY A 90 15.90 -11.22 0.75
N PRO A 91 16.68 -12.32 0.60
CA PRO A 91 16.47 -13.51 1.40
C PRO A 91 16.99 -13.30 2.82
N SER A 92 16.87 -14.36 3.62
CA SER A 92 17.32 -14.31 5.00
C SER A 92 18.02 -15.62 5.37
N SER A 93 19.34 -15.61 5.27
CA SER A 93 20.12 -16.79 5.59
C SER A 93 19.69 -17.96 4.70
N GLY A 94 20.53 -19.00 4.71
CA GLY A 94 20.24 -20.18 3.92
C GLY A 94 18.88 -20.79 4.30
N GLY A 1 16.10 7.95 -22.92
CA GLY A 1 16.71 6.85 -22.18
C GLY A 1 15.66 6.07 -21.39
N SER A 2 16.14 5.09 -20.65
CA SER A 2 15.25 4.26 -19.85
C SER A 2 15.82 4.12 -18.42
N SER A 3 15.25 4.91 -17.53
CA SER A 3 15.67 4.88 -16.13
C SER A 3 14.57 4.29 -15.26
N GLY A 4 14.68 2.98 -15.03
CA GLY A 4 13.70 2.28 -14.22
C GLY A 4 14.00 2.46 -12.73
N SER A 5 13.28 1.70 -11.92
CA SER A 5 13.45 1.77 -10.48
C SER A 5 12.65 0.66 -9.80
N SER A 6 13.03 0.36 -8.57
CA SER A 6 12.35 -0.67 -7.80
C SER A 6 10.98 -0.17 -7.33
N GLY A 7 10.21 -1.09 -6.77
CA GLY A 7 8.89 -0.74 -6.28
C GLY A 7 7.80 -1.31 -7.19
N LEU A 8 6.82 -1.95 -6.56
CA LEU A 8 5.72 -2.55 -7.30
C LEU A 8 4.41 -1.85 -6.91
N THR A 9 3.44 -1.94 -7.80
CA THR A 9 2.14 -1.33 -7.55
C THR A 9 1.04 -2.39 -7.56
N VAL A 10 -0.08 -2.04 -6.94
CA VAL A 10 -1.21 -2.96 -6.87
C VAL A 10 -2.48 -2.23 -7.33
N ASP A 11 -3.42 -3.02 -7.82
CA ASP A 11 -4.68 -2.46 -8.30
C ASP A 11 -5.84 -3.26 -7.69
N VAL A 12 -6.38 -2.72 -6.61
CA VAL A 12 -7.49 -3.35 -5.92
C VAL A 12 -8.80 -3.02 -6.65
N ALA A 13 -9.51 -4.07 -7.05
CA ALA A 13 -10.76 -3.90 -7.75
C ALA A 13 -11.86 -3.55 -6.74
N GLY A 14 -12.41 -2.36 -6.91
CA GLY A 14 -13.47 -1.89 -6.02
C GLY A 14 -14.78 -2.61 -6.33
N PRO A 15 -15.89 -2.06 -5.74
CA PRO A 15 -15.77 -0.88 -4.89
C PRO A 15 -15.17 -1.24 -3.53
N ALA A 16 -15.36 -0.33 -2.59
CA ALA A 16 -14.85 -0.54 -1.24
C ALA A 16 -15.85 -1.38 -0.45
N PRO A 17 -15.37 -1.89 0.72
CA PRO A 17 -14.00 -1.63 1.15
C PRO A 17 -13.01 -2.46 0.34
N TRP A 18 -11.74 -2.25 0.63
CA TRP A 18 -10.68 -2.97 -0.05
C TRP A 18 -10.45 -4.29 0.69
N GLY A 19 -10.26 -4.18 1.99
CA GLY A 19 -10.02 -5.35 2.81
C GLY A 19 -8.58 -5.40 3.30
N PHE A 20 -8.02 -4.22 3.53
CA PHE A 20 -6.65 -4.12 3.99
C PHE A 20 -6.47 -2.95 4.95
N ARG A 21 -5.54 -3.12 5.87
CA ARG A 21 -5.27 -2.08 6.87
C ARG A 21 -3.88 -1.48 6.64
N ILE A 22 -3.52 -0.57 7.52
CA ILE A 22 -2.23 0.09 7.44
C ILE A 22 -1.73 0.43 8.84
N SER A 23 -0.45 0.76 8.91
CA SER A 23 0.16 1.10 10.19
C SER A 23 1.10 2.30 10.02
N GLY A 24 1.75 2.66 11.11
CA GLY A 24 2.67 3.78 11.10
C GLY A 24 2.01 5.03 10.51
N GLY A 25 2.74 5.70 9.63
CA GLY A 25 2.23 6.90 8.99
C GLY A 25 2.99 8.14 9.48
N ARG A 26 2.92 9.19 8.68
CA ARG A 26 3.59 10.42 9.02
C ARG A 26 3.37 10.77 10.50
N ASP A 27 2.15 10.53 10.95
CA ASP A 27 1.80 10.81 12.33
C ASP A 27 2.75 10.05 13.26
N PHE A 28 2.99 8.79 12.92
CA PHE A 28 3.88 7.96 13.70
C PHE A 28 5.33 8.09 13.21
N HIS A 29 5.53 9.03 12.31
CA HIS A 29 6.86 9.26 11.75
C HIS A 29 7.39 7.96 11.14
N THR A 30 6.48 7.23 10.53
CA THR A 30 6.85 5.97 9.90
C THR A 30 6.12 5.81 8.56
N PRO A 31 6.66 4.90 7.71
CA PRO A 31 6.08 4.64 6.41
C PRO A 31 4.79 3.82 6.54
N ILE A 32 3.83 4.16 5.68
CA ILE A 32 2.54 3.47 5.69
C ILE A 32 2.75 2.02 5.24
N ILE A 33 2.55 1.12 6.19
CA ILE A 33 2.71 -0.31 5.91
C ILE A 33 1.39 -1.02 6.19
N VAL A 34 1.13 -2.05 5.40
CA VAL A 34 -0.09 -2.82 5.54
C VAL A 34 0.08 -3.82 6.68
N THR A 35 -0.97 -3.97 7.46
CA THR A 35 -0.96 -4.90 8.59
C THR A 35 -1.92 -6.05 8.35
N LYS A 36 -3.11 -5.71 7.88
CA LYS A 36 -4.12 -6.71 7.61
C LYS A 36 -4.43 -6.72 6.11
N VAL A 37 -4.63 -7.92 5.58
CA VAL A 37 -4.93 -8.08 4.17
C VAL A 37 -5.95 -9.21 4.00
N THR A 38 -7.18 -8.82 3.72
CA THR A 38 -8.25 -9.78 3.52
C THR A 38 -7.80 -10.90 2.57
N GLU A 39 -7.95 -12.13 3.04
CA GLU A 39 -7.57 -13.29 2.25
C GLU A 39 -8.59 -13.52 1.13
N ARG A 40 -8.07 -14.00 0.01
CA ARG A 40 -8.93 -14.28 -1.14
C ARG A 40 -9.98 -13.18 -1.30
N GLY A 41 -9.61 -11.99 -0.85
CA GLY A 41 -10.52 -10.85 -0.94
C GLY A 41 -10.22 -10.00 -2.17
N LYS A 42 -10.33 -8.70 -2.00
CA LYS A 42 -10.07 -7.77 -3.10
C LYS A 42 -8.60 -7.37 -3.08
N ALA A 43 -8.12 -7.03 -1.89
CA ALA A 43 -6.73 -6.63 -1.73
C ALA A 43 -5.81 -7.79 -2.13
N GLU A 44 -5.79 -8.81 -1.28
CA GLU A 44 -4.96 -9.97 -1.54
C GLU A 44 -5.07 -10.39 -3.01
N ALA A 45 -6.31 -10.60 -3.44
CA ALA A 45 -6.56 -11.00 -4.81
C ALA A 45 -5.78 -10.08 -5.76
N ALA A 46 -5.82 -8.79 -5.44
CA ALA A 46 -5.13 -7.80 -6.25
C ALA A 46 -3.63 -8.08 -6.22
N ASP A 47 -3.09 -8.10 -5.00
CA ASP A 47 -1.66 -8.35 -4.82
C ASP A 47 -1.22 -7.78 -3.48
N LEU A 48 -1.96 -6.77 -3.03
CA LEU A 48 -1.65 -6.13 -1.76
C LEU A 48 -1.27 -7.21 -0.72
N ARG A 49 -0.59 -6.75 0.31
CA ARG A 49 -0.15 -7.66 1.37
C ARG A 49 0.35 -6.86 2.57
N PRO A 50 0.31 -7.53 3.76
CA PRO A 50 0.77 -6.90 4.99
C PRO A 50 2.29 -6.82 5.04
N GLY A 51 2.78 -5.64 5.40
CA GLY A 51 4.21 -5.42 5.48
C GLY A 51 4.71 -4.55 4.33
N ASP A 52 3.91 -4.51 3.27
CA ASP A 52 4.26 -3.73 2.10
C ASP A 52 4.24 -2.24 2.46
N ILE A 53 5.33 -1.58 2.13
CA ILE A 53 5.46 -0.15 2.41
C ILE A 53 4.73 0.64 1.33
N ILE A 54 3.62 1.25 1.73
CA ILE A 54 2.82 2.04 0.80
C ILE A 54 3.59 3.31 0.43
N VAL A 55 4.13 3.30 -0.78
CA VAL A 55 4.89 4.44 -1.28
C VAL A 55 3.93 5.60 -1.55
N ALA A 56 2.88 5.30 -2.30
CA ALA A 56 1.89 6.30 -2.64
C ALA A 56 0.49 5.69 -2.56
N ILE A 57 -0.50 6.55 -2.70
CA ILE A 57 -1.89 6.11 -2.64
C ILE A 57 -2.66 6.68 -3.84
N ASN A 58 -2.85 5.81 -4.83
CA ASN A 58 -3.56 6.21 -6.04
C ASN A 58 -2.66 7.11 -6.88
N GLY A 59 -1.42 7.23 -6.45
CA GLY A 59 -0.45 8.05 -7.16
C GLY A 59 0.08 9.17 -6.26
N GLN A 60 -0.60 9.36 -5.14
CA GLN A 60 -0.20 10.39 -4.19
C GLN A 60 0.77 9.82 -3.16
N SER A 61 1.93 10.45 -3.09
CA SER A 61 2.97 10.02 -2.16
C SER A 61 2.34 9.67 -0.81
N ALA A 62 2.95 8.69 -0.15
CA ALA A 62 2.46 8.24 1.14
C ALA A 62 3.58 8.39 2.18
N GLU A 63 4.73 8.85 1.70
CA GLU A 63 5.87 9.04 2.58
C GLU A 63 5.50 9.94 3.75
N ASN A 64 4.74 10.98 3.44
CA ASN A 64 4.31 11.92 4.45
C ASN A 64 2.78 11.89 4.55
N MET A 65 2.26 10.73 4.90
CA MET A 65 0.83 10.56 5.04
C MET A 65 0.46 10.12 6.46
N LEU A 66 -0.43 10.89 7.07
CA LEU A 66 -0.87 10.59 8.42
C LEU A 66 -1.76 9.35 8.40
N HIS A 67 -1.77 8.65 9.52
CA HIS A 67 -2.58 7.45 9.64
C HIS A 67 -4.03 7.77 9.28
N ALA A 68 -4.37 9.04 9.37
CA ALA A 68 -5.71 9.49 9.06
C ALA A 68 -5.77 9.91 7.59
N GLU A 69 -4.63 10.35 7.08
CA GLU A 69 -4.55 10.78 5.70
C GLU A 69 -4.71 9.58 4.76
N ALA A 70 -3.85 8.60 4.94
CA ALA A 70 -3.89 7.40 4.12
C ALA A 70 -5.23 6.68 4.34
N GLN A 71 -5.63 6.63 5.60
CA GLN A 71 -6.89 5.99 5.95
C GLN A 71 -8.05 6.61 5.19
N SER A 72 -8.03 7.94 5.14
CA SER A 72 -9.07 8.67 4.44
C SER A 72 -8.93 8.47 2.93
N LYS A 73 -7.77 8.86 2.42
CA LYS A 73 -7.49 8.73 1.00
C LYS A 73 -7.97 7.37 0.51
N ILE A 74 -7.43 6.33 1.13
CA ILE A 74 -7.79 4.97 0.77
C ILE A 74 -9.31 4.83 0.81
N ARG A 75 -9.92 5.53 1.75
CA ARG A 75 -11.37 5.49 1.89
C ARG A 75 -12.04 6.26 0.76
N GLN A 76 -11.48 7.42 0.45
CA GLN A 76 -12.01 8.26 -0.61
C GLN A 76 -11.30 7.96 -1.93
N SER A 77 -10.74 6.75 -2.00
CA SER A 77 -10.03 6.33 -3.19
C SER A 77 -11.01 5.65 -4.16
N ALA A 78 -10.90 6.03 -5.43
CA ALA A 78 -11.75 5.47 -6.46
C ALA A 78 -11.23 4.08 -6.85
N SER A 79 -11.98 3.43 -7.72
CA SER A 79 -11.60 2.11 -8.18
C SER A 79 -11.27 2.15 -9.68
N PRO A 80 -10.22 1.37 -10.06
CA PRO A 80 -9.49 0.58 -9.08
C PRO A 80 -8.58 1.45 -8.23
N LEU A 81 -8.17 0.90 -7.09
CA LEU A 81 -7.30 1.61 -6.17
C LEU A 81 -5.85 1.22 -6.44
N ARG A 82 -5.05 2.21 -6.83
CA ARG A 82 -3.65 1.97 -7.12
C ARG A 82 -2.79 2.26 -5.88
N LEU A 83 -2.14 1.22 -5.40
CA LEU A 83 -1.29 1.36 -4.22
C LEU A 83 0.15 0.99 -4.60
N GLN A 84 1.03 1.96 -4.45
CA GLN A 84 2.44 1.75 -4.76
C GLN A 84 3.16 1.17 -3.56
N LEU A 85 3.68 -0.05 -3.76
CA LEU A 85 4.40 -0.74 -2.70
C LEU A 85 5.89 -0.71 -3.00
N ASP A 86 6.67 -0.46 -1.96
CA ASP A 86 8.12 -0.40 -2.10
C ASP A 86 8.73 -1.73 -1.64
N ARG A 87 9.06 -2.56 -2.61
CA ARG A 87 9.65 -3.85 -2.32
C ARG A 87 11.14 -3.86 -2.70
N SER A 88 11.97 -3.81 -1.68
CA SER A 88 13.41 -3.80 -1.88
C SER A 88 14.08 -4.72 -0.85
N SER A 89 13.93 -6.02 -1.08
CA SER A 89 14.52 -7.01 -0.19
C SER A 89 15.18 -8.12 -1.01
N GLY A 90 14.34 -8.87 -1.70
CA GLY A 90 14.83 -9.97 -2.52
C GLY A 90 13.87 -11.16 -2.47
N PRO A 91 14.46 -12.39 -2.52
CA PRO A 91 13.68 -13.60 -2.48
C PRO A 91 13.14 -13.87 -1.08
N SER A 92 11.83 -13.69 -0.93
CA SER A 92 11.19 -13.91 0.36
C SER A 92 10.48 -15.26 0.36
N SER A 93 9.64 -15.46 -0.64
CA SER A 93 8.89 -16.69 -0.77
C SER A 93 9.58 -17.63 -1.76
N GLY A 94 9.12 -18.86 -1.79
CA GLY A 94 9.68 -19.86 -2.69
C GLY A 94 10.07 -21.13 -1.94
N GLY A 1 15.93 -11.48 -17.31
CA GLY A 1 15.80 -10.12 -17.82
C GLY A 1 16.86 -9.21 -17.22
N SER A 2 16.81 -7.95 -17.62
CA SER A 2 17.76 -6.96 -17.14
C SER A 2 17.16 -5.56 -17.24
N SER A 3 16.33 -5.23 -16.25
CA SER A 3 15.69 -3.93 -16.22
C SER A 3 15.60 -3.42 -14.78
N GLY A 4 16.03 -2.18 -14.59
CA GLY A 4 16.01 -1.57 -13.27
C GLY A 4 14.63 -1.00 -12.96
N SER A 5 14.10 -1.42 -11.81
CA SER A 5 12.79 -0.96 -11.39
C SER A 5 12.54 -1.35 -9.93
N SER A 6 12.23 -0.35 -9.12
CA SER A 6 11.97 -0.58 -7.71
C SER A 6 10.52 -0.22 -7.38
N GLY A 7 10.07 -0.72 -6.24
CA GLY A 7 8.71 -0.45 -5.80
C GLY A 7 7.69 -1.01 -6.79
N LEU A 8 6.74 -1.78 -6.26
CA LEU A 8 5.71 -2.37 -7.09
C LEU A 8 4.36 -1.70 -6.78
N THR A 9 3.46 -1.80 -7.74
CA THR A 9 2.14 -1.21 -7.59
C THR A 9 1.07 -2.30 -7.59
N VAL A 10 -0.09 -1.93 -7.06
CA VAL A 10 -1.20 -2.86 -6.99
C VAL A 10 -2.46 -2.20 -7.57
N ASP A 11 -3.40 -3.04 -7.97
CA ASP A 11 -4.64 -2.56 -8.54
C ASP A 11 -5.82 -3.28 -7.86
N VAL A 12 -6.40 -2.59 -6.89
CA VAL A 12 -7.53 -3.13 -6.16
C VAL A 12 -8.83 -2.81 -6.91
N ALA A 13 -9.84 -3.62 -6.65
CA ALA A 13 -11.13 -3.43 -7.29
C ALA A 13 -12.19 -3.14 -6.23
N GLY A 14 -12.60 -1.88 -6.16
CA GLY A 14 -13.60 -1.46 -5.20
C GLY A 14 -14.95 -2.11 -5.50
N PRO A 15 -16.01 -1.55 -4.86
CA PRO A 15 -15.83 -0.43 -3.96
C PRO A 15 -15.22 -0.87 -2.64
N ALA A 16 -15.33 0.00 -1.65
CA ALA A 16 -14.80 -0.29 -0.33
C ALA A 16 -15.83 -1.06 0.49
N PRO A 17 -15.36 -1.66 1.61
CA PRO A 17 -13.96 -1.56 1.99
C PRO A 17 -13.10 -2.46 1.09
N TRP A 18 -11.79 -2.26 1.20
CA TRP A 18 -10.85 -3.04 0.41
C TRP A 18 -10.68 -4.40 1.10
N GLY A 19 -10.33 -4.34 2.38
CA GLY A 19 -10.13 -5.55 3.15
C GLY A 19 -8.72 -5.58 3.75
N PHE A 20 -7.96 -4.55 3.46
CA PHE A 20 -6.60 -4.46 3.96
C PHE A 20 -6.44 -3.26 4.90
N ARG A 21 -5.59 -3.43 5.90
CA ARG A 21 -5.34 -2.38 6.86
C ARG A 21 -3.94 -1.79 6.67
N ILE A 22 -3.60 -0.86 7.55
CA ILE A 22 -2.30 -0.21 7.48
C ILE A 22 -1.87 0.19 8.89
N SER A 23 -0.66 0.72 8.98
CA SER A 23 -0.12 1.15 10.25
C SER A 23 0.89 2.29 10.03
N GLY A 24 1.44 2.77 11.14
CA GLY A 24 2.41 3.85 11.08
C GLY A 24 1.80 5.11 10.47
N GLY A 25 2.59 5.78 9.65
CA GLY A 25 2.13 6.99 8.99
C GLY A 25 2.90 8.21 9.50
N ARG A 26 2.83 9.29 8.74
CA ARG A 26 3.50 10.52 9.10
C ARG A 26 3.25 10.85 10.57
N ASP A 27 2.02 10.61 11.00
CA ASP A 27 1.63 10.87 12.37
C ASP A 27 2.57 10.12 13.31
N PHE A 28 2.69 8.82 13.07
CA PHE A 28 3.54 7.98 13.88
C PHE A 28 5.00 8.06 13.42
N HIS A 29 5.25 9.01 12.53
CA HIS A 29 6.59 9.20 11.99
C HIS A 29 7.10 7.90 11.39
N THR A 30 6.15 7.07 10.96
CA THR A 30 6.49 5.79 10.36
C THR A 30 5.82 5.64 9.00
N PRO A 31 6.39 4.74 8.17
CA PRO A 31 5.87 4.51 6.83
C PRO A 31 4.57 3.68 6.89
N ILE A 32 3.71 3.92 5.92
CA ILE A 32 2.44 3.22 5.85
C ILE A 32 2.70 1.76 5.48
N ILE A 33 2.51 0.88 6.45
CA ILE A 33 2.71 -0.53 6.24
C ILE A 33 1.39 -1.27 6.46
N VAL A 34 1.19 -2.32 5.67
CA VAL A 34 -0.02 -3.11 5.76
C VAL A 34 0.10 -4.08 6.93
N THR A 35 -0.90 -4.04 7.80
CA THR A 35 -0.91 -4.91 8.97
C THR A 35 -1.47 -6.29 8.60
N LYS A 36 -2.68 -6.26 8.06
CA LYS A 36 -3.35 -7.49 7.66
C LYS A 36 -4.32 -7.19 6.52
N VAL A 37 -4.53 -8.19 5.67
CA VAL A 37 -5.43 -8.04 4.55
C VAL A 37 -6.16 -9.37 4.31
N THR A 38 -7.47 -9.27 4.16
CA THR A 38 -8.29 -10.45 3.93
C THR A 38 -7.68 -11.31 2.82
N GLU A 39 -7.68 -12.61 3.06
CA GLU A 39 -7.13 -13.55 2.09
C GLU A 39 -8.15 -13.84 0.99
N ARG A 40 -7.64 -13.97 -0.22
CA ARG A 40 -8.50 -14.26 -1.36
C ARG A 40 -9.63 -13.23 -1.43
N GLY A 41 -9.40 -12.09 -0.81
CA GLY A 41 -10.39 -11.03 -0.79
C GLY A 41 -10.25 -10.12 -2.01
N LYS A 42 -10.39 -8.82 -1.75
CA LYS A 42 -10.27 -7.84 -2.82
C LYS A 42 -8.79 -7.47 -3.01
N ALA A 43 -8.21 -6.91 -1.96
CA ALA A 43 -6.82 -6.51 -1.98
C ALA A 43 -5.97 -7.68 -2.47
N GLU A 44 -5.93 -8.74 -1.67
CA GLU A 44 -5.17 -9.92 -2.01
C GLU A 44 -5.27 -10.20 -3.51
N ALA A 45 -6.49 -10.19 -4.00
CA ALA A 45 -6.73 -10.44 -5.42
C ALA A 45 -5.74 -9.61 -6.25
N ALA A 46 -5.74 -8.31 -6.01
CA ALA A 46 -4.85 -7.41 -6.72
C ALA A 46 -3.40 -7.90 -6.56
N ASP A 47 -2.78 -7.46 -5.48
CA ASP A 47 -1.41 -7.84 -5.20
C ASP A 47 -0.93 -7.10 -3.95
N LEU A 48 -1.82 -7.01 -2.97
CA LEU A 48 -1.51 -6.33 -1.72
C LEU A 48 -1.27 -7.39 -0.64
N ARG A 49 -0.42 -7.02 0.31
CA ARG A 49 -0.10 -7.93 1.41
C ARG A 49 0.38 -7.13 2.62
N PRO A 50 0.24 -7.76 3.82
CA PRO A 50 0.66 -7.12 5.06
C PRO A 50 2.18 -7.12 5.19
N GLY A 51 2.73 -5.93 5.38
CA GLY A 51 4.17 -5.79 5.52
C GLY A 51 4.74 -4.91 4.41
N ASP A 52 3.89 -4.60 3.44
CA ASP A 52 4.30 -3.78 2.32
C ASP A 52 4.25 -2.30 2.73
N ILE A 53 5.27 -1.57 2.30
CA ILE A 53 5.37 -0.16 2.61
C ILE A 53 4.73 0.66 1.48
N ILE A 54 3.69 1.39 1.84
CA ILE A 54 2.99 2.22 0.88
C ILE A 54 3.82 3.46 0.56
N VAL A 55 4.20 3.57 -0.70
CA VAL A 55 5.00 4.71 -1.14
C VAL A 55 4.07 5.84 -1.59
N ALA A 56 3.06 5.47 -2.36
CA ALA A 56 2.11 6.44 -2.86
C ALA A 56 0.70 5.85 -2.80
N ILE A 57 -0.28 6.70 -3.04
CA ILE A 57 -1.67 6.26 -3.03
C ILE A 57 -2.38 6.79 -4.27
N ASN A 58 -2.56 5.90 -5.23
CA ASN A 58 -3.21 6.26 -6.48
C ASN A 58 -2.28 7.13 -7.31
N GLY A 59 -1.04 7.22 -6.86
CA GLY A 59 -0.04 8.01 -7.55
C GLY A 59 0.41 9.20 -6.70
N GLN A 60 -0.32 9.41 -5.62
CA GLN A 60 0.00 10.50 -4.70
C GLN A 60 0.94 10.02 -3.60
N SER A 61 2.10 10.65 -3.53
CA SER A 61 3.09 10.29 -2.54
C SER A 61 2.41 10.01 -1.20
N ALA A 62 2.88 8.97 -0.53
CA ALA A 62 2.33 8.58 0.75
C ALA A 62 3.46 8.50 1.78
N GLU A 63 4.57 9.14 1.45
CA GLU A 63 5.72 9.14 2.33
C GLU A 63 5.37 9.82 3.67
N ASN A 64 4.81 11.01 3.56
CA ASN A 64 4.42 11.76 4.74
C ASN A 64 2.90 11.79 4.85
N MET A 65 2.31 10.60 4.74
CA MET A 65 0.86 10.47 4.83
C MET A 65 0.44 10.01 6.23
N LEU A 66 -0.41 10.84 6.85
CA LEU A 66 -0.90 10.53 8.18
C LEU A 66 -1.76 9.26 8.12
N HIS A 67 -1.81 8.57 9.24
CA HIS A 67 -2.59 7.35 9.34
C HIS A 67 -4.04 7.64 8.91
N ALA A 68 -4.41 8.90 9.00
CA ALA A 68 -5.75 9.31 8.63
C ALA A 68 -5.76 9.75 7.16
N GLU A 69 -4.59 10.19 6.70
CA GLU A 69 -4.46 10.63 5.32
C GLU A 69 -4.56 9.44 4.37
N ALA A 70 -3.66 8.49 4.56
CA ALA A 70 -3.64 7.30 3.72
C ALA A 70 -4.97 6.55 3.87
N GLN A 71 -5.53 6.65 5.07
CA GLN A 71 -6.79 5.99 5.36
C GLN A 71 -7.93 6.67 4.60
N SER A 72 -7.92 7.99 4.66
CA SER A 72 -8.95 8.77 3.98
C SER A 72 -8.77 8.68 2.47
N LYS A 73 -7.52 8.82 2.05
CA LYS A 73 -7.19 8.76 0.64
C LYS A 73 -7.62 7.40 0.07
N ILE A 74 -7.14 6.36 0.73
CA ILE A 74 -7.46 5.01 0.31
C ILE A 74 -8.98 4.85 0.23
N ARG A 75 -9.65 5.26 1.30
CA ARG A 75 -11.10 5.16 1.35
C ARG A 75 -11.73 6.01 0.25
N GLN A 76 -11.27 7.26 0.17
CA GLN A 76 -11.77 8.17 -0.84
C GLN A 76 -11.26 7.78 -2.22
N SER A 77 -10.37 6.80 -2.23
CA SER A 77 -9.80 6.32 -3.49
C SER A 77 -10.85 5.54 -4.27
N ALA A 78 -11.11 6.00 -5.48
CA ALA A 78 -12.09 5.35 -6.33
C ALA A 78 -11.52 4.03 -6.84
N SER A 79 -12.36 3.28 -7.53
CA SER A 79 -11.95 1.99 -8.07
C SER A 79 -11.66 2.13 -9.58
N PRO A 80 -10.57 1.44 -10.01
CA PRO A 80 -9.78 0.64 -9.09
C PRO A 80 -8.90 1.54 -8.21
N LEU A 81 -8.44 0.96 -7.11
CA LEU A 81 -7.59 1.69 -6.18
C LEU A 81 -6.15 1.19 -6.30
N ARG A 82 -5.29 2.08 -6.77
CA ARG A 82 -3.89 1.74 -6.94
C ARG A 82 -3.09 2.12 -5.69
N LEU A 83 -2.11 1.30 -5.37
CA LEU A 83 -1.27 1.54 -4.21
C LEU A 83 0.17 1.15 -4.54
N GLN A 84 1.06 2.13 -4.49
CA GLN A 84 2.46 1.91 -4.77
C GLN A 84 3.18 1.43 -3.51
N LEU A 85 3.66 0.19 -3.57
CA LEU A 85 4.37 -0.38 -2.44
C LEU A 85 5.87 -0.37 -2.73
N ASP A 86 6.65 -0.31 -1.66
CA ASP A 86 8.10 -0.29 -1.79
C ASP A 86 8.66 -1.66 -1.40
N ARG A 87 8.99 -2.44 -2.42
CA ARG A 87 9.54 -3.77 -2.20
C ARG A 87 11.01 -3.81 -2.59
N SER A 88 11.86 -3.72 -1.59
CA SER A 88 13.30 -3.74 -1.82
C SER A 88 13.96 -4.77 -0.89
N SER A 89 14.50 -5.82 -1.50
CA SER A 89 15.15 -6.87 -0.74
C SER A 89 16.62 -6.98 -1.17
N GLY A 90 17.40 -7.63 -0.33
CA GLY A 90 18.82 -7.81 -0.60
C GLY A 90 19.13 -9.28 -0.89
N PRO A 91 20.26 -9.50 -1.62
CA PRO A 91 20.69 -10.85 -1.96
C PRO A 91 21.30 -11.56 -0.75
N SER A 92 20.65 -12.63 -0.34
CA SER A 92 21.11 -13.40 0.80
C SER A 92 21.50 -12.46 1.95
N SER A 93 20.53 -12.24 2.83
CA SER A 93 20.75 -11.37 3.98
C SER A 93 21.30 -12.18 5.16
N GLY A 94 22.06 -11.50 5.99
CA GLY A 94 22.64 -12.13 7.17
C GLY A 94 23.90 -12.90 6.79
N GLY A 1 24.40 7.89 -15.79
CA GLY A 1 23.75 7.34 -14.62
C GLY A 1 22.65 6.36 -15.01
N SER A 2 22.90 5.09 -14.70
CA SER A 2 21.94 4.05 -15.01
C SER A 2 20.72 4.16 -14.10
N SER A 3 19.59 3.70 -14.61
CA SER A 3 18.35 3.76 -13.85
C SER A 3 18.15 2.45 -13.10
N GLY A 4 17.43 2.54 -11.98
CA GLY A 4 17.16 1.37 -11.16
C GLY A 4 15.81 1.51 -10.46
N SER A 5 15.85 2.10 -9.28
CA SER A 5 14.64 2.29 -8.50
C SER A 5 14.00 0.94 -8.18
N SER A 6 13.15 0.95 -7.17
CA SER A 6 12.47 -0.27 -6.75
C SER A 6 11.11 0.08 -6.13
N GLY A 7 10.13 -0.77 -6.42
CA GLY A 7 8.79 -0.57 -5.89
C GLY A 7 7.74 -1.14 -6.84
N LEU A 8 6.87 -1.96 -6.27
CA LEU A 8 5.81 -2.59 -7.05
C LEU A 8 4.49 -1.86 -6.79
N THR A 9 3.57 -2.00 -7.74
CA THR A 9 2.27 -1.36 -7.61
C THR A 9 1.17 -2.43 -7.52
N VAL A 10 0.02 -2.00 -7.02
CA VAL A 10 -1.11 -2.90 -6.87
C VAL A 10 -2.34 -2.28 -7.56
N ASP A 11 -3.26 -3.16 -7.95
CA ASP A 11 -4.47 -2.73 -8.61
C ASP A 11 -5.67 -3.38 -7.94
N VAL A 12 -6.26 -2.64 -7.00
CA VAL A 12 -7.42 -3.13 -6.28
C VAL A 12 -8.68 -2.80 -7.08
N ALA A 13 -9.66 -3.68 -6.95
CA ALA A 13 -10.92 -3.50 -7.65
C ALA A 13 -12.05 -3.31 -6.64
N GLY A 14 -12.54 -2.09 -6.58
CA GLY A 14 -13.62 -1.76 -5.65
C GLY A 14 -14.85 -2.61 -5.90
N PRO A 15 -15.99 -2.20 -5.28
CA PRO A 15 -15.98 -1.03 -4.43
C PRO A 15 -15.30 -1.32 -3.09
N ALA A 16 -15.53 -0.43 -2.13
CA ALA A 16 -14.94 -0.58 -0.81
C ALA A 16 -15.90 -1.36 0.08
N PRO A 17 -15.37 -1.86 1.22
CA PRO A 17 -13.96 -1.64 1.54
C PRO A 17 -13.05 -2.52 0.68
N TRP A 18 -11.75 -2.35 0.89
CA TRP A 18 -10.78 -3.12 0.14
C TRP A 18 -10.56 -4.44 0.88
N GLY A 19 -10.30 -4.32 2.18
CA GLY A 19 -10.06 -5.49 3.00
C GLY A 19 -8.61 -5.53 3.50
N PHE A 20 -8.05 -4.35 3.70
CA PHE A 20 -6.69 -4.23 4.17
C PHE A 20 -6.53 -3.04 5.12
N ARG A 21 -5.58 -3.17 6.04
CA ARG A 21 -5.32 -2.12 7.00
C ARG A 21 -3.94 -1.52 6.77
N ILE A 22 -3.58 -0.59 7.64
CA ILE A 22 -2.29 0.07 7.54
C ILE A 22 -1.76 0.37 8.94
N SER A 23 -0.50 0.78 9.00
CA SER A 23 0.14 1.08 10.27
C SER A 23 1.05 2.31 10.11
N GLY A 24 1.71 2.65 11.20
CA GLY A 24 2.61 3.79 11.19
C GLY A 24 1.94 5.03 10.59
N GLY A 25 2.67 5.68 9.71
CA GLY A 25 2.16 6.87 9.05
C GLY A 25 2.98 8.10 9.42
N ARG A 26 2.95 9.10 8.55
CA ARG A 26 3.69 10.33 8.77
C ARG A 26 3.48 10.82 10.21
N ASP A 27 2.27 10.57 10.70
CA ASP A 27 1.92 10.97 12.06
C ASP A 27 2.91 10.37 13.05
N PHE A 28 3.13 9.07 12.89
CA PHE A 28 4.06 8.35 13.76
C PHE A 28 5.48 8.41 13.21
N HIS A 29 5.67 9.27 12.21
CA HIS A 29 6.97 9.43 11.60
C HIS A 29 7.43 8.08 11.02
N THR A 30 6.46 7.31 10.55
CA THR A 30 6.76 6.01 9.98
C THR A 30 6.02 5.83 8.66
N PRO A 31 6.54 4.88 7.84
CA PRO A 31 5.95 4.60 6.54
C PRO A 31 4.64 3.81 6.69
N ILE A 32 3.74 4.05 5.75
CA ILE A 32 2.45 3.37 5.77
C ILE A 32 2.63 1.92 5.33
N ILE A 33 2.47 1.02 6.30
CA ILE A 33 2.62 -0.40 6.03
C ILE A 33 1.29 -1.11 6.31
N VAL A 34 0.99 -2.10 5.49
CA VAL A 34 -0.23 -2.86 5.63
C VAL A 34 -0.09 -3.82 6.82
N THR A 35 -1.16 -3.90 7.60
CA THR A 35 -1.17 -4.77 8.76
C THR A 35 -2.01 -6.02 8.49
N LYS A 36 -3.21 -5.79 7.94
CA LYS A 36 -4.10 -6.89 7.62
C LYS A 36 -4.43 -6.85 6.13
N VAL A 37 -4.63 -8.04 5.58
CA VAL A 37 -4.95 -8.16 4.16
C VAL A 37 -5.94 -9.31 3.97
N THR A 38 -7.16 -8.94 3.61
CA THR A 38 -8.21 -9.92 3.39
C THR A 38 -7.75 -10.97 2.37
N GLU A 39 -7.87 -12.23 2.75
CA GLU A 39 -7.48 -13.33 1.89
C GLU A 39 -8.49 -13.50 0.75
N ARG A 40 -7.97 -13.81 -0.42
CA ARG A 40 -8.81 -14.00 -1.59
C ARG A 40 -9.91 -12.92 -1.64
N GLY A 41 -9.53 -11.73 -1.19
CA GLY A 41 -10.46 -10.61 -1.19
C GLY A 41 -10.19 -9.67 -2.36
N LYS A 42 -10.26 -8.38 -2.06
CA LYS A 42 -10.03 -7.37 -3.07
C LYS A 42 -8.53 -7.06 -3.14
N ALA A 43 -7.98 -6.72 -1.99
CA ALA A 43 -6.56 -6.41 -1.90
C ALA A 43 -5.74 -7.59 -2.42
N GLU A 44 -5.75 -8.66 -1.65
CA GLU A 44 -5.02 -9.87 -2.02
C GLU A 44 -5.22 -10.17 -3.51
N ALA A 45 -6.48 -10.13 -3.92
CA ALA A 45 -6.82 -10.39 -5.31
C ALA A 45 -5.89 -9.60 -6.22
N ALA A 46 -5.68 -8.34 -5.86
CA ALA A 46 -4.81 -7.47 -6.64
C ALA A 46 -3.36 -7.92 -6.45
N ASP A 47 -2.74 -7.39 -5.40
CA ASP A 47 -1.36 -7.72 -5.10
C ASP A 47 -0.94 -7.02 -3.81
N LEU A 48 -1.88 -6.95 -2.87
CA LEU A 48 -1.61 -6.31 -1.60
C LEU A 48 -1.17 -7.37 -0.58
N ARG A 49 -0.59 -6.89 0.51
CA ARG A 49 -0.12 -7.77 1.56
C ARG A 49 0.36 -6.96 2.77
N PRO A 50 0.33 -7.62 3.96
CA PRO A 50 0.76 -6.97 5.19
C PRO A 50 2.29 -6.88 5.24
N GLY A 51 2.77 -5.67 5.54
CA GLY A 51 4.19 -5.43 5.62
C GLY A 51 4.68 -4.59 4.44
N ASP A 52 3.87 -4.56 3.39
CA ASP A 52 4.20 -3.80 2.21
C ASP A 52 4.18 -2.30 2.54
N ILE A 53 5.29 -1.64 2.25
CA ILE A 53 5.40 -0.22 2.51
C ILE A 53 4.69 0.56 1.40
N ILE A 54 3.58 1.18 1.77
CA ILE A 54 2.81 1.95 0.82
C ILE A 54 3.55 3.25 0.49
N VAL A 55 4.14 3.28 -0.70
CA VAL A 55 4.89 4.44 -1.14
C VAL A 55 3.90 5.54 -1.55
N ALA A 56 2.92 5.14 -2.35
CA ALA A 56 1.92 6.09 -2.81
C ALA A 56 0.52 5.46 -2.65
N ILE A 57 -0.49 6.32 -2.76
CA ILE A 57 -1.86 5.87 -2.62
C ILE A 57 -2.68 6.37 -3.83
N ASN A 58 -2.89 5.46 -4.76
CA ASN A 58 -3.65 5.79 -5.96
C ASN A 58 -2.80 6.69 -6.87
N GLY A 59 -1.55 6.87 -6.46
CA GLY A 59 -0.62 7.70 -7.22
C GLY A 59 -0.12 8.87 -6.38
N GLN A 60 -0.79 9.10 -5.26
CA GLN A 60 -0.42 10.17 -4.37
C GLN A 60 0.57 9.67 -3.31
N SER A 61 1.75 10.29 -3.32
CA SER A 61 2.80 9.93 -2.38
C SER A 61 2.19 9.66 -1.00
N ALA A 62 2.72 8.65 -0.34
CA ALA A 62 2.24 8.28 0.99
C ALA A 62 3.41 8.32 1.98
N GLU A 63 4.52 8.88 1.51
CA GLU A 63 5.71 9.00 2.33
C GLU A 63 5.42 9.85 3.57
N ASN A 64 4.71 10.95 3.34
CA ASN A 64 4.36 11.86 4.41
C ASN A 64 2.84 11.87 4.59
N MET A 65 2.28 10.68 4.76
CA MET A 65 0.85 10.54 4.94
C MET A 65 0.51 10.14 6.37
N LEU A 66 -0.36 10.94 6.98
CA LEU A 66 -0.78 10.69 8.36
C LEU A 66 -1.70 9.46 8.38
N HIS A 67 -1.66 8.76 9.51
CA HIS A 67 -2.48 7.58 9.68
C HIS A 67 -3.94 7.92 9.37
N ALA A 68 -4.25 9.21 9.47
CA ALA A 68 -5.59 9.68 9.21
C ALA A 68 -5.72 10.07 7.74
N GLU A 69 -4.58 10.43 7.16
CA GLU A 69 -4.56 10.85 5.76
C GLU A 69 -4.81 9.64 4.86
N ALA A 70 -3.93 8.65 4.99
CA ALA A 70 -4.05 7.44 4.19
C ALA A 70 -5.38 6.75 4.50
N GLN A 71 -5.68 6.66 5.78
CA GLN A 71 -6.92 6.03 6.23
C GLN A 71 -8.09 6.55 5.40
N SER A 72 -8.16 7.87 5.29
CA SER A 72 -9.24 8.51 4.54
C SER A 72 -8.97 8.37 3.04
N LYS A 73 -7.78 8.81 2.63
CA LYS A 73 -7.40 8.74 1.23
C LYS A 73 -7.88 7.41 0.64
N ILE A 74 -7.32 6.33 1.15
CA ILE A 74 -7.69 5.00 0.68
C ILE A 74 -9.21 4.95 0.45
N ARG A 75 -9.94 5.28 1.50
CA ARG A 75 -11.39 5.28 1.42
C ARG A 75 -11.86 6.17 0.26
N GLN A 76 -11.35 7.39 0.25
CA GLN A 76 -11.71 8.34 -0.79
C GLN A 76 -11.16 7.89 -2.15
N SER A 77 -10.33 6.84 -2.10
CA SER A 77 -9.75 6.31 -3.30
C SER A 77 -10.81 5.54 -4.11
N ALA A 78 -10.86 5.85 -5.39
CA ALA A 78 -11.82 5.20 -6.28
C ALA A 78 -11.24 3.86 -6.75
N SER A 79 -12.03 3.19 -7.58
CA SER A 79 -11.61 1.89 -8.11
C SER A 79 -11.28 2.03 -9.60
N PRO A 80 -10.17 1.35 -10.00
CA PRO A 80 -9.40 0.55 -9.06
C PRO A 80 -8.55 1.45 -8.16
N LEU A 81 -8.12 0.88 -7.04
CA LEU A 81 -7.30 1.62 -6.10
C LEU A 81 -5.84 1.19 -6.25
N ARG A 82 -5.07 2.03 -6.93
CA ARG A 82 -3.66 1.75 -7.15
C ARG A 82 -2.87 2.00 -5.86
N LEU A 83 -2.00 1.05 -5.56
CA LEU A 83 -1.17 1.14 -4.36
C LEU A 83 0.28 0.84 -4.73
N GLN A 84 1.12 1.84 -4.56
CA GLN A 84 2.54 1.71 -4.87
C GLN A 84 3.30 1.22 -3.64
N LEU A 85 3.63 -0.06 -3.65
CA LEU A 85 4.36 -0.67 -2.54
C LEU A 85 5.85 -0.61 -2.84
N ASP A 86 6.62 -0.42 -1.78
CA ASP A 86 8.07 -0.35 -1.91
C ASP A 86 8.69 -1.68 -1.47
N ARG A 87 9.03 -2.49 -2.46
CA ARG A 87 9.62 -3.79 -2.19
C ARG A 87 11.10 -3.80 -2.61
N SER A 88 11.95 -3.69 -1.60
CA SER A 88 13.39 -3.68 -1.84
C SER A 88 14.10 -4.54 -0.79
N SER A 89 14.10 -5.84 -1.03
CA SER A 89 14.75 -6.78 -0.13
C SER A 89 15.68 -7.70 -0.90
N GLY A 90 16.43 -8.49 -0.15
CA GLY A 90 17.37 -9.42 -0.75
C GLY A 90 16.90 -10.86 -0.57
N PRO A 91 17.55 -11.77 -1.34
CA PRO A 91 17.20 -13.19 -1.28
C PRO A 91 17.75 -13.83 0.00
N SER A 92 17.56 -15.13 0.10
CA SER A 92 18.03 -15.88 1.25
C SER A 92 19.48 -16.31 1.05
N SER A 93 20.09 -16.76 2.14
CA SER A 93 21.47 -17.20 2.10
C SER A 93 21.53 -18.72 2.18
N GLY A 94 22.14 -19.31 1.17
CA GLY A 94 22.28 -20.76 1.10
C GLY A 94 20.91 -21.44 1.00
#